data_2JUB
#
_entry.id   2JUB
#
_entity_poly.entity_id   1
_entity_poly.type   'polypeptide(L)'
_entity_poly.pdbx_seq_one_letter_code
;ATLTSEVIKANKGREGKPMISLVDGEEIKGTVYLGDGWSAKKDGATIVISPAEETALFKAKHISAAHLKIIAKNLL
;
_entity_poly.pdbx_strand_id   A
#
# COMPACT_ATOMS: atom_id res chain seq x y z
N ALA A 1 12.40 12.86 3.78
CA ALA A 1 10.93 12.91 3.55
C ALA A 1 10.23 12.13 4.66
N THR A 2 9.01 12.51 4.97
CA THR A 2 8.23 11.81 6.05
C THR A 2 7.10 11.01 5.40
N LEU A 3 7.00 11.07 4.10
CA LEU A 3 5.91 10.32 3.41
C LEU A 3 6.08 8.84 3.71
N THR A 4 7.27 8.34 3.53
CA THR A 4 7.50 6.89 3.75
C THR A 4 7.19 6.54 5.21
N SER A 5 7.72 7.26 6.16
CA SER A 5 7.43 6.92 7.59
C SER A 5 5.96 7.19 7.94
N GLU A 6 5.47 8.35 7.61
CA GLU A 6 4.06 8.71 7.95
C GLU A 6 3.02 7.77 7.32
N VAL A 7 3.10 7.51 6.04
CA VAL A 7 2.05 6.65 5.38
C VAL A 7 2.14 5.19 5.86
N ILE A 8 3.31 4.62 5.91
CA ILE A 8 3.40 3.20 6.35
C ILE A 8 2.83 3.08 7.77
N LYS A 9 3.16 4.00 8.64
CA LYS A 9 2.63 3.91 10.02
C LYS A 9 1.09 3.89 10.00
N ALA A 10 0.48 4.66 9.14
CA ALA A 10 -1.02 4.64 9.10
C ALA A 10 -1.50 3.20 8.98
N ASN A 11 -1.04 2.48 7.99
CA ASN A 11 -1.48 1.05 7.82
C ASN A 11 -0.29 0.20 7.39
N LYS A 12 -0.18 -0.98 7.92
CA LYS A 12 0.95 -1.87 7.52
C LYS A 12 0.55 -3.35 7.67
N GLY A 13 0.29 -4.01 6.56
CA GLY A 13 -0.09 -5.46 6.62
C GLY A 13 -1.53 -5.63 7.12
N ARG A 14 -2.33 -4.61 7.09
CA ARG A 14 -3.75 -4.75 7.57
C ARG A 14 -4.68 -5.06 6.38
N GLU A 15 -4.58 -6.24 5.81
CA GLU A 15 -5.47 -6.62 4.66
C GLU A 15 -5.75 -5.43 3.74
N GLY A 16 -4.80 -5.04 2.94
CA GLY A 16 -4.98 -3.88 2.01
C GLY A 16 -6.41 -3.81 1.48
N LYS A 17 -7.20 -2.93 2.03
CA LYS A 17 -8.61 -2.77 1.57
C LYS A 17 -9.12 -1.41 2.08
N PRO A 18 -8.89 -1.10 3.34
CA PRO A 18 -9.30 0.19 3.94
C PRO A 18 -8.11 1.14 4.02
N MET A 19 -8.23 2.34 3.54
CA MET A 19 -7.06 3.29 3.57
C MET A 19 -7.47 4.60 4.24
N ILE A 20 -6.71 5.03 5.21
CA ILE A 20 -7.04 6.31 5.92
C ILE A 20 -6.01 7.37 5.55
N SER A 21 -6.45 8.53 5.16
CA SER A 21 -5.52 9.63 4.81
C SER A 21 -5.32 10.48 6.05
N LEU A 22 -4.20 10.32 6.70
CA LEU A 22 -3.94 11.11 7.94
C LEU A 22 -3.85 12.59 7.55
N VAL A 23 -3.86 12.86 6.28
CA VAL A 23 -3.78 14.27 5.82
C VAL A 23 -4.95 15.04 6.44
N ASP A 24 -6.10 14.43 6.42
CA ASP A 24 -7.33 15.06 7.01
C ASP A 24 -8.05 14.02 7.86
N GLY A 25 -7.39 12.93 8.15
CA GLY A 25 -8.01 11.85 8.97
C GLY A 25 -9.39 11.52 8.42
N GLU A 26 -9.48 10.61 7.49
CA GLU A 26 -10.81 10.24 6.92
C GLU A 26 -10.77 8.78 6.45
N GLU A 27 -11.87 8.09 6.57
CA GLU A 27 -11.93 6.67 6.13
C GLU A 27 -12.23 6.61 4.64
N ILE A 28 -11.42 5.93 3.89
CA ILE A 28 -11.64 5.82 2.41
C ILE A 28 -11.73 4.35 2.02
N LYS A 29 -12.81 3.69 2.35
CA LYS A 29 -12.90 2.25 1.99
C LYS A 29 -13.04 2.10 0.48
N GLY A 30 -12.01 1.61 -0.16
CA GLY A 30 -12.02 1.44 -1.64
C GLY A 30 -10.72 2.01 -2.20
N THR A 31 -9.71 2.11 -1.38
CA THR A 31 -8.39 2.65 -1.84
C THR A 31 -7.29 1.83 -1.17
N VAL A 32 -6.18 1.66 -1.84
CA VAL A 32 -5.07 0.85 -1.25
C VAL A 32 -3.74 1.58 -1.50
N TYR A 33 -3.23 2.25 -0.50
CA TYR A 33 -1.95 3.00 -0.66
C TYR A 33 -2.05 3.91 -1.90
N LEU A 34 -3.24 4.34 -2.24
CA LEU A 34 -3.44 5.21 -3.43
C LEU A 34 -3.37 6.67 -3.01
N GLY A 35 -2.74 7.51 -3.79
CA GLY A 35 -2.65 8.94 -3.43
C GLY A 35 -1.50 9.15 -2.46
N ASP A 36 -0.59 8.21 -2.41
CA ASP A 36 0.58 8.32 -1.48
C ASP A 36 1.87 8.12 -2.29
N GLY A 37 1.97 7.03 -2.99
CA GLY A 37 3.20 6.78 -3.79
C GLY A 37 3.30 5.27 -4.09
N TRP A 38 2.19 4.61 -4.24
CA TRP A 38 2.22 3.15 -4.51
C TRP A 38 3.19 2.85 -5.65
N SER A 39 3.96 1.80 -5.52
CA SER A 39 4.91 1.43 -6.60
C SER A 39 5.10 -0.09 -6.55
N ALA A 40 5.08 -0.77 -7.67
CA ALA A 40 5.24 -2.24 -7.62
C ALA A 40 5.68 -2.76 -8.97
N LYS A 41 5.90 -4.04 -9.06
CA LYS A 41 6.29 -4.68 -10.35
C LYS A 41 5.75 -6.10 -10.31
N LYS A 42 5.63 -6.76 -11.44
CA LYS A 42 5.10 -8.16 -11.44
C LYS A 42 6.25 -9.16 -11.55
N ASP A 43 6.44 -9.99 -10.55
CA ASP A 43 7.56 -10.99 -10.61
C ASP A 43 7.02 -12.32 -11.16
N GLY A 44 5.72 -12.46 -11.23
CA GLY A 44 5.12 -13.73 -11.78
C GLY A 44 4.81 -14.71 -10.64
N ALA A 45 3.57 -14.75 -10.22
CA ALA A 45 3.13 -15.67 -9.10
C ALA A 45 3.39 -15.01 -7.74
N THR A 46 3.89 -13.81 -7.75
CA THR A 46 4.15 -13.09 -6.46
C THR A 46 4.44 -11.62 -6.80
N ILE A 47 3.61 -10.72 -6.33
CA ILE A 47 3.83 -9.28 -6.64
C ILE A 47 4.71 -8.63 -5.57
N VAL A 48 5.59 -7.74 -5.98
CA VAL A 48 6.44 -6.99 -5.00
C VAL A 48 5.94 -5.56 -4.98
N ILE A 49 5.60 -5.04 -3.83
CA ILE A 49 5.05 -3.65 -3.77
C ILE A 49 5.48 -2.97 -2.47
N SER A 50 5.74 -1.68 -2.53
CA SER A 50 6.09 -0.93 -1.32
C SER A 50 4.88 -0.02 -1.08
N PRO A 51 4.25 -0.06 0.07
CA PRO A 51 3.05 0.78 0.35
C PRO A 51 3.17 2.16 -0.29
N ALA A 52 3.93 3.05 0.29
CA ALA A 52 4.09 4.41 -0.31
C ALA A 52 5.43 4.50 -1.04
N GLU A 53 6.49 4.06 -0.41
CA GLU A 53 7.85 4.15 -1.05
C GLU A 53 8.81 3.18 -0.33
N GLU A 54 10.09 3.34 -0.57
CA GLU A 54 11.12 2.48 0.08
C GLU A 54 12.49 3.10 -0.16
N THR A 55 13.16 3.55 0.88
CA THR A 55 14.50 4.21 0.70
C THR A 55 15.58 3.49 1.51
N ALA A 56 15.60 2.20 1.48
CA ALA A 56 16.67 1.47 2.24
C ALA A 56 16.45 1.63 3.76
N LEU A 57 15.67 2.60 4.16
CA LEU A 57 15.41 2.81 5.61
C LEU A 57 14.12 2.07 5.95
N PHE A 58 13.53 1.45 4.95
CA PHE A 58 12.26 0.71 5.15
C PHE A 58 12.37 -0.65 4.45
N LYS A 59 11.26 -1.26 4.09
CA LYS A 59 11.33 -2.59 3.43
C LYS A 59 10.18 -2.80 2.46
N ALA A 60 10.31 -3.77 1.59
CA ALA A 60 9.25 -4.08 0.61
C ALA A 60 8.10 -4.81 1.30
N LYS A 61 7.04 -5.07 0.59
CA LYS A 61 5.88 -5.81 1.17
C LYS A 61 5.46 -6.89 0.17
N HIS A 62 5.25 -8.08 0.62
CA HIS A 62 4.87 -9.17 -0.32
C HIS A 62 3.38 -9.12 -0.62
N ILE A 63 2.98 -9.79 -1.65
CA ILE A 63 1.54 -9.86 -2.00
C ILE A 63 1.31 -11.14 -2.80
N SER A 64 0.48 -12.02 -2.31
CA SER A 64 0.23 -13.26 -3.09
C SER A 64 -0.45 -12.85 -4.38
N ALA A 65 -0.28 -13.58 -5.44
CA ALA A 65 -0.96 -13.20 -6.70
C ALA A 65 -2.46 -13.03 -6.41
N ALA A 66 -3.04 -13.94 -5.70
CA ALA A 66 -4.50 -13.82 -5.39
C ALA A 66 -4.75 -12.49 -4.66
N HIS A 67 -3.88 -12.12 -3.76
CA HIS A 67 -4.06 -10.84 -3.02
C HIS A 67 -4.06 -9.69 -4.02
N LEU A 68 -3.29 -9.79 -5.06
CA LEU A 68 -3.25 -8.71 -6.09
C LEU A 68 -4.67 -8.53 -6.64
N LYS A 69 -5.39 -9.61 -6.73
CA LYS A 69 -6.79 -9.54 -7.24
C LYS A 69 -7.61 -8.62 -6.32
N ILE A 70 -7.40 -8.74 -5.03
CA ILE A 70 -8.14 -7.88 -4.07
C ILE A 70 -7.85 -6.40 -4.33
N ILE A 71 -6.64 -6.06 -4.64
CA ILE A 71 -6.35 -4.62 -4.84
C ILE A 71 -7.23 -4.06 -5.97
N ALA A 72 -7.32 -4.74 -7.08
CA ALA A 72 -8.18 -4.22 -8.19
C ALA A 72 -9.61 -4.03 -7.68
N LYS A 73 -10.11 -4.91 -6.86
CA LYS A 73 -11.51 -4.74 -6.35
C LYS A 73 -11.61 -3.44 -5.53
N ASN A 74 -10.60 -3.17 -4.74
CA ASN A 74 -10.62 -1.97 -3.86
C ASN A 74 -10.76 -0.68 -4.67
N LEU A 75 -9.94 -0.46 -5.66
CA LEU A 75 -10.05 0.80 -6.46
C LEU A 75 -11.38 0.83 -7.20
N LEU A 76 -11.75 -0.23 -7.85
CA LEU A 76 -13.05 -0.26 -8.60
C LEU A 76 -13.80 -1.56 -8.28
N ALA A 1 12.02 12.83 5.71
CA ALA A 1 10.96 11.86 5.31
C ALA A 1 9.58 12.49 5.53
N THR A 2 8.55 11.75 5.30
CA THR A 2 7.17 12.28 5.48
C THR A 2 6.17 11.31 4.86
N LEU A 3 6.09 11.30 3.57
CA LEU A 3 5.14 10.39 2.90
C LEU A 3 5.51 8.94 3.27
N THR A 4 6.76 8.63 3.21
CA THR A 4 7.18 7.25 3.57
C THR A 4 7.01 7.00 5.07
N SER A 5 7.55 7.88 5.88
CA SER A 5 7.50 7.68 7.36
C SER A 5 6.10 7.93 7.95
N GLU A 6 5.54 9.10 7.78
CA GLU A 6 4.21 9.38 8.42
C GLU A 6 3.09 8.47 7.87
N VAL A 7 3.06 8.22 6.59
CA VAL A 7 1.95 7.39 6.04
C VAL A 7 2.05 5.92 6.46
N ILE A 8 3.20 5.32 6.33
CA ILE A 8 3.32 3.87 6.66
C ILE A 8 3.16 3.62 8.16
N LYS A 9 3.75 4.44 8.99
CA LYS A 9 3.61 4.20 10.45
C LYS A 9 2.14 4.25 10.87
N ALA A 10 1.38 5.18 10.36
CA ALA A 10 -0.05 5.25 10.76
C ALA A 10 -0.77 3.96 10.38
N ASN A 11 -0.46 3.42 9.22
CA ASN A 11 -1.13 2.15 8.77
C ASN A 11 -0.07 1.11 8.42
N LYS A 12 -0.14 -0.04 9.05
CA LYS A 12 0.85 -1.12 8.77
C LYS A 12 0.20 -2.47 9.10
N GLY A 13 -0.71 -2.94 8.27
CA GLY A 13 -1.38 -4.24 8.55
C GLY A 13 -2.79 -4.18 7.98
N ARG A 14 -2.95 -3.53 6.85
CA ARG A 14 -4.29 -3.40 6.23
C ARG A 14 -4.64 -4.66 5.45
N GLU A 15 -5.90 -4.87 5.21
CA GLU A 15 -6.34 -6.06 4.44
C GLU A 15 -5.92 -5.92 2.97
N GLY A 16 -6.04 -4.75 2.40
CA GLY A 16 -5.66 -4.55 0.96
C GLY A 16 -6.78 -3.75 0.26
N LYS A 17 -7.50 -2.95 1.00
CA LYS A 17 -8.62 -2.15 0.39
C LYS A 17 -8.87 -0.83 1.14
N PRO A 18 -8.71 -0.78 2.46
CA PRO A 18 -8.97 0.45 3.25
C PRO A 18 -7.71 1.27 3.55
N MET A 19 -7.70 2.53 3.16
CA MET A 19 -6.53 3.42 3.41
C MET A 19 -6.95 4.63 4.24
N ILE A 20 -6.13 5.05 5.17
CA ILE A 20 -6.47 6.25 6.02
C ILE A 20 -5.54 7.43 5.67
N SER A 21 -6.11 8.58 5.44
CA SER A 21 -5.28 9.78 5.13
C SER A 21 -5.01 10.53 6.43
N LEU A 22 -3.86 10.36 6.99
CA LEU A 22 -3.52 11.06 8.27
C LEU A 22 -3.47 12.57 8.03
N VAL A 23 -3.54 12.99 6.80
CA VAL A 23 -3.50 14.45 6.51
C VAL A 23 -4.70 15.10 7.21
N ASP A 24 -5.82 14.45 7.14
CA ASP A 24 -7.06 14.97 7.79
C ASP A 24 -7.69 13.81 8.58
N GLY A 25 -6.99 12.71 8.67
CA GLY A 25 -7.52 11.53 9.42
C GLY A 25 -8.91 11.19 8.90
N GLU A 26 -8.99 10.39 7.88
CA GLU A 26 -10.32 10.01 7.31
C GLU A 26 -10.27 8.57 6.84
N GLU A 27 -11.30 7.80 7.11
CA GLU A 27 -11.32 6.40 6.65
C GLU A 27 -11.82 6.39 5.20
N ILE A 28 -11.06 5.85 4.29
CA ILE A 28 -11.48 5.84 2.85
C ILE A 28 -11.58 4.41 2.33
N LYS A 29 -12.63 3.70 2.67
CA LYS A 29 -12.75 2.30 2.19
C LYS A 29 -12.93 2.31 0.67
N GLY A 30 -11.90 1.91 -0.03
CA GLY A 30 -11.94 1.89 -1.53
C GLY A 30 -10.62 2.47 -2.08
N THR A 31 -9.60 2.50 -1.26
CA THR A 31 -8.27 3.03 -1.70
C THR A 31 -7.19 2.02 -1.30
N VAL A 32 -6.25 1.77 -2.18
CA VAL A 32 -5.16 0.79 -1.87
C VAL A 32 -3.82 1.52 -1.89
N TYR A 33 -3.32 1.88 -0.75
CA TYR A 33 -2.03 2.61 -0.66
C TYR A 33 -1.98 3.71 -1.72
N LEU A 34 -3.10 4.10 -2.27
CA LEU A 34 -3.08 5.20 -3.30
C LEU A 34 -2.80 6.52 -2.59
N GLY A 35 -2.03 7.39 -3.18
CA GLY A 35 -1.73 8.68 -2.51
C GLY A 35 -0.62 8.45 -1.48
N ASP A 36 -0.46 7.23 -1.04
CA ASP A 36 0.61 6.91 -0.08
C ASP A 36 1.94 6.97 -0.81
N GLY A 37 1.93 6.56 -2.05
CA GLY A 37 3.17 6.53 -2.89
C GLY A 37 3.35 5.11 -3.36
N TRP A 38 2.26 4.42 -3.57
CA TRP A 38 2.32 3.00 -3.99
C TRP A 38 3.31 2.82 -5.14
N SER A 39 4.05 1.75 -5.08
CA SER A 39 5.02 1.42 -6.15
C SER A 39 5.23 -0.10 -6.13
N ALA A 40 5.23 -0.75 -7.27
CA ALA A 40 5.40 -2.24 -7.25
C ALA A 40 5.95 -2.76 -8.58
N LYS A 41 6.10 -4.05 -8.68
CA LYS A 41 6.60 -4.68 -9.93
C LYS A 41 6.10 -6.14 -9.91
N LYS A 42 5.65 -6.68 -11.02
CA LYS A 42 5.14 -8.10 -11.00
C LYS A 42 6.27 -9.06 -11.39
N ASP A 43 6.57 -10.01 -10.54
CA ASP A 43 7.67 -10.98 -10.84
C ASP A 43 7.09 -12.31 -11.32
N GLY A 44 5.80 -12.48 -11.29
CA GLY A 44 5.20 -13.76 -11.74
C GLY A 44 3.90 -14.02 -10.97
N ALA A 45 3.89 -15.02 -10.13
CA ALA A 45 2.66 -15.33 -9.33
C ALA A 45 2.69 -14.57 -8.00
N THR A 46 3.79 -13.91 -7.68
CA THR A 46 3.88 -13.14 -6.39
C THR A 46 4.25 -11.70 -6.70
N ILE A 47 3.42 -10.78 -6.34
CA ILE A 47 3.71 -9.35 -6.62
C ILE A 47 4.50 -8.71 -5.48
N VAL A 48 5.45 -7.89 -5.81
CA VAL A 48 6.27 -7.18 -4.78
C VAL A 48 5.80 -5.71 -4.76
N ILE A 49 5.22 -5.24 -3.68
CA ILE A 49 4.74 -3.82 -3.62
C ILE A 49 5.46 -3.07 -2.51
N SER A 50 5.27 -1.79 -2.43
CA SER A 50 5.90 -0.97 -1.39
C SER A 50 4.79 -0.05 -0.87
N PRO A 51 4.19 -0.31 0.29
CA PRO A 51 3.06 0.50 0.83
C PRO A 51 3.13 1.95 0.36
N ALA A 52 3.62 2.84 1.16
CA ALA A 52 3.74 4.23 0.67
C ALA A 52 4.98 4.30 -0.23
N GLU A 53 6.04 3.68 0.21
CA GLU A 53 7.32 3.71 -0.54
C GLU A 53 8.22 2.56 -0.06
N GLU A 54 9.49 2.61 -0.36
CA GLU A 54 10.41 1.54 0.11
C GLU A 54 11.86 1.91 -0.18
N THR A 55 12.58 2.33 0.83
CA THR A 55 14.02 2.69 0.66
C THR A 55 14.84 2.00 1.75
N ALA A 56 16.09 1.72 1.47
CA ALA A 56 16.99 1.02 2.44
C ALA A 56 16.58 1.23 3.92
N LEU A 57 15.99 2.35 4.24
CA LEU A 57 15.58 2.61 5.66
C LEU A 57 14.22 1.96 5.98
N PHE A 58 13.59 1.36 5.01
CA PHE A 58 12.25 0.72 5.22
C PHE A 58 12.28 -0.71 4.69
N LYS A 59 11.13 -1.31 4.45
CA LYS A 59 11.10 -2.72 3.93
C LYS A 59 10.01 -2.90 2.86
N ALA A 60 10.20 -3.88 2.01
CA ALA A 60 9.21 -4.16 0.91
C ALA A 60 8.05 -4.99 1.47
N LYS A 61 7.05 -5.24 0.66
CA LYS A 61 5.87 -6.04 1.11
C LYS A 61 5.58 -7.11 0.06
N HIS A 62 4.97 -8.20 0.45
CA HIS A 62 4.66 -9.30 -0.52
C HIS A 62 3.15 -9.37 -0.77
N ILE A 63 2.75 -9.99 -1.85
CA ILE A 63 1.29 -10.15 -2.13
C ILE A 63 1.10 -11.41 -2.99
N SER A 64 0.40 -12.38 -2.49
CA SER A 64 0.18 -13.60 -3.30
C SER A 64 -0.59 -13.18 -4.56
N ALA A 65 -0.39 -13.86 -5.66
CA ALA A 65 -1.13 -13.46 -6.89
C ALA A 65 -2.63 -13.32 -6.57
N ALA A 66 -3.22 -14.25 -5.87
CA ALA A 66 -4.68 -14.13 -5.57
C ALA A 66 -4.98 -12.76 -4.95
N HIS A 67 -4.15 -12.30 -4.04
CA HIS A 67 -4.42 -10.98 -3.40
C HIS A 67 -4.31 -9.86 -4.45
N LEU A 68 -3.48 -10.03 -5.46
CA LEU A 68 -3.37 -8.98 -6.51
C LEU A 68 -4.75 -8.82 -7.14
N LYS A 69 -5.47 -9.90 -7.26
CA LYS A 69 -6.85 -9.83 -7.82
C LYS A 69 -7.68 -8.90 -6.94
N ILE A 70 -7.50 -8.96 -5.63
CA ILE A 70 -8.29 -8.06 -4.74
C ILE A 70 -7.99 -6.58 -5.08
N ILE A 71 -6.81 -6.25 -5.50
CA ILE A 71 -6.52 -4.81 -5.82
C ILE A 71 -7.42 -4.32 -6.96
N ALA A 72 -7.58 -5.10 -8.00
CA ALA A 72 -8.44 -4.66 -9.15
C ALA A 72 -9.93 -4.76 -8.79
N LYS A 73 -10.30 -5.79 -8.09
CA LYS A 73 -11.74 -5.98 -7.74
C LYS A 73 -12.22 -4.85 -6.82
N ASN A 74 -11.56 -4.67 -5.72
CA ASN A 74 -11.97 -3.61 -4.76
C ASN A 74 -12.09 -2.27 -5.50
N LEU A 75 -11.11 -1.90 -6.27
CA LEU A 75 -11.16 -0.61 -7.03
C LEU A 75 -12.24 -0.66 -8.12
N LEU A 76 -12.60 -1.83 -8.57
CA LEU A 76 -13.63 -1.96 -9.64
C LEU A 76 -14.95 -2.42 -9.02
N ALA A 1 4.89 15.03 7.73
CA ALA A 1 6.37 14.95 7.83
C ALA A 1 6.84 13.56 7.37
N THR A 2 7.78 13.51 6.48
CA THR A 2 8.29 12.19 5.98
C THR A 2 7.09 11.34 5.53
N LEU A 3 6.82 11.33 4.26
CA LEU A 3 5.68 10.54 3.73
C LEU A 3 5.87 9.04 3.99
N THR A 4 7.07 8.56 3.84
CA THR A 4 7.32 7.10 4.05
C THR A 4 6.95 6.69 5.49
N SER A 5 7.46 7.36 6.47
CA SER A 5 7.15 6.97 7.88
C SER A 5 5.68 7.23 8.23
N GLU A 6 5.13 8.34 7.81
CA GLU A 6 3.71 8.65 8.18
C GLU A 6 2.69 7.73 7.48
N VAL A 7 2.88 7.41 6.23
CA VAL A 7 1.88 6.55 5.53
C VAL A 7 1.93 5.11 6.04
N ILE A 8 3.09 4.53 6.09
CA ILE A 8 3.20 3.11 6.54
C ILE A 8 2.68 2.99 7.99
N LYS A 9 3.12 3.83 8.88
CA LYS A 9 2.67 3.74 10.30
C LYS A 9 1.15 3.92 10.39
N ALA A 10 0.60 4.82 9.63
CA ALA A 10 -0.87 5.04 9.71
C ALA A 10 -1.61 3.75 9.36
N ASN A 11 -1.12 3.00 8.42
CA ASN A 11 -1.78 1.71 8.05
C ASN A 11 -0.72 0.69 7.67
N LYS A 12 -0.60 -0.36 8.42
CA LYS A 12 0.39 -1.42 8.09
C LYS A 12 -0.19 -2.27 6.96
N GLY A 13 0.59 -3.14 6.36
CA GLY A 13 0.05 -3.97 5.25
C GLY A 13 -1.14 -4.82 5.73
N ARG A 14 -1.66 -4.56 6.90
CA ARG A 14 -2.82 -5.36 7.39
C ARG A 14 -3.91 -5.40 6.30
N GLU A 15 -3.83 -6.35 5.42
CA GLU A 15 -4.85 -6.45 4.33
C GLU A 15 -5.06 -5.07 3.68
N GLY A 16 -4.37 -4.81 2.61
CA GLY A 16 -4.51 -3.50 1.92
C GLY A 16 -5.95 -3.30 1.47
N LYS A 17 -6.71 -2.53 2.20
CA LYS A 17 -8.13 -2.28 1.81
C LYS A 17 -8.58 -0.94 2.40
N PRO A 18 -8.30 -0.67 3.65
CA PRO A 18 -8.67 0.60 4.31
C PRO A 18 -7.51 1.60 4.25
N MET A 19 -7.74 2.81 3.82
CA MET A 19 -6.62 3.81 3.71
C MET A 19 -6.84 4.99 4.65
N ILE A 20 -5.83 5.33 5.43
CA ILE A 20 -5.94 6.48 6.36
C ILE A 20 -5.11 7.65 5.80
N SER A 21 -5.74 8.76 5.53
CA SER A 21 -4.98 9.93 4.99
C SER A 21 -4.72 10.93 6.13
N LEU A 22 -3.55 10.89 6.69
CA LEU A 22 -3.24 11.82 7.81
C LEU A 22 -3.12 13.25 7.27
N VAL A 23 -3.09 13.42 5.99
CA VAL A 23 -3.00 14.80 5.43
C VAL A 23 -4.21 15.60 5.90
N ASP A 24 -5.37 14.99 5.89
CA ASP A 24 -6.61 15.68 6.36
C ASP A 24 -7.34 14.77 7.35
N GLY A 25 -6.78 13.62 7.63
CA GLY A 25 -7.43 12.67 8.58
C GLY A 25 -8.81 12.30 8.03
N GLU A 26 -8.87 11.34 7.15
CA GLU A 26 -10.17 10.91 6.57
C GLU A 26 -10.15 9.41 6.30
N GLU A 27 -11.21 8.71 6.61
CA GLU A 27 -11.24 7.24 6.34
C GLU A 27 -11.68 7.05 4.89
N ILE A 28 -10.95 6.27 4.12
CA ILE A 28 -11.35 6.05 2.69
C ILE A 28 -11.33 4.56 2.38
N LYS A 29 -12.33 3.84 2.80
CA LYS A 29 -12.36 2.39 2.50
C LYS A 29 -12.65 2.25 1.00
N GLY A 30 -11.67 1.83 0.25
CA GLY A 30 -11.83 1.71 -1.23
C GLY A 30 -10.57 2.24 -1.92
N THR A 31 -9.47 2.30 -1.19
CA THR A 31 -8.19 2.79 -1.79
C THR A 31 -7.05 1.96 -1.21
N VAL A 32 -6.00 1.75 -1.96
CA VAL A 32 -4.83 0.95 -1.46
C VAL A 32 -3.56 1.79 -1.54
N TYR A 33 -3.31 2.58 -0.53
CA TYR A 33 -2.09 3.43 -0.52
C TYR A 33 -2.04 4.27 -1.81
N LEU A 34 -3.19 4.67 -2.29
CA LEU A 34 -3.24 5.51 -3.53
C LEU A 34 -3.07 6.97 -3.16
N GLY A 35 -2.29 7.71 -3.91
CA GLY A 35 -2.07 9.15 -3.58
C GLY A 35 -0.99 9.27 -2.51
N ASP A 36 -0.22 8.23 -2.33
CA ASP A 36 0.88 8.25 -1.32
C ASP A 36 2.21 7.98 -2.03
N GLY A 37 2.20 7.05 -2.94
CA GLY A 37 3.44 6.71 -3.68
C GLY A 37 3.43 5.22 -3.99
N TRP A 38 2.27 4.61 -4.08
CA TRP A 38 2.20 3.16 -4.35
C TRP A 38 3.06 2.83 -5.56
N SER A 39 3.81 1.77 -5.50
CA SER A 39 4.66 1.38 -6.66
C SER A 39 4.85 -0.13 -6.60
N ALA A 40 4.86 -0.81 -7.70
CA ALA A 40 5.04 -2.29 -7.63
C ALA A 40 5.51 -2.85 -8.97
N LYS A 41 5.71 -4.13 -9.04
CA LYS A 41 6.15 -4.78 -10.29
C LYS A 41 5.77 -6.26 -10.18
N LYS A 42 5.42 -6.91 -11.26
CA LYS A 42 5.05 -8.36 -11.15
C LYS A 42 6.25 -9.22 -11.50
N ASP A 43 6.66 -10.11 -10.61
CA ASP A 43 7.86 -10.97 -10.87
C ASP A 43 7.39 -12.39 -11.21
N GLY A 44 6.11 -12.64 -11.13
CA GLY A 44 5.60 -14.01 -11.44
C GLY A 44 4.34 -14.26 -10.61
N ALA A 45 4.32 -15.28 -9.81
CA ALA A 45 3.12 -15.57 -8.98
C ALA A 45 3.12 -14.66 -7.75
N THR A 46 4.21 -13.96 -7.50
CA THR A 46 4.29 -13.05 -6.31
C THR A 46 4.55 -11.64 -6.82
N ILE A 47 3.83 -10.69 -6.29
CA ILE A 47 3.98 -9.28 -6.74
C ILE A 47 4.76 -8.48 -5.68
N VAL A 48 5.77 -7.75 -6.08
CA VAL A 48 6.55 -6.95 -5.10
C VAL A 48 5.97 -5.53 -5.08
N ILE A 49 5.41 -5.12 -3.97
CA ILE A 49 4.79 -3.75 -3.87
C ILE A 49 5.21 -3.05 -2.58
N SER A 50 5.47 -1.76 -2.63
CA SER A 50 5.82 -1.01 -1.41
C SER A 50 4.63 -0.09 -1.12
N PRO A 51 3.98 -0.24 0.02
CA PRO A 51 2.78 0.58 0.35
C PRO A 51 2.91 2.01 -0.15
N ALA A 52 3.67 2.84 0.52
CA ALA A 52 3.84 4.24 0.05
C ALA A 52 5.11 4.31 -0.81
N GLU A 53 6.19 3.81 -0.30
CA GLU A 53 7.48 3.88 -1.03
C GLU A 53 8.54 3.06 -0.27
N GLU A 54 9.80 3.29 -0.54
CA GLU A 54 10.86 2.54 0.19
C GLU A 54 12.20 3.24 -0.05
N THR A 55 12.81 3.77 0.99
CA THR A 55 14.13 4.48 0.82
C THR A 55 15.21 3.74 1.62
N ALA A 56 15.19 2.45 1.61
CA ALA A 56 16.22 1.67 2.37
C ALA A 56 15.97 1.82 3.87
N LEU A 57 15.20 2.80 4.27
CA LEU A 57 14.91 2.99 5.72
C LEU A 57 13.65 2.18 6.05
N PHE A 58 13.08 1.54 5.06
CA PHE A 58 11.86 0.72 5.27
C PHE A 58 12.03 -0.59 4.50
N LYS A 59 10.95 -1.28 4.21
CA LYS A 59 11.08 -2.58 3.48
C LYS A 59 9.93 -2.80 2.50
N ALA A 60 10.13 -3.67 1.55
CA ALA A 60 9.08 -3.98 0.55
C ALA A 60 7.97 -4.79 1.22
N LYS A 61 6.92 -5.08 0.50
CA LYS A 61 5.81 -5.90 1.06
C LYS A 61 5.48 -6.97 0.02
N HIS A 62 5.51 -8.22 0.40
CA HIS A 62 5.22 -9.30 -0.59
C HIS A 62 3.74 -9.68 -0.56
N ILE A 63 3.03 -9.34 -1.61
CA ILE A 63 1.57 -9.65 -1.69
C ILE A 63 1.36 -10.76 -2.72
N SER A 64 0.73 -11.84 -2.32
CA SER A 64 0.51 -12.99 -3.25
C SER A 64 -0.20 -12.53 -4.53
N ALA A 65 -0.07 -13.28 -5.60
CA ALA A 65 -0.76 -12.89 -6.86
C ALA A 65 -2.27 -12.86 -6.63
N ALA A 66 -2.83 -13.90 -6.06
CA ALA A 66 -4.30 -13.91 -5.82
C ALA A 66 -4.70 -12.63 -5.11
N HIS A 67 -3.92 -12.22 -4.16
CA HIS A 67 -4.21 -10.97 -3.43
C HIS A 67 -4.15 -9.81 -4.43
N LEU A 68 -3.42 -9.97 -5.50
CA LEU A 68 -3.36 -8.87 -6.51
C LEU A 68 -4.79 -8.64 -7.01
N LYS A 69 -5.54 -9.70 -7.18
CA LYS A 69 -6.95 -9.54 -7.64
C LYS A 69 -7.70 -8.68 -6.62
N ILE A 70 -7.41 -8.81 -5.36
CA ILE A 70 -8.11 -7.96 -4.35
C ILE A 70 -7.83 -6.49 -4.66
N ILE A 71 -6.63 -6.16 -5.05
CA ILE A 71 -6.34 -4.74 -5.36
C ILE A 71 -7.31 -4.26 -6.45
N ALA A 72 -7.63 -5.11 -7.39
CA ALA A 72 -8.58 -4.71 -8.47
C ALA A 72 -10.02 -4.56 -7.94
N LYS A 73 -10.44 -5.40 -7.03
CA LYS A 73 -11.85 -5.32 -6.52
C LYS A 73 -12.08 -4.06 -5.66
N ASN A 74 -11.23 -3.85 -4.71
CA ASN A 74 -11.42 -2.70 -3.78
C ASN A 74 -11.41 -1.36 -4.53
N LEU A 75 -10.47 -1.13 -5.41
CA LEU A 75 -10.46 0.16 -6.13
C LEU A 75 -11.64 0.22 -7.12
N LEU A 76 -11.88 -0.84 -7.83
CA LEU A 76 -13.02 -0.85 -8.79
C LEU A 76 -13.56 -2.28 -8.95
N ALA A 1 11.56 14.54 4.89
CA ALA A 1 10.66 13.58 4.20
C ALA A 1 9.88 12.78 5.24
N THR A 2 8.66 13.18 5.52
CA THR A 2 7.83 12.45 6.51
C THR A 2 6.76 11.63 5.78
N LEU A 3 6.71 11.72 4.48
CA LEU A 3 5.71 10.94 3.71
C LEU A 3 5.90 9.45 3.96
N THR A 4 7.12 9.00 3.84
CA THR A 4 7.37 7.54 4.05
C THR A 4 7.07 7.15 5.50
N SER A 5 7.65 7.82 6.44
CA SER A 5 7.42 7.44 7.88
C SER A 5 5.95 7.58 8.26
N GLU A 6 5.31 8.65 7.90
CA GLU A 6 3.89 8.85 8.31
C GLU A 6 2.93 7.88 7.60
N VAL A 7 3.09 7.63 6.33
CA VAL A 7 2.13 6.73 5.63
C VAL A 7 2.28 5.28 6.12
N ILE A 8 3.47 4.77 6.19
CA ILE A 8 3.64 3.36 6.64
C ILE A 8 3.07 3.17 8.06
N LYS A 9 3.44 4.03 8.97
CA LYS A 9 2.97 3.85 10.38
C LYS A 9 1.44 3.89 10.47
N ALA A 10 0.80 4.79 9.76
CA ALA A 10 -0.70 4.83 9.85
C ALA A 10 -1.32 3.51 9.38
N ASN A 11 -0.77 2.92 8.35
CA ASN A 11 -1.35 1.65 7.85
C ASN A 11 -1.28 0.58 8.95
N LYS A 12 -0.16 -0.07 9.08
CA LYS A 12 -0.02 -1.13 10.13
C LYS A 12 -1.27 -2.01 10.13
N GLY A 13 -1.90 -2.11 9.00
CA GLY A 13 -3.13 -2.94 8.89
C GLY A 13 -3.45 -3.08 7.41
N ARG A 14 -2.51 -3.55 6.64
CA ARG A 14 -2.71 -3.72 5.17
C ARG A 14 -4.14 -4.17 4.85
N GLU A 15 -4.36 -5.45 4.74
CA GLU A 15 -5.73 -5.94 4.39
C GLU A 15 -6.25 -5.16 3.19
N GLY A 16 -5.46 -5.10 2.14
CA GLY A 16 -5.82 -4.36 0.88
C GLY A 16 -7.31 -4.01 0.79
N LYS A 17 -7.79 -3.06 1.55
CA LYS A 17 -9.22 -2.66 1.45
C LYS A 17 -9.43 -1.32 2.20
N PRO A 18 -9.01 -1.21 3.45
CA PRO A 18 -9.15 0.04 4.24
C PRO A 18 -7.90 0.91 4.18
N MET A 19 -7.97 2.07 3.56
CA MET A 19 -6.78 2.97 3.47
C MET A 19 -6.97 4.19 4.38
N ILE A 20 -5.96 4.56 5.13
CA ILE A 20 -6.07 5.74 6.03
C ILE A 20 -5.27 6.90 5.44
N SER A 21 -5.87 8.06 5.32
CA SER A 21 -5.14 9.24 4.74
C SER A 21 -4.96 10.30 5.83
N LEU A 22 -3.80 10.38 6.42
CA LEU A 22 -3.56 11.40 7.49
C LEU A 22 -3.62 12.77 6.83
N VAL A 23 -3.84 12.81 5.55
CA VAL A 23 -3.90 14.13 4.86
C VAL A 23 -5.05 14.92 5.47
N ASP A 24 -6.16 14.29 5.67
CA ASP A 24 -7.32 14.98 6.29
C ASP A 24 -8.00 14.00 7.25
N GLY A 25 -7.32 12.93 7.61
CA GLY A 25 -7.96 11.92 8.51
C GLY A 25 -9.27 11.52 7.84
N GLU A 26 -9.22 10.58 6.96
CA GLU A 26 -10.46 10.16 6.24
C GLU A 26 -10.40 8.65 5.95
N GLU A 27 -11.47 7.96 6.20
CA GLU A 27 -11.49 6.49 5.92
C GLU A 27 -11.84 6.31 4.44
N ILE A 28 -11.06 5.55 3.72
CA ILE A 28 -11.33 5.37 2.25
C ILE A 28 -11.39 3.88 1.90
N LYS A 29 -12.47 3.22 2.24
CA LYS A 29 -12.56 1.76 1.90
C LYS A 29 -12.73 1.60 0.39
N GLY A 30 -11.70 1.10 -0.24
CA GLY A 30 -11.72 0.92 -1.73
C GLY A 30 -10.49 1.61 -2.31
N THR A 31 -9.46 1.72 -1.51
CA THR A 31 -8.21 2.37 -1.98
C THR A 31 -7.03 1.60 -1.38
N VAL A 32 -5.91 1.53 -2.08
CA VAL A 32 -4.74 0.77 -1.55
C VAL A 32 -3.49 1.67 -1.56
N TYR A 33 -3.07 2.11 -0.41
CA TYR A 33 -1.87 2.99 -0.32
C TYR A 33 -1.87 4.03 -1.45
N LEU A 34 -3.02 4.52 -1.84
CA LEU A 34 -3.06 5.52 -2.95
C LEU A 34 -2.96 6.94 -2.38
N GLY A 35 -2.15 7.77 -2.97
CA GLY A 35 -2.00 9.18 -2.47
C GLY A 35 -0.70 9.31 -1.67
N ASP A 36 0.19 8.36 -1.81
CA ASP A 36 1.50 8.42 -1.06
C ASP A 36 2.65 8.14 -2.03
N GLY A 37 3.18 6.95 -2.03
CA GLY A 37 4.31 6.60 -2.96
C GLY A 37 4.14 5.16 -3.43
N TRP A 38 2.91 4.70 -3.52
CA TRP A 38 2.68 3.29 -3.94
C TRP A 38 3.51 2.94 -5.16
N SER A 39 4.04 1.76 -5.18
CA SER A 39 4.84 1.27 -6.34
C SER A 39 4.59 -0.23 -6.43
N ALA A 40 4.61 -0.82 -7.60
CA ALA A 40 4.33 -2.29 -7.68
C ALA A 40 5.14 -2.88 -8.82
N LYS A 41 5.18 -4.18 -8.92
CA LYS A 41 5.95 -4.84 -10.01
C LYS A 41 5.38 -6.26 -10.16
N LYS A 42 5.29 -6.80 -11.35
CA LYS A 42 4.70 -8.16 -11.52
C LYS A 42 5.80 -9.22 -11.63
N ASP A 43 5.82 -10.17 -10.73
CA ASP A 43 6.87 -11.23 -10.77
C ASP A 43 6.30 -12.49 -11.46
N GLY A 44 5.02 -12.50 -11.74
CA GLY A 44 4.41 -13.69 -12.41
C GLY A 44 3.86 -14.66 -11.36
N ALA A 45 3.89 -14.27 -10.12
CA ALA A 45 3.36 -15.15 -9.03
C ALA A 45 3.13 -14.32 -7.79
N THR A 46 4.16 -13.67 -7.31
CA THR A 46 4.04 -12.80 -6.10
C THR A 46 4.38 -11.37 -6.49
N ILE A 47 3.47 -10.47 -6.29
CA ILE A 47 3.72 -9.05 -6.67
C ILE A 47 4.70 -8.42 -5.67
N VAL A 48 5.66 -7.69 -6.16
CA VAL A 48 6.61 -7.00 -5.26
C VAL A 48 6.14 -5.55 -5.15
N ILE A 49 5.52 -5.20 -4.05
CA ILE A 49 4.98 -3.82 -3.89
C ILE A 49 5.30 -3.27 -2.50
N SER A 50 5.58 -2.00 -2.42
CA SER A 50 5.87 -1.36 -1.12
C SER A 50 4.70 -0.41 -0.85
N PRO A 51 4.06 -0.49 0.30
CA PRO A 51 2.89 0.39 0.60
C PRO A 51 3.14 1.82 0.12
N ALA A 52 3.93 2.58 0.84
CA ALA A 52 4.21 3.98 0.41
C ALA A 52 5.54 4.02 -0.35
N GLU A 53 6.57 3.44 0.21
CA GLU A 53 7.92 3.48 -0.44
C GLU A 53 8.77 2.31 0.04
N GLU A 54 10.04 2.33 -0.28
CA GLU A 54 10.95 1.24 0.18
C GLU A 54 12.39 1.78 0.21
N THR A 55 12.85 2.21 1.35
CA THR A 55 14.25 2.75 1.45
C THR A 55 14.93 2.10 2.65
N ALA A 56 16.22 1.90 2.57
CA ALA A 56 17.00 1.22 3.68
C ALA A 56 16.37 1.45 5.07
N LEU A 57 15.71 2.56 5.30
CA LEU A 57 15.10 2.81 6.65
C LEU A 57 13.71 2.17 6.73
N PHE A 58 13.28 1.53 5.68
CA PHE A 58 11.94 0.86 5.66
C PHE A 58 12.08 -0.51 5.01
N LYS A 59 11.00 -1.11 4.55
CA LYS A 59 11.10 -2.47 3.96
C LYS A 59 10.04 -2.69 2.86
N ALA A 60 10.28 -3.65 2.01
CA ALA A 60 9.31 -3.98 0.92
C ALA A 60 8.17 -4.84 1.49
N LYS A 61 7.17 -5.11 0.70
CA LYS A 61 6.04 -5.98 1.16
C LYS A 61 5.72 -6.95 0.03
N HIS A 62 5.66 -8.23 0.31
CA HIS A 62 5.37 -9.22 -0.77
C HIS A 62 3.90 -9.63 -0.77
N ILE A 63 3.16 -9.20 -1.76
CA ILE A 63 1.72 -9.56 -1.85
C ILE A 63 1.59 -10.78 -2.78
N SER A 64 0.75 -11.72 -2.43
CA SER A 64 0.59 -12.93 -3.29
C SER A 64 -0.22 -12.53 -4.54
N ALA A 65 -0.19 -13.33 -5.57
CA ALA A 65 -0.96 -12.98 -6.79
C ALA A 65 -2.46 -12.88 -6.44
N ALA A 66 -3.00 -13.84 -5.74
CA ALA A 66 -4.45 -13.78 -5.41
C ALA A 66 -4.76 -12.50 -4.63
N HIS A 67 -3.91 -12.13 -3.71
CA HIS A 67 -4.17 -10.88 -2.94
C HIS A 67 -4.21 -9.71 -3.93
N LEU A 68 -3.45 -9.77 -4.98
CA LEU A 68 -3.45 -8.66 -5.98
C LEU A 68 -4.86 -8.51 -6.55
N LYS A 69 -5.57 -9.60 -6.69
CA LYS A 69 -6.95 -9.51 -7.24
C LYS A 69 -7.77 -8.59 -6.32
N ILE A 70 -7.55 -8.67 -5.05
CA ILE A 70 -8.31 -7.77 -4.11
C ILE A 70 -8.01 -6.31 -4.46
N ILE A 71 -6.79 -5.99 -4.79
CA ILE A 71 -6.47 -4.57 -5.14
C ILE A 71 -7.32 -4.18 -6.35
N ALA A 72 -7.49 -5.06 -7.30
CA ALA A 72 -8.30 -4.72 -8.50
C ALA A 72 -9.77 -4.46 -8.13
N LYS A 73 -10.32 -5.23 -7.23
CA LYS A 73 -11.75 -5.01 -6.87
C LYS A 73 -11.92 -3.64 -6.22
N ASN A 74 -10.97 -3.27 -5.41
CA ASN A 74 -11.04 -1.98 -4.66
C ASN A 74 -10.93 -0.78 -5.61
N LEU A 75 -9.78 -0.55 -6.15
CA LEU A 75 -9.57 0.64 -7.04
C LEU A 75 -10.46 0.56 -8.29
N LEU A 76 -10.53 -0.57 -8.93
CA LEU A 76 -11.38 -0.68 -10.16
C LEU A 76 -12.85 -0.84 -9.75
N ALA A 1 10.73 11.72 2.61
CA ALA A 1 10.71 12.62 3.80
C ALA A 1 9.94 11.95 4.93
N THR A 2 8.77 12.46 5.25
CA THR A 2 7.94 11.85 6.34
C THR A 2 6.71 11.19 5.72
N LEU A 3 6.49 11.39 4.45
CA LEU A 3 5.34 10.75 3.78
C LEU A 3 5.46 9.23 3.89
N THR A 4 6.60 8.73 3.54
CA THR A 4 6.81 7.27 3.62
C THR A 4 6.71 6.81 5.07
N SER A 5 7.37 7.46 5.97
CA SER A 5 7.31 7.02 7.40
C SER A 5 5.90 7.20 7.95
N GLU A 6 5.26 8.30 7.67
CA GLU A 6 3.88 8.53 8.21
C GLU A 6 2.84 7.61 7.57
N VAL A 7 2.91 7.39 6.30
CA VAL A 7 1.89 6.52 5.62
C VAL A 7 2.06 5.06 6.04
N ILE A 8 3.27 4.59 6.08
CA ILE A 8 3.51 3.16 6.45
C ILE A 8 2.95 2.90 7.86
N LYS A 9 3.27 3.72 8.82
CA LYS A 9 2.75 3.49 10.20
C LYS A 9 1.22 3.51 10.20
N ALA A 10 0.61 4.34 9.39
CA ALA A 10 -0.87 4.40 9.36
C ALA A 10 -1.46 3.11 8.76
N ASN A 11 -0.67 2.36 8.02
CA ASN A 11 -1.20 1.09 7.40
C ASN A 11 -1.31 -0.02 8.46
N LYS A 12 -0.61 -1.11 8.24
CA LYS A 12 -0.64 -2.27 9.19
C LYS A 12 -2.06 -2.81 9.34
N GLY A 13 -2.85 -2.70 8.33
CA GLY A 13 -4.25 -3.21 8.40
C GLY A 13 -4.75 -3.40 6.99
N ARG A 14 -4.06 -4.21 6.23
CA ARG A 14 -4.44 -4.43 4.81
C ARG A 14 -5.93 -4.74 4.70
N GLU A 15 -6.28 -5.95 4.39
CA GLU A 15 -7.73 -6.29 4.25
C GLU A 15 -8.41 -5.22 3.37
N GLY A 16 -7.83 -4.94 2.23
CA GLY A 16 -8.39 -3.91 1.30
C GLY A 16 -7.38 -2.76 1.19
N LYS A 17 -6.29 -2.86 1.90
CA LYS A 17 -5.26 -1.80 1.83
C LYS A 17 -5.91 -0.43 1.97
N PRO A 18 -6.68 -0.24 3.00
CA PRO A 18 -7.34 1.06 3.26
C PRO A 18 -6.28 2.10 3.58
N MET A 19 -6.54 3.36 3.37
CA MET A 19 -5.48 4.39 3.66
C MET A 19 -6.06 5.60 4.36
N ILE A 20 -5.50 5.94 5.49
CA ILE A 20 -5.98 7.13 6.25
C ILE A 20 -4.99 8.26 6.00
N SER A 21 -5.47 9.40 5.61
CA SER A 21 -4.55 10.54 5.37
C SER A 21 -4.34 11.26 6.70
N LEU A 22 -3.25 10.98 7.36
CA LEU A 22 -2.98 11.66 8.64
C LEU A 22 -2.87 13.16 8.36
N VAL A 23 -2.73 13.50 7.10
CA VAL A 23 -2.61 14.93 6.72
C VAL A 23 -3.90 15.65 7.14
N ASP A 24 -5.03 15.03 6.94
CA ASP A 24 -6.34 15.65 7.32
C ASP A 24 -7.17 14.62 8.09
N GLY A 25 -6.61 13.46 8.31
CA GLY A 25 -7.35 12.39 9.05
C GLY A 25 -8.65 12.05 8.31
N GLU A 26 -8.57 11.24 7.28
CA GLU A 26 -9.81 10.86 6.52
C GLU A 26 -9.74 9.37 6.17
N GLU A 27 -10.78 8.63 6.44
CA GLU A 27 -10.77 7.17 6.11
C GLU A 27 -11.01 6.99 4.62
N ILE A 28 -10.24 6.14 3.98
CA ILE A 28 -10.41 5.92 2.51
C ILE A 28 -10.47 4.42 2.24
N LYS A 29 -11.44 3.75 2.80
CA LYS A 29 -11.57 2.28 2.59
C LYS A 29 -12.04 2.02 1.15
N GLY A 30 -11.41 2.68 0.22
CA GLY A 30 -11.77 2.50 -1.21
C GLY A 30 -10.51 2.82 -2.02
N THR A 31 -9.38 2.65 -1.40
CA THR A 31 -8.08 2.95 -2.05
C THR A 31 -7.04 1.95 -1.56
N VAL A 32 -6.06 1.65 -2.39
CA VAL A 32 -4.99 0.69 -2.00
C VAL A 32 -3.67 1.45 -1.93
N TYR A 33 -3.31 1.90 -0.74
CA TYR A 33 -2.06 2.69 -0.54
C TYR A 33 -1.79 3.61 -1.75
N LEU A 34 -2.83 3.98 -2.46
CA LEU A 34 -2.66 4.88 -3.65
C LEU A 34 -2.95 6.32 -3.24
N GLY A 35 -2.06 7.24 -3.56
CA GLY A 35 -2.27 8.68 -3.19
C GLY A 35 -1.16 9.14 -2.24
N ASP A 36 -0.03 8.51 -2.31
CA ASP A 36 1.10 8.90 -1.41
C ASP A 36 2.43 8.75 -2.15
N GLY A 37 2.75 7.55 -2.56
CA GLY A 37 4.02 7.32 -3.30
C GLY A 37 4.02 5.89 -3.84
N TRP A 38 2.85 5.33 -4.03
CA TRP A 38 2.72 3.92 -4.51
C TRP A 38 3.83 3.55 -5.50
N SER A 39 4.39 2.37 -5.32
CA SER A 39 5.43 1.86 -6.26
C SER A 39 5.25 0.34 -6.32
N ALA A 40 5.28 -0.28 -7.47
CA ALA A 40 5.07 -1.76 -7.50
C ALA A 40 5.78 -2.37 -8.70
N LYS A 41 5.87 -3.67 -8.74
CA LYS A 41 6.50 -4.36 -9.90
C LYS A 41 5.99 -5.81 -9.85
N LYS A 42 5.66 -6.40 -10.97
CA LYS A 42 5.11 -7.81 -10.93
C LYS A 42 6.19 -8.83 -11.33
N ASP A 43 6.40 -9.81 -10.48
CA ASP A 43 7.44 -10.85 -10.77
C ASP A 43 6.76 -12.07 -11.42
N GLY A 44 5.45 -12.13 -11.39
CA GLY A 44 4.74 -13.28 -12.01
C GLY A 44 4.44 -14.34 -10.93
N ALA A 45 3.20 -14.43 -10.50
CA ALA A 45 2.80 -15.44 -9.46
C ALA A 45 3.08 -14.87 -8.07
N THR A 46 3.78 -13.77 -7.99
CA THR A 46 4.07 -13.14 -6.67
C THR A 46 4.39 -11.66 -6.92
N ILE A 47 3.57 -10.78 -6.45
CA ILE A 47 3.82 -9.34 -6.69
C ILE A 47 4.64 -8.71 -5.55
N VAL A 48 5.55 -7.83 -5.89
CA VAL A 48 6.40 -7.14 -4.86
C VAL A 48 6.06 -5.65 -4.90
N ILE A 49 5.59 -5.08 -3.82
CA ILE A 49 5.24 -3.62 -3.84
C ILE A 49 5.40 -3.01 -2.45
N SER A 50 5.79 -1.76 -2.38
CA SER A 50 5.93 -1.06 -1.08
C SER A 50 4.78 -0.04 -1.02
N PRO A 51 3.90 -0.13 -0.04
CA PRO A 51 2.73 0.79 0.07
C PRO A 51 3.06 2.22 -0.34
N ALA A 52 3.70 2.98 0.51
CA ALA A 52 4.01 4.39 0.16
C ALA A 52 5.29 4.49 -0.65
N GLU A 53 6.38 4.03 -0.11
CA GLU A 53 7.69 4.15 -0.82
C GLU A 53 8.69 3.15 -0.23
N GLU A 54 9.95 3.31 -0.56
CA GLU A 54 11.00 2.41 0.00
C GLU A 54 12.37 3.01 -0.31
N THR A 55 13.10 3.44 0.70
CA THR A 55 14.44 4.06 0.48
C THR A 55 15.49 3.37 1.34
N ALA A 56 15.50 2.07 1.39
CA ALA A 56 16.51 1.35 2.22
C ALA A 56 16.21 1.53 3.70
N LEU A 57 15.49 2.56 4.07
CA LEU A 57 15.17 2.79 5.51
C LEU A 57 13.88 2.07 5.85
N PHE A 58 13.22 1.55 4.85
CA PHE A 58 11.94 0.80 5.05
C PHE A 58 12.06 -0.55 4.36
N LYS A 59 10.97 -1.21 4.07
CA LYS A 59 11.07 -2.54 3.40
C LYS A 59 9.91 -2.77 2.44
N ALA A 60 10.11 -3.66 1.51
CA ALA A 60 9.05 -3.99 0.52
C ALA A 60 7.95 -4.78 1.22
N LYS A 61 6.86 -5.05 0.54
CA LYS A 61 5.74 -5.84 1.14
C LYS A 61 5.42 -6.98 0.18
N HIS A 62 5.14 -8.14 0.68
CA HIS A 62 4.81 -9.29 -0.20
C HIS A 62 3.31 -9.25 -0.55
N ILE A 63 2.96 -9.84 -1.66
CA ILE A 63 1.52 -9.91 -2.05
C ILE A 63 1.32 -11.16 -2.91
N SER A 64 0.59 -12.11 -2.41
CA SER A 64 0.38 -13.34 -3.22
C SER A 64 -0.42 -12.94 -4.48
N ALA A 65 -0.30 -13.69 -5.54
CA ALA A 65 -1.04 -13.34 -6.78
C ALA A 65 -2.53 -13.12 -6.42
N ALA A 66 -3.12 -14.00 -5.66
CA ALA A 66 -4.56 -13.83 -5.32
C ALA A 66 -4.77 -12.49 -4.58
N HIS A 67 -3.85 -12.14 -3.72
CA HIS A 67 -4.00 -10.85 -2.97
C HIS A 67 -4.03 -9.69 -3.97
N LEU A 68 -3.24 -9.76 -5.01
CA LEU A 68 -3.23 -8.66 -6.03
C LEU A 68 -4.64 -8.53 -6.62
N LYS A 69 -5.30 -9.64 -6.78
CA LYS A 69 -6.68 -9.58 -7.35
C LYS A 69 -7.55 -8.72 -6.43
N ILE A 70 -7.31 -8.76 -5.14
CA ILE A 70 -8.11 -7.93 -4.20
C ILE A 70 -7.95 -6.45 -4.55
N ILE A 71 -6.77 -6.02 -4.92
CA ILE A 71 -6.59 -4.58 -5.24
C ILE A 71 -7.56 -4.20 -6.37
N ALA A 72 -7.73 -5.07 -7.33
CA ALA A 72 -8.64 -4.77 -8.46
C ALA A 72 -10.09 -4.61 -7.97
N LYS A 73 -10.52 -5.43 -7.06
CA LYS A 73 -11.94 -5.34 -6.58
C LYS A 73 -12.15 -4.03 -5.80
N ASN A 74 -11.25 -3.70 -4.94
CA ASN A 74 -11.39 -2.49 -4.09
C ASN A 74 -11.52 -1.21 -4.92
N LEU A 75 -10.55 -0.90 -5.75
CA LEU A 75 -10.65 0.36 -6.55
C LEU A 75 -11.78 0.25 -7.57
N LEU A 76 -11.94 -0.88 -8.19
CA LEU A 76 -13.03 -1.04 -9.20
C LEU A 76 -13.47 -2.50 -9.27
N ALA A 1 11.26 9.86 6.39
CA ALA A 1 11.48 11.29 6.74
C ALA A 1 10.14 12.05 6.69
N THR A 2 9.11 11.39 6.25
CA THR A 2 7.77 12.06 6.17
C THR A 2 6.80 11.18 5.39
N LEU A 3 6.84 11.24 4.10
CA LEU A 3 5.91 10.40 3.29
C LEU A 3 6.19 8.93 3.64
N THR A 4 7.43 8.56 3.61
CA THR A 4 7.79 7.16 3.94
C THR A 4 7.47 6.91 5.42
N SER A 5 7.90 7.78 6.28
CA SER A 5 7.67 7.57 7.74
C SER A 5 6.20 7.79 8.14
N GLU A 6 5.64 8.93 7.88
CA GLU A 6 4.24 9.20 8.33
C GLU A 6 3.20 8.28 7.64
N VAL A 7 3.28 8.09 6.35
CA VAL A 7 2.25 7.24 5.67
C VAL A 7 2.29 5.81 6.18
N ILE A 8 3.45 5.23 6.32
CA ILE A 8 3.52 3.83 6.81
C ILE A 8 2.89 3.76 8.21
N LYS A 9 3.12 4.74 9.05
CA LYS A 9 2.52 4.68 10.41
C LYS A 9 0.99 4.63 10.30
N ALA A 10 0.40 5.43 9.45
CA ALA A 10 -1.10 5.41 9.35
C ALA A 10 -1.57 4.01 8.97
N ASN A 11 -0.84 3.30 8.14
CA ASN A 11 -1.26 1.92 7.74
C ASN A 11 -0.08 0.96 7.90
N LYS A 12 -0.25 -0.07 8.69
CA LYS A 12 0.85 -1.06 8.89
C LYS A 12 0.22 -2.39 9.31
N GLY A 13 -0.74 -2.86 8.58
CA GLY A 13 -1.39 -4.15 8.93
C GLY A 13 -2.81 -4.16 8.34
N ARG A 14 -2.99 -3.48 7.23
CA ARG A 14 -4.32 -3.44 6.58
C ARG A 14 -4.49 -4.70 5.75
N GLU A 15 -5.69 -4.97 5.36
CA GLU A 15 -5.94 -6.17 4.51
C GLU A 15 -5.34 -5.93 3.11
N GLY A 16 -5.48 -4.73 2.60
CA GLY A 16 -4.96 -4.39 1.24
C GLY A 16 -6.12 -3.81 0.43
N LYS A 17 -6.96 -3.03 1.07
CA LYS A 17 -8.15 -2.45 0.36
C LYS A 17 -8.42 -1.01 0.85
N PRO A 18 -8.36 -0.77 2.14
CA PRO A 18 -8.63 0.56 2.73
C PRO A 18 -7.36 1.33 3.09
N MET A 19 -7.24 2.58 2.67
CA MET A 19 -6.02 3.38 3.01
C MET A 19 -6.44 4.51 3.96
N ILE A 20 -5.61 4.84 4.92
CA ILE A 20 -5.94 5.93 5.87
C ILE A 20 -5.17 7.18 5.49
N SER A 21 -5.84 8.30 5.39
CA SER A 21 -5.13 9.57 5.03
C SER A 21 -4.93 10.37 6.32
N LEU A 22 -3.76 10.30 6.90
CA LEU A 22 -3.52 11.07 8.14
C LEU A 22 -3.54 12.56 7.79
N VAL A 23 -3.70 12.88 6.54
CA VAL A 23 -3.75 14.31 6.15
C VAL A 23 -4.94 14.94 6.89
N ASP A 24 -6.07 14.25 6.90
CA ASP A 24 -7.27 14.76 7.62
C ASP A 24 -7.73 13.68 8.60
N GLY A 25 -7.11 12.53 8.56
CA GLY A 25 -7.49 11.42 9.49
C GLY A 25 -8.77 10.77 8.96
N GLU A 26 -9.14 11.10 7.76
CA GLU A 26 -10.38 10.52 7.18
C GLU A 26 -10.14 9.07 6.74
N GLU A 27 -11.10 8.21 6.97
CA GLU A 27 -10.96 6.78 6.55
C GLU A 27 -11.43 6.67 5.11
N ILE A 28 -10.69 6.00 4.25
CA ILE A 28 -11.09 5.90 2.81
C ILE A 28 -11.22 4.42 2.39
N LYS A 29 -12.24 3.73 2.82
CA LYS A 29 -12.35 2.30 2.40
C LYS A 29 -12.58 2.23 0.89
N GLY A 30 -11.59 1.79 0.17
CA GLY A 30 -11.67 1.70 -1.32
C GLY A 30 -10.41 2.33 -1.92
N THR A 31 -9.35 2.36 -1.15
CA THR A 31 -8.07 2.94 -1.63
C THR A 31 -6.93 1.97 -1.28
N VAL A 32 -6.01 1.76 -2.19
CA VAL A 32 -4.87 0.81 -1.93
C VAL A 32 -3.53 1.55 -2.03
N TYR A 33 -2.94 1.86 -0.91
CA TYR A 33 -1.63 2.59 -0.88
C TYR A 33 -1.63 3.69 -1.94
N LEU A 34 -2.78 4.09 -2.44
CA LEU A 34 -2.82 5.15 -3.48
C LEU A 34 -3.03 6.51 -2.83
N GLY A 35 -2.27 7.49 -3.25
CA GLY A 35 -2.40 8.86 -2.67
C GLY A 35 -1.18 9.18 -1.80
N ASP A 36 -0.11 8.43 -1.96
CA ASP A 36 1.12 8.69 -1.14
C ASP A 36 2.37 8.54 -2.02
N GLY A 37 2.70 7.35 -2.42
CA GLY A 37 3.92 7.15 -3.26
C GLY A 37 4.15 5.66 -3.45
N TRP A 38 3.10 4.90 -3.49
CA TRP A 38 3.23 3.44 -3.65
C TRP A 38 4.12 3.12 -4.86
N SER A 39 4.73 1.97 -4.84
CA SER A 39 5.58 1.55 -5.99
C SER A 39 5.59 0.02 -6.01
N ALA A 40 5.36 -0.61 -7.14
CA ALA A 40 5.34 -2.10 -7.16
C ALA A 40 5.77 -2.60 -8.55
N LYS A 41 5.84 -3.88 -8.74
CA LYS A 41 6.25 -4.43 -10.06
C LYS A 41 5.78 -5.88 -10.14
N LYS A 42 5.65 -6.44 -11.32
CA LYS A 42 5.17 -7.86 -11.43
C LYS A 42 6.37 -8.80 -11.63
N ASP A 43 6.64 -9.67 -10.68
CA ASP A 43 7.81 -10.60 -10.82
C ASP A 43 7.34 -11.95 -11.37
N GLY A 44 6.06 -12.13 -11.48
CA GLY A 44 5.53 -13.43 -12.00
C GLY A 44 4.22 -13.74 -11.30
N ALA A 45 4.18 -14.77 -10.51
CA ALA A 45 2.92 -15.11 -9.80
C ALA A 45 2.87 -14.37 -8.46
N THR A 46 3.93 -13.68 -8.11
CA THR A 46 3.98 -12.92 -6.82
C THR A 46 4.26 -11.45 -7.10
N ILE A 47 3.51 -10.58 -6.49
CA ILE A 47 3.70 -9.11 -6.71
C ILE A 47 4.58 -8.51 -5.59
N VAL A 48 5.43 -7.57 -5.94
CA VAL A 48 6.28 -6.89 -4.92
C VAL A 48 5.75 -5.45 -4.77
N ILE A 49 5.33 -5.10 -3.60
CA ILE A 49 4.73 -3.73 -3.37
C ILE A 49 5.35 -3.08 -2.14
N SER A 50 5.55 -1.78 -2.15
CA SER A 50 6.07 -1.07 -0.97
C SER A 50 4.97 -0.07 -0.58
N PRO A 51 4.43 -0.15 0.63
CA PRO A 51 3.31 0.75 1.05
C PRO A 51 3.42 2.13 0.41
N ALA A 52 4.13 3.05 1.01
CA ALA A 52 4.29 4.40 0.39
C ALA A 52 5.65 4.44 -0.30
N GLU A 53 6.62 3.80 0.31
CA GLU A 53 8.01 3.83 -0.25
C GLU A 53 8.87 2.74 0.42
N GLU A 54 10.17 2.85 0.30
CA GLU A 54 11.09 1.87 0.93
C GLU A 54 12.53 2.35 0.72
N THR A 55 13.24 2.65 1.79
CA THR A 55 14.64 3.16 1.65
C THR A 55 15.59 2.35 2.56
N ALA A 56 15.40 1.05 2.62
CA ALA A 56 16.30 0.21 3.47
C ALA A 56 15.97 0.41 4.96
N LEU A 57 15.45 1.54 5.32
CA LEU A 57 15.10 1.79 6.74
C LEU A 57 13.65 1.34 6.99
N PHE A 58 13.02 0.84 5.97
CA PHE A 58 11.61 0.36 6.09
C PHE A 58 11.57 -1.10 5.60
N LYS A 59 10.42 -1.58 5.19
CA LYS A 59 10.34 -3.01 4.73
C LYS A 59 9.42 -3.14 3.51
N ALA A 60 9.60 -4.19 2.77
CA ALA A 60 8.76 -4.44 1.56
C ALA A 60 7.48 -5.18 1.97
N LYS A 61 6.57 -5.35 1.06
CA LYS A 61 5.30 -6.09 1.39
C LYS A 61 4.95 -7.00 0.22
N HIS A 62 4.88 -8.28 0.46
CA HIS A 62 4.57 -9.24 -0.65
C HIS A 62 3.05 -9.33 -0.84
N ILE A 63 2.64 -9.99 -1.90
CA ILE A 63 1.18 -10.20 -2.15
C ILE A 63 1.04 -11.36 -3.14
N SER A 64 0.39 -12.42 -2.76
CA SER A 64 0.24 -13.54 -3.70
C SER A 64 -0.52 -13.04 -4.93
N ALA A 65 -0.32 -13.66 -6.07
CA ALA A 65 -1.06 -13.20 -7.27
C ALA A 65 -2.57 -13.19 -6.93
N ALA A 66 -3.08 -14.19 -6.29
CA ALA A 66 -4.53 -14.19 -5.95
C ALA A 66 -4.87 -12.90 -5.20
N HIS A 67 -4.05 -12.51 -4.26
CA HIS A 67 -4.34 -11.26 -3.52
C HIS A 67 -4.28 -10.07 -4.49
N LEU A 68 -3.52 -10.18 -5.55
CA LEU A 68 -3.46 -9.07 -6.54
C LEU A 68 -4.87 -8.86 -7.08
N LYS A 69 -5.64 -9.92 -7.17
CA LYS A 69 -7.04 -9.78 -7.66
C LYS A 69 -7.79 -8.84 -6.71
N ILE A 70 -7.56 -8.94 -5.42
CA ILE A 70 -8.27 -8.03 -4.47
C ILE A 70 -7.97 -6.57 -4.83
N ILE A 71 -6.80 -6.25 -5.27
CA ILE A 71 -6.51 -4.82 -5.60
C ILE A 71 -7.49 -4.34 -6.68
N ALA A 72 -7.78 -5.15 -7.66
CA ALA A 72 -8.73 -4.73 -8.73
C ALA A 72 -10.18 -4.77 -8.21
N LYS A 73 -10.47 -5.63 -7.28
CA LYS A 73 -11.86 -5.76 -6.75
C LYS A 73 -12.23 -4.50 -5.93
N ASN A 74 -11.42 -4.21 -4.96
CA ASN A 74 -11.71 -3.07 -4.05
C ASN A 74 -11.83 -1.74 -4.82
N LEU A 75 -10.91 -1.42 -5.68
CA LEU A 75 -11.02 -0.13 -6.40
C LEU A 75 -12.20 -0.18 -7.38
N LEU A 76 -12.38 -1.30 -8.03
CA LEU A 76 -13.49 -1.42 -9.01
C LEU A 76 -13.85 -2.89 -9.23
N ALA A 1 11.91 10.33 6.86
CA ALA A 1 11.70 11.35 5.80
C ALA A 1 10.39 12.10 6.04
N THR A 2 9.27 11.42 5.88
CA THR A 2 7.91 12.04 6.11
C THR A 2 6.89 11.27 5.28
N LEU A 3 6.95 11.38 3.98
CA LEU A 3 5.97 10.65 3.13
C LEU A 3 6.15 9.17 3.43
N THR A 4 7.37 8.74 3.53
CA THR A 4 7.64 7.30 3.82
C THR A 4 7.44 7.04 5.31
N SER A 5 8.04 7.83 6.15
CA SER A 5 7.91 7.57 7.61
C SER A 5 6.47 7.75 8.11
N GLU A 6 5.85 8.87 7.81
CA GLU A 6 4.48 9.10 8.33
C GLU A 6 3.41 8.21 7.66
N VAL A 7 3.41 8.09 6.37
CA VAL A 7 2.36 7.25 5.70
C VAL A 7 2.44 5.78 6.13
N ILE A 8 3.63 5.26 6.28
CA ILE A 8 3.74 3.83 6.70
C ILE A 8 3.06 3.66 8.06
N LYS A 9 3.31 4.55 8.98
CA LYS A 9 2.69 4.42 10.32
C LYS A 9 1.16 4.42 10.19
N ALA A 10 0.63 5.25 9.33
CA ALA A 10 -0.86 5.29 9.19
C ALA A 10 -1.39 3.92 8.76
N ASN A 11 -0.74 3.25 7.85
CA ASN A 11 -1.24 1.91 7.41
C ASN A 11 -1.53 1.04 8.62
N LYS A 12 -0.63 0.15 8.98
CA LYS A 12 -0.84 -0.76 10.16
C LYS A 12 -2.32 -1.10 10.33
N GLY A 13 -2.80 -2.11 9.64
CA GLY A 13 -4.25 -2.49 9.74
C GLY A 13 -4.78 -2.71 8.34
N ARG A 14 -3.98 -2.39 7.36
CA ARG A 14 -4.42 -2.59 5.95
C ARG A 14 -4.71 -4.05 5.71
N GLU A 15 -5.66 -4.35 4.87
CA GLU A 15 -5.99 -5.78 4.56
C GLU A 15 -6.12 -5.92 3.04
N GLY A 16 -6.03 -4.83 2.31
CA GLY A 16 -6.17 -4.90 0.82
C GLY A 16 -7.45 -4.17 0.44
N LYS A 17 -7.82 -3.16 1.19
CA LYS A 17 -9.06 -2.40 0.87
C LYS A 17 -9.21 -1.16 1.77
N PRO A 18 -8.83 -1.21 3.03
CA PRO A 18 -8.97 -0.07 3.96
C PRO A 18 -7.69 0.77 4.11
N MET A 19 -7.68 1.96 3.57
CA MET A 19 -6.47 2.86 3.68
C MET A 19 -6.89 4.18 4.33
N ILE A 20 -6.17 4.63 5.33
CA ILE A 20 -6.52 5.93 6.00
C ILE A 20 -5.55 7.02 5.59
N SER A 21 -6.05 8.16 5.21
CA SER A 21 -5.17 9.29 4.83
C SER A 21 -4.99 10.20 6.05
N LEU A 22 -3.87 10.09 6.72
CA LEU A 22 -3.66 10.93 7.93
C LEU A 22 -3.64 12.40 7.55
N VAL A 23 -3.82 12.70 6.29
CA VAL A 23 -3.81 14.13 5.88
C VAL A 23 -4.93 14.86 6.62
N ASP A 24 -6.10 14.26 6.67
CA ASP A 24 -7.24 14.88 7.40
C ASP A 24 -7.99 13.78 8.17
N GLY A 25 -7.41 12.61 8.26
CA GLY A 25 -8.08 11.50 8.98
C GLY A 25 -9.35 11.09 8.24
N GLU A 26 -9.25 10.16 7.32
CA GLU A 26 -10.46 9.71 6.56
C GLU A 26 -10.33 8.22 6.21
N GLU A 27 -11.40 7.47 6.36
CA GLU A 27 -11.34 6.02 6.01
C GLU A 27 -11.69 5.88 4.52
N ILE A 28 -10.89 5.16 3.78
CA ILE A 28 -11.16 5.01 2.30
C ILE A 28 -11.23 3.51 1.92
N LYS A 29 -12.32 2.86 2.22
CA LYS A 29 -12.43 1.41 1.86
C LYS A 29 -12.50 1.24 0.35
N GLY A 30 -11.73 2.01 -0.36
CA GLY A 30 -11.71 1.92 -1.85
C GLY A 30 -10.32 2.32 -2.31
N THR A 31 -9.36 2.18 -1.43
CA THR A 31 -7.97 2.57 -1.76
C THR A 31 -6.99 1.64 -1.03
N VAL A 32 -5.84 1.41 -1.61
CA VAL A 32 -4.80 0.55 -0.97
C VAL A 32 -3.45 1.25 -1.07
N TYR A 33 -2.98 1.80 0.01
CA TYR A 33 -1.66 2.52 0.01
C TYR A 33 -1.48 3.34 -1.27
N LEU A 34 -2.56 3.64 -1.97
CA LEU A 34 -2.46 4.46 -3.23
C LEU A 34 -2.90 5.89 -2.92
N GLY A 35 -2.02 6.84 -3.09
CA GLY A 35 -2.37 8.26 -2.80
C GLY A 35 -1.24 8.89 -1.98
N ASP A 36 -0.04 8.41 -2.17
CA ASP A 36 1.13 8.96 -1.41
C ASP A 36 2.41 8.69 -2.18
N GLY A 37 2.62 7.48 -2.59
CA GLY A 37 3.87 7.16 -3.34
C GLY A 37 3.93 5.66 -3.62
N TRP A 38 2.81 5.02 -3.81
CA TRP A 38 2.80 3.56 -4.07
C TRP A 38 3.89 3.20 -5.06
N SER A 39 4.50 2.06 -4.90
CA SER A 39 5.57 1.63 -5.85
C SER A 39 5.54 0.11 -5.91
N ALA A 40 5.58 -0.49 -7.07
CA ALA A 40 5.52 -1.97 -7.11
C ALA A 40 5.84 -2.45 -8.52
N LYS A 41 6.01 -3.73 -8.70
CA LYS A 41 6.29 -4.29 -10.04
C LYS A 41 5.73 -5.72 -10.02
N LYS A 42 5.26 -6.24 -11.12
CA LYS A 42 4.70 -7.63 -11.09
C LYS A 42 5.78 -8.62 -11.52
N ASP A 43 5.90 -9.71 -10.80
CA ASP A 43 6.93 -10.74 -11.13
C ASP A 43 6.24 -12.00 -11.67
N GLY A 44 4.94 -12.05 -11.60
CA GLY A 44 4.21 -13.24 -12.11
C GLY A 44 4.05 -14.27 -10.98
N ALA A 45 2.87 -14.37 -10.42
CA ALA A 45 2.60 -15.34 -9.31
C ALA A 45 2.97 -14.71 -7.96
N THR A 46 3.44 -13.49 -7.95
CA THR A 46 3.77 -12.81 -6.66
C THR A 46 4.08 -11.35 -6.95
N ILE A 47 3.29 -10.44 -6.43
CA ILE A 47 3.55 -9.00 -6.70
C ILE A 47 4.45 -8.41 -5.61
N VAL A 48 5.43 -7.62 -6.01
CA VAL A 48 6.33 -6.97 -4.99
C VAL A 48 5.86 -5.53 -4.82
N ILE A 49 5.49 -5.13 -3.63
CA ILE A 49 4.99 -3.74 -3.45
C ILE A 49 5.33 -3.19 -2.07
N SER A 50 5.54 -1.90 -2.00
CA SER A 50 5.81 -1.23 -0.71
C SER A 50 4.69 -0.20 -0.55
N PRO A 51 4.23 0.07 0.65
CA PRO A 51 3.11 1.01 0.86
C PRO A 51 3.36 2.37 0.21
N ALA A 52 4.05 3.25 0.87
CA ALA A 52 4.32 4.59 0.26
C ALA A 52 5.68 4.58 -0.45
N GLU A 53 6.65 3.95 0.12
CA GLU A 53 8.01 3.92 -0.50
C GLU A 53 8.79 2.74 0.06
N GLU A 54 10.08 2.73 -0.10
CA GLU A 54 10.89 1.61 0.46
C GLU A 54 12.38 1.97 0.46
N THR A 55 12.90 2.37 1.59
CA THR A 55 14.35 2.72 1.68
C THR A 55 14.95 2.00 2.88
N ALA A 56 16.22 1.69 2.83
CA ALA A 56 16.92 0.94 3.94
C ALA A 56 16.27 1.18 5.32
N LEU A 57 15.67 2.31 5.54
CA LEU A 57 15.05 2.58 6.87
C LEU A 57 13.63 1.98 6.92
N PHE A 58 13.22 1.33 5.86
CA PHE A 58 11.85 0.72 5.81
C PHE A 58 11.94 -0.68 5.19
N LYS A 59 10.84 -1.21 4.72
CA LYS A 59 10.88 -2.59 4.13
C LYS A 59 9.81 -2.78 3.05
N ALA A 60 9.91 -3.87 2.32
CA ALA A 60 8.93 -4.19 1.24
C ALA A 60 7.82 -5.09 1.81
N LYS A 61 6.83 -5.39 1.02
CA LYS A 61 5.72 -6.29 1.47
C LYS A 61 5.40 -7.25 0.32
N HIS A 62 5.25 -8.52 0.59
CA HIS A 62 4.98 -9.50 -0.51
C HIS A 62 3.48 -9.79 -0.66
N ILE A 63 2.89 -9.30 -1.72
CA ILE A 63 1.43 -9.55 -1.97
C ILE A 63 1.29 -10.84 -2.77
N SER A 64 0.43 -11.72 -2.37
CA SER A 64 0.24 -12.99 -3.15
C SER A 64 -0.50 -12.65 -4.44
N ALA A 65 -0.41 -13.48 -5.44
CA ALA A 65 -1.14 -13.18 -6.69
C ALA A 65 -2.63 -13.10 -6.39
N ALA A 66 -3.20 -14.06 -5.72
CA ALA A 66 -4.65 -13.98 -5.42
C ALA A 66 -4.93 -12.66 -4.70
N HIS A 67 -4.08 -12.27 -3.80
CA HIS A 67 -4.29 -10.98 -3.08
C HIS A 67 -4.32 -9.84 -4.10
N LEU A 68 -3.55 -9.95 -5.16
CA LEU A 68 -3.55 -8.86 -6.19
C LEU A 68 -4.96 -8.71 -6.75
N LYS A 69 -5.67 -9.80 -6.89
CA LYS A 69 -7.05 -9.73 -7.43
C LYS A 69 -7.91 -8.85 -6.52
N ILE A 70 -7.69 -8.91 -5.24
CA ILE A 70 -8.48 -8.06 -4.31
C ILE A 70 -8.25 -6.59 -4.66
N ILE A 71 -7.05 -6.22 -4.98
CA ILE A 71 -6.78 -4.80 -5.33
C ILE A 71 -7.63 -4.40 -6.54
N ALA A 72 -7.78 -5.25 -7.50
CA ALA A 72 -8.62 -4.88 -8.69
C ALA A 72 -10.07 -4.68 -8.25
N LYS A 73 -10.57 -5.50 -7.36
CA LYS A 73 -12.00 -5.33 -6.94
C LYS A 73 -12.17 -3.93 -6.32
N ASN A 74 -11.26 -3.55 -5.48
CA ASN A 74 -11.36 -2.24 -4.79
C ASN A 74 -11.00 -1.07 -5.72
N LEU A 75 -9.74 -0.91 -6.05
CA LEU A 75 -9.32 0.25 -6.91
C LEU A 75 -9.98 0.20 -8.30
N LEU A 76 -10.07 -0.96 -8.90
CA LEU A 76 -10.70 -1.06 -10.27
C LEU A 76 -12.16 -1.51 -10.14
N ALA A 1 12.39 13.37 4.81
CA ALA A 1 10.92 13.49 4.58
C ALA A 1 10.18 12.60 5.57
N THR A 2 8.95 12.94 5.86
CA THR A 2 8.13 12.13 6.80
C THR A 2 7.00 11.43 6.03
N LEU A 3 6.93 11.66 4.73
CA LEU A 3 5.88 10.99 3.89
C LEU A 3 6.06 9.48 4.00
N THR A 4 7.26 9.03 3.78
CA THR A 4 7.54 7.58 3.85
C THR A 4 7.24 7.04 5.25
N SER A 5 7.77 7.65 6.28
CA SER A 5 7.54 7.14 7.67
C SER A 5 6.07 7.32 8.10
N GLU A 6 5.46 8.44 7.82
CA GLU A 6 4.06 8.65 8.25
C GLU A 6 3.06 7.77 7.49
N VAL A 7 3.23 7.59 6.21
CA VAL A 7 2.23 6.78 5.45
C VAL A 7 2.39 5.28 5.73
N ILE A 8 3.60 4.78 5.76
CA ILE A 8 3.80 3.32 5.99
C ILE A 8 3.21 2.89 7.36
N LYS A 9 3.57 3.55 8.42
CA LYS A 9 3.04 3.16 9.77
C LYS A 9 1.52 3.36 9.83
N ALA A 10 1.03 4.41 9.22
CA ALA A 10 -0.44 4.67 9.25
C ALA A 10 -1.24 3.55 8.55
N ASN A 11 -0.74 3.03 7.46
CA ASN A 11 -1.51 1.96 6.72
C ASN A 11 -1.16 0.57 7.26
N LYS A 12 -0.17 0.45 8.09
CA LYS A 12 0.18 -0.89 8.64
C LYS A 12 -0.97 -1.37 9.53
N GLY A 13 -1.41 -2.59 9.34
CA GLY A 13 -2.52 -3.12 10.18
C GLY A 13 -3.06 -4.41 9.57
N ARG A 14 -3.32 -4.42 8.30
CA ARG A 14 -3.84 -5.65 7.66
C ARG A 14 -3.82 -5.51 6.14
N GLU A 15 -4.20 -6.56 5.46
CA GLU A 15 -4.23 -6.58 3.98
C GLU A 15 -4.63 -5.20 3.45
N GLY A 16 -3.98 -4.77 2.43
CA GLY A 16 -4.28 -3.42 1.91
C GLY A 16 -5.73 -3.32 1.47
N LYS A 17 -6.57 -2.81 2.32
CA LYS A 17 -8.02 -2.63 1.98
C LYS A 17 -8.50 -1.27 2.49
N PRO A 18 -8.19 -0.90 3.71
CA PRO A 18 -8.58 0.39 4.29
C PRO A 18 -7.40 1.36 4.26
N MET A 19 -7.59 2.58 3.81
CA MET A 19 -6.46 3.56 3.75
C MET A 19 -6.85 4.84 4.49
N ILE A 20 -6.03 5.29 5.41
CA ILE A 20 -6.33 6.55 6.17
C ILE A 20 -5.38 7.65 5.75
N SER A 21 -5.91 8.81 5.50
CA SER A 21 -5.06 9.95 5.07
C SER A 21 -4.67 10.77 6.31
N LEU A 22 -3.47 10.61 6.81
CA LEU A 22 -3.06 11.39 8.03
C LEU A 22 -3.05 12.89 7.70
N VAL A 23 -3.16 13.24 6.45
CA VAL A 23 -3.15 14.67 6.07
C VAL A 23 -4.33 15.37 6.76
N ASP A 24 -5.46 14.71 6.80
CA ASP A 24 -6.66 15.29 7.47
C ASP A 24 -7.33 14.19 8.29
N GLY A 25 -6.71 13.04 8.35
CA GLY A 25 -7.29 11.91 9.15
C GLY A 25 -8.70 11.59 8.63
N GLU A 26 -8.81 10.73 7.66
CA GLU A 26 -10.15 10.35 7.12
C GLU A 26 -10.12 8.86 6.75
N GLU A 27 -11.15 8.14 7.06
CA GLU A 27 -11.18 6.68 6.70
C GLU A 27 -11.61 6.57 5.24
N ILE A 28 -10.87 5.85 4.44
CA ILE A 28 -11.22 5.73 2.98
C ILE A 28 -11.27 4.26 2.58
N LYS A 29 -12.30 3.56 2.98
CA LYS A 29 -12.38 2.13 2.59
C LYS A 29 -12.67 2.06 1.09
N GLY A 30 -11.70 1.65 0.34
CA GLY A 30 -11.84 1.55 -1.14
C GLY A 30 -10.62 2.18 -1.80
N THR A 31 -9.52 2.20 -1.06
CA THR A 31 -8.25 2.77 -1.59
C THR A 31 -7.10 1.93 -1.04
N VAL A 32 -6.03 1.81 -1.79
CA VAL A 32 -4.85 1.02 -1.33
C VAL A 32 -3.61 1.89 -1.49
N TYR A 33 -3.03 2.32 -0.40
CA TYR A 33 -1.80 3.17 -0.48
C TYR A 33 -1.98 4.21 -1.60
N LEU A 34 -3.20 4.50 -1.98
CA LEU A 34 -3.47 5.47 -3.09
C LEU A 34 -3.64 6.88 -2.50
N GLY A 35 -2.99 7.85 -3.09
CA GLY A 35 -3.09 9.25 -2.59
C GLY A 35 -1.82 9.58 -1.81
N ASP A 36 -0.76 8.83 -2.03
CA ASP A 36 0.52 9.08 -1.30
C ASP A 36 1.69 8.81 -2.24
N GLY A 37 1.86 7.59 -2.65
CA GLY A 37 2.98 7.25 -3.59
C GLY A 37 3.01 5.75 -3.73
N TRP A 38 1.99 5.20 -4.33
CA TRP A 38 1.94 3.73 -4.50
C TRP A 38 2.92 3.31 -5.60
N SER A 39 3.39 2.10 -5.53
CA SER A 39 4.32 1.61 -6.59
C SER A 39 4.23 0.09 -6.61
N ALA A 40 4.44 -0.54 -7.74
CA ALA A 40 4.33 -2.03 -7.80
C ALA A 40 5.44 -2.61 -8.67
N LYS A 41 5.57 -3.89 -8.66
CA LYS A 41 6.61 -4.56 -9.47
C LYS A 41 6.23 -6.05 -9.49
N LYS A 42 5.79 -6.59 -10.59
CA LYS A 42 5.37 -8.04 -10.59
C LYS A 42 6.55 -8.92 -10.96
N ASP A 43 6.85 -9.89 -10.13
CA ASP A 43 8.00 -10.82 -10.40
C ASP A 43 7.51 -12.22 -10.79
N GLY A 44 6.22 -12.42 -10.85
CA GLY A 44 5.69 -13.78 -11.21
C GLY A 44 4.39 -14.05 -10.46
N ALA A 45 4.37 -15.06 -9.62
CA ALA A 45 3.12 -15.38 -8.88
C ALA A 45 3.05 -14.55 -7.60
N THR A 46 4.12 -13.86 -7.27
CA THR A 46 4.14 -13.02 -6.03
C THR A 46 4.38 -11.56 -6.41
N ILE A 47 3.55 -10.67 -5.94
CA ILE A 47 3.71 -9.22 -6.29
C ILE A 47 4.54 -8.49 -5.22
N VAL A 48 5.38 -7.60 -5.66
CA VAL A 48 6.21 -6.79 -4.72
C VAL A 48 5.68 -5.37 -4.78
N ILE A 49 5.24 -4.86 -3.66
CA ILE A 49 4.65 -3.48 -3.62
C ILE A 49 5.42 -2.60 -2.66
N SER A 50 5.16 -1.31 -2.68
CA SER A 50 5.85 -0.38 -1.76
C SER A 50 4.76 0.63 -1.37
N PRO A 51 4.15 0.49 -0.20
CA PRO A 51 3.04 1.40 0.23
C PRO A 51 3.21 2.81 -0.32
N ALA A 52 4.05 3.59 0.30
CA ALA A 52 4.28 4.98 -0.21
C ALA A 52 5.62 4.98 -0.94
N GLU A 53 6.58 4.30 -0.37
CA GLU A 53 7.94 4.25 -0.98
C GLU A 53 8.65 2.98 -0.51
N GLU A 54 9.94 2.92 -0.70
CA GLU A 54 10.71 1.73 -0.25
C GLU A 54 12.21 2.00 -0.41
N THR A 55 12.88 2.26 0.68
CA THR A 55 14.36 2.51 0.64
C THR A 55 15.03 1.62 1.67
N ALA A 56 16.23 1.20 1.41
CA ALA A 56 16.96 0.30 2.36
C ALA A 56 16.61 0.61 3.82
N LEU A 57 16.19 1.81 4.13
CA LEU A 57 15.84 2.15 5.54
C LEU A 57 14.41 1.65 5.84
N PHE A 58 13.79 1.01 4.89
CA PHE A 58 12.41 0.49 5.07
C PHE A 58 12.30 -0.90 4.41
N LYS A 59 11.11 -1.36 4.11
CA LYS A 59 10.97 -2.73 3.49
C LYS A 59 9.75 -2.78 2.55
N ALA A 60 9.77 -3.68 1.60
CA ALA A 60 8.63 -3.83 0.64
C ALA A 60 7.51 -4.64 1.31
N LYS A 61 6.40 -4.82 0.63
CA LYS A 61 5.27 -5.61 1.19
C LYS A 61 4.91 -6.69 0.17
N HIS A 62 4.76 -7.92 0.59
CA HIS A 62 4.44 -9.00 -0.39
C HIS A 62 2.92 -9.12 -0.56
N ILE A 63 2.50 -9.89 -1.54
CA ILE A 63 1.04 -10.11 -1.79
C ILE A 63 0.92 -11.33 -2.72
N SER A 64 0.20 -12.34 -2.32
CA SER A 64 0.09 -13.52 -3.21
C SER A 64 -0.53 -13.07 -4.53
N ALA A 65 -0.25 -13.76 -5.61
CA ALA A 65 -0.84 -13.34 -6.91
C ALA A 65 -2.37 -13.23 -6.75
N ALA A 66 -3.03 -14.20 -6.18
CA ALA A 66 -4.51 -14.09 -6.02
C ALA A 66 -4.82 -12.85 -5.19
N HIS A 67 -4.05 -12.60 -4.18
CA HIS A 67 -4.32 -11.39 -3.37
C HIS A 67 -4.22 -10.18 -4.29
N LEU A 68 -3.45 -10.25 -5.34
CA LEU A 68 -3.37 -9.10 -6.28
C LEU A 68 -4.79 -8.84 -6.82
N LYS A 69 -5.57 -9.87 -6.95
CA LYS A 69 -6.96 -9.67 -7.43
C LYS A 69 -7.70 -8.74 -6.46
N ILE A 70 -7.46 -8.88 -5.18
CA ILE A 70 -8.15 -7.99 -4.20
C ILE A 70 -7.90 -6.54 -4.59
N ILE A 71 -6.72 -6.23 -5.03
CA ILE A 71 -6.40 -4.83 -5.42
C ILE A 71 -7.30 -4.37 -6.57
N ALA A 72 -7.55 -5.22 -7.54
CA ALA A 72 -8.40 -4.80 -8.70
C ALA A 72 -9.87 -4.59 -8.27
N LYS A 73 -10.48 -5.54 -7.62
CA LYS A 73 -11.91 -5.36 -7.24
C LYS A 73 -12.09 -4.14 -6.32
N ASN A 74 -11.17 -3.91 -5.43
CA ASN A 74 -11.31 -2.78 -4.47
C ASN A 74 -11.34 -1.42 -5.19
N LEU A 75 -10.27 -1.04 -5.84
CA LEU A 75 -10.23 0.29 -6.52
C LEU A 75 -11.19 0.32 -7.72
N LEU A 76 -11.17 -0.69 -8.55
CA LEU A 76 -12.07 -0.72 -9.74
C LEU A 76 -13.46 -1.24 -9.33
N ALA A 1 11.54 13.93 3.89
CA ALA A 1 10.43 13.20 3.24
C ALA A 1 9.54 12.53 4.30
N THR A 2 8.40 13.11 4.58
CA THR A 2 7.50 12.51 5.63
C THR A 2 6.42 11.66 4.95
N LEU A 3 6.38 11.69 3.65
CA LEU A 3 5.35 10.90 2.92
C LEU A 3 5.54 9.42 3.26
N THR A 4 6.76 8.97 3.32
CA THR A 4 7.00 7.55 3.67
C THR A 4 6.90 7.37 5.19
N SER A 5 7.48 8.25 5.94
CA SER A 5 7.44 8.08 7.43
C SER A 5 6.00 8.07 7.96
N GLU A 6 5.22 9.07 7.64
CA GLU A 6 3.80 9.14 8.16
C GLU A 6 2.90 8.07 7.51
N VAL A 7 3.00 7.87 6.23
CA VAL A 7 2.09 6.88 5.58
C VAL A 7 2.34 5.47 6.10
N ILE A 8 3.56 5.07 6.24
CA ILE A 8 3.82 3.69 6.71
C ILE A 8 3.22 3.51 8.12
N LYS A 9 3.52 4.38 9.03
CA LYS A 9 2.98 4.23 10.41
C LYS A 9 1.45 4.15 10.38
N ALA A 10 0.81 4.93 9.56
CA ALA A 10 -0.68 4.90 9.52
C ALA A 10 -1.15 3.49 9.17
N ASN A 11 -0.58 2.89 8.15
CA ASN A 11 -1.02 1.51 7.76
C ASN A 11 -0.03 0.49 8.33
N LYS A 12 1.18 0.47 7.81
CA LYS A 12 2.22 -0.47 8.31
C LYS A 12 1.79 -1.93 8.14
N GLY A 13 1.87 -2.47 6.96
CA GLY A 13 1.48 -3.90 6.77
C GLY A 13 -0.03 -4.07 6.89
N ARG A 14 -0.79 -3.06 6.60
CA ARG A 14 -2.26 -3.22 6.70
C ARG A 14 -2.69 -4.31 5.74
N GLU A 15 -2.36 -4.16 4.48
CA GLU A 15 -2.79 -5.19 3.48
C GLU A 15 -4.28 -5.41 3.66
N GLY A 16 -5.10 -4.61 3.03
CA GLY A 16 -6.55 -4.78 3.21
C GLY A 16 -7.33 -4.09 2.08
N LYS A 17 -8.06 -3.06 2.42
CA LYS A 17 -8.89 -2.35 1.39
C LYS A 17 -9.08 -0.86 1.72
N PRO A 18 -9.18 -0.49 2.99
CA PRO A 18 -9.39 0.93 3.38
C PRO A 18 -8.11 1.65 3.79
N MET A 19 -7.95 2.89 3.39
CA MET A 19 -6.73 3.69 3.75
C MET A 19 -7.16 4.93 4.54
N ILE A 20 -6.45 5.27 5.59
CA ILE A 20 -6.81 6.49 6.39
C ILE A 20 -5.79 7.60 6.12
N SER A 21 -6.26 8.78 5.86
CA SER A 21 -5.34 9.91 5.60
C SER A 21 -5.10 10.66 6.91
N LEU A 22 -3.99 10.41 7.55
CA LEU A 22 -3.72 11.11 8.85
C LEU A 22 -3.54 12.60 8.60
N VAL A 23 -3.44 12.99 7.37
CA VAL A 23 -3.28 14.44 7.06
C VAL A 23 -4.51 15.16 7.62
N ASP A 24 -5.67 14.55 7.46
CA ASP A 24 -6.93 15.13 8.00
C ASP A 24 -7.71 14.05 8.77
N GLY A 25 -7.20 12.84 8.77
CA GLY A 25 -7.90 11.73 9.46
C GLY A 25 -9.23 11.46 8.77
N GLU A 26 -9.23 10.65 7.73
CA GLU A 26 -10.51 10.34 7.01
C GLU A 26 -10.51 8.88 6.56
N GLU A 27 -11.61 8.20 6.75
CA GLU A 27 -11.69 6.78 6.31
C GLU A 27 -12.03 6.76 4.82
N ILE A 28 -11.22 6.10 4.01
CA ILE A 28 -11.48 6.07 2.52
C ILE A 28 -11.61 4.61 2.05
N LYS A 29 -12.71 3.97 2.36
CA LYS A 29 -12.89 2.55 1.93
C LYS A 29 -12.72 2.42 0.42
N GLY A 30 -11.73 1.68 -0.01
CA GLY A 30 -11.49 1.49 -1.46
C GLY A 30 -10.06 1.94 -1.79
N THR A 31 -9.20 1.89 -0.81
CA THR A 31 -7.78 2.30 -1.04
C THR A 31 -6.84 1.29 -0.38
N VAL A 32 -5.76 0.97 -1.05
CA VAL A 32 -4.75 0.03 -0.48
C VAL A 32 -3.42 0.78 -0.46
N TYR A 33 -3.05 1.32 0.68
CA TYR A 33 -1.78 2.15 0.78
C TYR A 33 -1.67 3.02 -0.48
N LEU A 34 -2.80 3.35 -1.07
CA LEU A 34 -2.82 4.17 -2.32
C LEU A 34 -3.06 5.65 -1.99
N GLY A 35 -2.29 6.52 -2.62
CA GLY A 35 -2.46 8.00 -2.38
C GLY A 35 -1.20 8.56 -1.73
N ASP A 36 -0.06 8.07 -2.09
CA ASP A 36 1.19 8.57 -1.46
C ASP A 36 2.40 8.27 -2.36
N GLY A 37 2.97 7.09 -2.27
CA GLY A 37 4.15 6.75 -3.13
C GLY A 37 4.11 5.26 -3.45
N TRP A 38 2.95 4.69 -3.45
CA TRP A 38 2.82 3.24 -3.75
C TRP A 38 3.68 2.85 -4.95
N SER A 39 4.19 1.66 -4.96
CA SER A 39 5.01 1.18 -6.10
C SER A 39 4.77 -0.33 -6.21
N ALA A 40 4.78 -0.91 -7.38
CA ALA A 40 4.52 -2.38 -7.49
C ALA A 40 5.42 -2.98 -8.56
N LYS A 41 5.54 -4.28 -8.59
CA LYS A 41 6.37 -4.97 -9.62
C LYS A 41 5.77 -6.38 -9.76
N LYS A 42 5.49 -6.86 -10.96
CA LYS A 42 4.89 -8.22 -11.07
C LYS A 42 5.97 -9.23 -11.47
N ASP A 43 6.12 -10.29 -10.71
CA ASP A 43 7.14 -11.33 -11.04
C ASP A 43 6.44 -12.50 -11.74
N GLY A 44 5.15 -12.42 -11.92
CA GLY A 44 4.40 -13.52 -12.61
C GLY A 44 4.05 -14.64 -11.63
N ALA A 45 4.11 -14.37 -10.36
CA ALA A 45 3.75 -15.42 -9.35
C ALA A 45 3.47 -14.71 -8.04
N THR A 46 4.45 -13.98 -7.58
CA THR A 46 4.33 -13.21 -6.31
C THR A 46 4.60 -11.74 -6.66
N ILE A 47 3.77 -10.85 -6.21
CA ILE A 47 3.94 -9.40 -6.54
C ILE A 47 4.74 -8.69 -5.45
N VAL A 48 5.72 -7.91 -5.84
CA VAL A 48 6.55 -7.14 -4.86
C VAL A 48 6.00 -5.72 -4.78
N ILE A 49 5.57 -5.30 -3.62
CA ILE A 49 5.00 -3.93 -3.45
C ILE A 49 5.69 -3.21 -2.30
N SER A 50 5.70 -1.91 -2.30
CA SER A 50 6.29 -1.14 -1.18
C SER A 50 5.17 -0.22 -0.71
N PRO A 51 4.74 -0.30 0.55
CA PRO A 51 3.63 0.55 1.07
C PRO A 51 3.63 1.93 0.38
N ALA A 52 4.37 2.87 0.89
CA ALA A 52 4.45 4.21 0.24
C ALA A 52 5.80 4.31 -0.47
N GLU A 53 6.82 3.75 0.13
CA GLU A 53 8.21 3.82 -0.44
C GLU A 53 9.09 2.77 0.25
N GLU A 54 10.39 2.90 0.14
CA GLU A 54 11.32 1.95 0.82
C GLU A 54 12.75 2.53 0.72
N THR A 55 13.35 2.89 1.84
CA THR A 55 14.72 3.48 1.81
C THR A 55 15.63 2.72 2.77
N ALA A 56 15.52 1.42 2.78
CA ALA A 56 16.37 0.60 3.70
C ALA A 56 15.91 0.81 5.16
N LEU A 57 15.37 1.98 5.46
CA LEU A 57 14.91 2.25 6.86
C LEU A 57 13.51 1.66 7.04
N PHE A 58 12.96 1.13 5.97
CA PHE A 58 11.60 0.51 6.01
C PHE A 58 11.72 -0.91 5.48
N LYS A 59 10.69 -1.45 4.89
CA LYS A 59 10.78 -2.85 4.37
C LYS A 59 9.87 -3.06 3.17
N ALA A 60 10.14 -4.09 2.42
CA ALA A 60 9.30 -4.42 1.22
C ALA A 60 8.07 -5.21 1.66
N LYS A 61 7.17 -5.46 0.75
CA LYS A 61 5.93 -6.23 1.07
C LYS A 61 5.69 -7.27 -0.03
N HIS A 62 4.96 -8.30 0.27
CA HIS A 62 4.68 -9.37 -0.73
C HIS A 62 3.16 -9.47 -0.95
N ILE A 63 2.74 -10.22 -1.92
CA ILE A 63 1.27 -10.41 -2.15
C ILE A 63 1.09 -11.59 -3.09
N SER A 64 0.32 -12.57 -2.73
CA SER A 64 0.14 -13.71 -3.67
C SER A 64 -0.40 -13.13 -4.97
N ALA A 65 -0.11 -13.73 -6.09
CA ALA A 65 -0.62 -13.18 -7.37
C ALA A 65 -2.15 -13.01 -7.26
N ALA A 66 -2.85 -14.00 -6.74
CA ALA A 66 -4.34 -13.87 -6.61
C ALA A 66 -4.68 -12.67 -5.71
N HIS A 67 -3.98 -12.50 -4.63
CA HIS A 67 -4.26 -11.35 -3.74
C HIS A 67 -4.20 -10.07 -4.59
N LEU A 68 -3.43 -10.12 -5.64
CA LEU A 68 -3.32 -8.93 -6.54
C LEU A 68 -4.72 -8.61 -7.07
N LYS A 69 -5.53 -9.61 -7.20
CA LYS A 69 -6.91 -9.39 -7.68
C LYS A 69 -7.68 -8.58 -6.64
N ILE A 70 -7.40 -8.77 -5.38
CA ILE A 70 -8.14 -7.95 -4.35
C ILE A 70 -7.88 -6.47 -4.61
N ILE A 71 -6.71 -6.13 -5.11
CA ILE A 71 -6.40 -4.69 -5.37
C ILE A 71 -7.35 -4.13 -6.45
N ALA A 72 -7.63 -4.88 -7.47
CA ALA A 72 -8.55 -4.37 -8.55
C ALA A 72 -9.99 -4.28 -8.03
N LYS A 73 -10.41 -5.24 -7.27
CA LYS A 73 -11.81 -5.23 -6.74
C LYS A 73 -12.03 -3.97 -5.90
N ASN A 74 -11.13 -3.72 -4.99
CA ASN A 74 -11.26 -2.55 -4.10
C ASN A 74 -11.08 -1.24 -4.87
N LEU A 75 -9.88 -0.93 -5.28
CA LEU A 75 -9.62 0.35 -5.99
C LEU A 75 -10.45 0.42 -7.29
N LEU A 76 -10.42 -0.63 -8.09
CA LEU A 76 -11.21 -0.63 -9.37
C LEU A 76 -12.50 -1.44 -9.18
N ALA A 1 12.40 12.67 4.23
CA ALA A 1 11.00 13.14 4.05
C ALA A 1 10.14 12.44 5.09
N THR A 2 8.92 12.88 5.24
CA THR A 2 8.00 12.25 6.23
C THR A 2 7.00 11.35 5.50
N LEU A 3 7.07 11.32 4.20
CA LEU A 3 6.14 10.47 3.42
C LEU A 3 6.34 9.00 3.85
N THR A 4 7.56 8.60 4.02
CA THR A 4 7.82 7.18 4.41
C THR A 4 7.35 6.92 5.84
N SER A 5 7.73 7.73 6.78
CA SER A 5 7.32 7.46 8.20
C SER A 5 5.82 7.68 8.43
N GLU A 6 5.27 8.78 8.00
CA GLU A 6 3.82 9.06 8.28
C GLU A 6 2.86 8.11 7.52
N VAL A 7 3.11 7.87 6.25
CA VAL A 7 2.16 7.00 5.47
C VAL A 7 2.24 5.56 5.91
N ILE A 8 3.41 5.04 6.07
CA ILE A 8 3.54 3.61 6.48
C ILE A 8 2.87 3.43 7.86
N LYS A 9 3.14 4.31 8.79
CA LYS A 9 2.53 4.15 10.14
C LYS A 9 0.99 4.15 10.01
N ALA A 10 0.46 4.98 9.16
CA ALA A 10 -1.03 5.02 8.99
C ALA A 10 -1.54 3.62 8.67
N ASN A 11 -0.84 2.90 7.84
CA ASN A 11 -1.29 1.52 7.50
C ASN A 11 -0.07 0.74 6.99
N LYS A 12 0.03 -0.52 7.30
CA LYS A 12 1.22 -1.29 6.84
C LYS A 12 0.98 -2.80 6.95
N GLY A 13 1.15 -3.50 5.87
CA GLY A 13 0.95 -4.99 5.88
C GLY A 13 -0.32 -5.36 6.65
N ARG A 14 -1.43 -4.72 6.34
CA ARG A 14 -2.72 -5.04 7.04
C ARG A 14 -3.82 -5.27 6.00
N GLU A 15 -3.74 -6.34 5.25
CA GLU A 15 -4.80 -6.60 4.22
C GLU A 15 -5.05 -5.33 3.39
N GLY A 16 -4.17 -5.01 2.47
CA GLY A 16 -4.36 -3.79 1.63
C GLY A 16 -5.81 -3.65 1.19
N LYS A 17 -6.60 -2.93 1.95
CA LYS A 17 -8.04 -2.73 1.57
C LYS A 17 -8.51 -1.40 2.17
N PRO A 18 -8.22 -1.14 3.43
CA PRO A 18 -8.59 0.11 4.12
C PRO A 18 -7.41 1.10 4.23
N MET A 19 -7.52 2.27 3.65
CA MET A 19 -6.40 3.27 3.72
C MET A 19 -6.91 4.56 4.36
N ILE A 20 -6.20 5.07 5.34
CA ILE A 20 -6.62 6.35 6.00
C ILE A 20 -5.65 7.45 5.58
N SER A 21 -6.17 8.58 5.15
CA SER A 21 -5.26 9.69 4.75
C SER A 21 -5.08 10.63 5.94
N LEU A 22 -3.98 10.48 6.63
CA LEU A 22 -3.71 11.34 7.81
C LEU A 22 -3.69 12.81 7.38
N VAL A 23 -3.64 13.08 6.11
CA VAL A 23 -3.64 14.50 5.66
C VAL A 23 -4.92 15.14 6.18
N ASP A 24 -6.02 14.42 6.10
CA ASP A 24 -7.33 14.93 6.60
C ASP A 24 -7.80 14.00 7.74
N GLY A 25 -7.21 12.85 7.83
CA GLY A 25 -7.59 11.88 8.92
C GLY A 25 -8.89 11.18 8.52
N GLU A 26 -9.32 11.38 7.31
CA GLU A 26 -10.60 10.74 6.86
C GLU A 26 -10.36 9.28 6.49
N GLU A 27 -11.41 8.50 6.53
CA GLU A 27 -11.30 7.04 6.18
C GLU A 27 -11.64 6.85 4.71
N ILE A 28 -10.79 6.17 3.98
CA ILE A 28 -11.03 5.95 2.52
C ILE A 28 -11.10 4.46 2.24
N LYS A 29 -12.21 3.83 2.53
CA LYS A 29 -12.32 2.36 2.27
C LYS A 29 -12.45 2.14 0.77
N GLY A 30 -11.37 1.76 0.15
CA GLY A 30 -11.37 1.52 -1.32
C GLY A 30 -10.07 2.06 -1.90
N THR A 31 -9.05 2.17 -1.09
CA THR A 31 -7.73 2.66 -1.58
C THR A 31 -6.63 1.86 -0.90
N VAL A 32 -5.55 1.65 -1.60
CA VAL A 32 -4.41 0.87 -1.04
C VAL A 32 -3.12 1.67 -1.22
N TYR A 33 -2.57 2.19 -0.14
CA TYR A 33 -1.31 2.99 -0.23
C TYR A 33 -1.39 3.96 -1.42
N LEU A 34 -2.60 4.28 -1.83
CA LEU A 34 -2.80 5.20 -2.99
C LEU A 34 -2.87 6.66 -2.51
N GLY A 35 -2.36 7.58 -3.29
CA GLY A 35 -2.41 9.02 -2.91
C GLY A 35 -1.21 9.39 -2.05
N ASP A 36 -0.19 8.57 -2.06
CA ASP A 36 1.02 8.85 -1.24
C ASP A 36 2.29 8.63 -2.08
N GLY A 37 2.37 7.52 -2.75
CA GLY A 37 3.57 7.24 -3.58
C GLY A 37 3.65 5.74 -3.85
N TRP A 38 2.53 5.11 -4.06
CA TRP A 38 2.54 3.64 -4.31
C TRP A 38 3.54 3.31 -5.41
N SER A 39 4.26 2.24 -5.25
CA SER A 39 5.22 1.80 -6.30
C SER A 39 5.23 0.29 -6.25
N ALA A 40 5.23 -0.40 -7.35
CA ALA A 40 5.22 -1.89 -7.27
C ALA A 40 5.53 -2.47 -8.66
N LYS A 41 5.82 -3.73 -8.75
CA LYS A 41 6.11 -4.37 -10.06
C LYS A 41 5.48 -5.77 -10.03
N LYS A 42 5.13 -6.34 -11.16
CA LYS A 42 4.50 -7.70 -11.14
C LYS A 42 5.54 -8.75 -11.56
N ASP A 43 5.61 -9.85 -10.85
CA ASP A 43 6.61 -10.91 -11.19
C ASP A 43 5.92 -12.10 -11.87
N GLY A 44 4.62 -12.10 -11.96
CA GLY A 44 3.90 -13.24 -12.62
C GLY A 44 3.77 -14.39 -11.63
N ALA A 45 3.78 -14.09 -10.35
CA ALA A 45 3.63 -15.17 -9.34
C ALA A 45 3.43 -14.54 -7.96
N THR A 46 4.19 -13.53 -7.64
CA THR A 46 4.06 -12.82 -6.34
C THR A 46 4.33 -11.33 -6.61
N ILE A 47 3.38 -10.48 -6.35
CA ILE A 47 3.58 -9.03 -6.63
C ILE A 47 4.45 -8.38 -5.56
N VAL A 48 5.37 -7.52 -5.96
CA VAL A 48 6.23 -6.81 -4.96
C VAL A 48 5.68 -5.40 -4.81
N ILE A 49 5.23 -5.04 -3.62
CA ILE A 49 4.62 -3.69 -3.40
C ILE A 49 5.25 -2.97 -2.21
N SER A 50 5.48 -1.68 -2.36
CA SER A 50 6.04 -0.87 -1.26
C SER A 50 5.01 0.22 -0.93
N PRO A 51 4.54 0.31 0.29
CA PRO A 51 3.52 1.33 0.66
C PRO A 51 3.76 2.66 -0.05
N ALA A 52 4.70 3.45 0.40
CA ALA A 52 5.00 4.75 -0.27
C ALA A 52 6.30 4.64 -1.08
N GLU A 53 7.30 3.99 -0.55
CA GLU A 53 8.61 3.92 -1.27
C GLU A 53 9.54 2.88 -0.62
N GLU A 54 10.83 2.98 -0.93
CA GLU A 54 11.82 2.03 -0.32
C GLU A 54 13.22 2.68 -0.23
N THR A 55 13.65 3.09 0.95
CA THR A 55 15.02 3.70 1.10
C THR A 55 15.93 2.71 1.82
N ALA A 56 16.95 2.21 1.15
CA ALA A 56 17.91 1.22 1.78
C ALA A 56 17.21 0.47 2.91
N LEU A 57 17.29 0.99 4.10
CA LEU A 57 16.67 0.34 5.27
C LEU A 57 15.14 0.30 5.13
N PHE A 58 14.64 -0.04 3.98
CA PHE A 58 13.16 -0.09 3.77
C PHE A 58 12.61 -1.48 4.00
N LYS A 59 11.33 -1.62 3.81
CA LYS A 59 10.66 -2.94 3.96
C LYS A 59 9.67 -3.14 2.81
N ALA A 60 9.86 -4.16 2.04
CA ALA A 60 8.93 -4.43 0.90
C ALA A 60 7.72 -5.22 1.42
N LYS A 61 6.77 -5.50 0.56
CA LYS A 61 5.57 -6.29 0.98
C LYS A 61 5.36 -7.40 -0.06
N HIS A 62 5.25 -8.63 0.38
CA HIS A 62 5.08 -9.76 -0.61
C HIS A 62 3.62 -10.20 -0.68
N ILE A 63 2.96 -9.88 -1.77
CA ILE A 63 1.52 -10.26 -1.94
C ILE A 63 1.44 -11.45 -2.91
N SER A 64 0.57 -12.37 -2.64
CA SER A 64 0.43 -13.52 -3.55
C SER A 64 -0.21 -13.02 -4.85
N ALA A 65 -0.02 -13.73 -5.92
CA ALA A 65 -0.64 -13.29 -7.21
C ALA A 65 -2.16 -13.21 -7.03
N ALA A 66 -2.77 -14.13 -6.34
CA ALA A 66 -4.26 -14.06 -6.16
C ALA A 66 -4.64 -12.85 -5.28
N HIS A 67 -3.87 -12.58 -4.25
CA HIS A 67 -4.18 -11.41 -3.39
C HIS A 67 -4.15 -10.16 -4.27
N LEU A 68 -3.44 -10.20 -5.36
CA LEU A 68 -3.41 -9.01 -6.25
C LEU A 68 -4.86 -8.78 -6.68
N LYS A 69 -5.57 -9.85 -6.93
CA LYS A 69 -6.99 -9.73 -7.34
C LYS A 69 -7.75 -8.93 -6.28
N ILE A 70 -7.38 -9.03 -5.03
CA ILE A 70 -8.10 -8.21 -4.00
C ILE A 70 -7.95 -6.73 -4.35
N ILE A 71 -6.78 -6.33 -4.77
CA ILE A 71 -6.56 -4.91 -5.14
C ILE A 71 -7.44 -4.53 -6.34
N ALA A 72 -7.56 -5.39 -7.31
CA ALA A 72 -8.37 -5.08 -8.51
C ALA A 72 -9.84 -4.79 -8.14
N LYS A 73 -10.42 -5.55 -7.25
CA LYS A 73 -11.85 -5.30 -6.87
C LYS A 73 -11.99 -4.08 -5.94
N ASN A 74 -11.06 -3.89 -5.05
CA ASN A 74 -11.16 -2.77 -4.07
C ASN A 74 -11.02 -1.40 -4.75
N LEU A 75 -10.01 -1.21 -5.56
CA LEU A 75 -9.81 0.12 -6.22
C LEU A 75 -10.73 0.28 -7.43
N LEU A 76 -10.66 -0.62 -8.35
CA LEU A 76 -11.52 -0.49 -9.55
C LEU A 76 -12.98 -0.47 -9.10
N ALA A 1 11.20 10.11 8.07
CA ALA A 1 11.42 11.58 7.95
C ALA A 1 10.07 12.30 7.90
N THR A 2 9.02 11.58 7.55
CA THR A 2 7.65 12.19 7.47
C THR A 2 6.80 11.32 6.54
N LEU A 3 7.01 11.42 5.25
CA LEU A 3 6.23 10.58 4.32
C LEU A 3 6.52 9.12 4.68
N THR A 4 7.76 8.81 4.83
CA THR A 4 8.13 7.43 5.19
C THR A 4 7.51 7.08 6.56
N SER A 5 7.68 7.93 7.54
CA SER A 5 7.14 7.61 8.89
C SER A 5 5.62 7.79 8.99
N GLU A 6 5.09 8.93 8.64
CA GLU A 6 3.61 9.15 8.80
C GLU A 6 2.77 8.24 7.90
N VAL A 7 3.16 8.02 6.67
CA VAL A 7 2.32 7.16 5.78
C VAL A 7 2.35 5.70 6.22
N ILE A 8 3.51 5.17 6.47
CA ILE A 8 3.61 3.74 6.85
C ILE A 8 2.85 3.49 8.16
N LYS A 9 2.98 4.34 9.14
CA LYS A 9 2.27 4.11 10.42
C LYS A 9 0.75 4.20 10.19
N ALA A 10 0.31 5.15 9.42
CA ALA A 10 -1.15 5.30 9.18
C ALA A 10 -1.70 4.08 8.44
N ASN A 11 -0.85 3.36 7.74
CA ASN A 11 -1.34 2.16 7.00
C ASN A 11 -0.30 1.04 7.10
N LYS A 12 -0.53 0.11 7.99
CA LYS A 12 0.42 -1.03 8.16
C LYS A 12 -0.05 -2.21 7.30
N GLY A 13 0.76 -3.22 7.16
CA GLY A 13 0.35 -4.40 6.33
C GLY A 13 -0.85 -5.11 6.94
N ARG A 14 -1.79 -4.38 7.47
CA ARG A 14 -3.00 -5.03 8.07
C ARG A 14 -4.08 -5.18 7.01
N GLU A 15 -3.93 -6.12 6.12
CA GLU A 15 -4.96 -6.31 5.03
C GLU A 15 -5.08 -5.01 4.25
N GLY A 16 -4.70 -5.01 3.01
CA GLY A 16 -4.78 -3.78 2.19
C GLY A 16 -6.21 -3.54 1.72
N LYS A 17 -6.83 -2.53 2.25
CA LYS A 17 -8.21 -2.19 1.83
C LYS A 17 -8.59 -0.80 2.36
N PRO A 18 -8.26 -0.51 3.60
CA PRO A 18 -8.55 0.80 4.23
C PRO A 18 -7.31 1.72 4.23
N MET A 19 -7.38 2.81 3.54
CA MET A 19 -6.20 3.76 3.47
C MET A 19 -6.54 5.05 4.21
N ILE A 20 -5.59 5.62 4.92
CA ILE A 20 -5.83 6.89 5.66
C ILE A 20 -5.02 8.01 4.99
N SER A 21 -5.64 9.14 4.75
CA SER A 21 -4.93 10.28 4.11
C SER A 21 -4.63 11.35 5.16
N LEU A 22 -3.43 11.38 5.66
CA LEU A 22 -3.08 12.40 6.70
C LEU A 22 -3.08 13.77 6.05
N VAL A 23 -3.05 13.81 4.75
CA VAL A 23 -3.04 15.11 4.03
C VAL A 23 -4.31 15.87 4.41
N ASP A 24 -5.44 15.22 4.37
CA ASP A 24 -6.73 15.88 4.72
C ASP A 24 -7.42 15.08 5.83
N GLY A 25 -6.80 14.03 6.31
CA GLY A 25 -7.42 13.22 7.38
C GLY A 25 -8.80 12.74 6.92
N GLU A 26 -8.85 11.70 6.11
CA GLU A 26 -10.15 11.16 5.61
C GLU A 26 -10.08 9.64 5.54
N GLU A 27 -11.09 8.94 6.00
CA GLU A 27 -11.05 7.46 5.94
C GLU A 27 -11.49 7.01 4.54
N ILE A 28 -10.70 6.21 3.88
CA ILE A 28 -11.04 5.74 2.51
C ILE A 28 -11.32 4.23 2.58
N LYS A 29 -11.95 3.66 1.60
CA LYS A 29 -12.20 2.19 1.62
C LYS A 29 -12.18 1.73 0.17
N GLY A 30 -11.32 2.35 -0.58
CA GLY A 30 -11.16 2.03 -2.02
C GLY A 30 -9.76 2.45 -2.39
N THR A 31 -8.87 2.37 -1.44
CA THR A 31 -7.44 2.73 -1.68
C THR A 31 -6.58 1.62 -1.07
N VAL A 32 -5.55 1.21 -1.76
CA VAL A 32 -4.62 0.15 -1.25
C VAL A 32 -3.21 0.67 -1.45
N TYR A 33 -2.60 1.15 -0.39
CA TYR A 33 -1.23 1.74 -0.50
C TYR A 33 -1.22 2.67 -1.74
N LEU A 34 -2.14 3.61 -1.78
CA LEU A 34 -2.22 4.53 -2.95
C LEU A 34 -2.64 5.93 -2.47
N GLY A 35 -1.81 6.93 -2.66
CA GLY A 35 -2.19 8.31 -2.22
C GLY A 35 -0.96 9.06 -1.65
N ASP A 36 0.22 8.66 -2.01
CA ASP A 36 1.44 9.36 -1.48
C ASP A 36 2.64 9.13 -2.40
N GLY A 37 3.35 8.04 -2.20
CA GLY A 37 4.54 7.74 -3.06
C GLY A 37 4.57 6.24 -3.30
N TRP A 38 3.43 5.61 -3.14
CA TRP A 38 3.34 4.14 -3.32
C TRP A 38 3.82 3.74 -4.72
N SER A 39 4.40 2.58 -4.83
CA SER A 39 4.89 2.11 -6.15
C SER A 39 4.96 0.58 -6.12
N ALA A 40 4.86 -0.08 -7.23
CA ALA A 40 4.92 -1.57 -7.21
C ALA A 40 5.21 -2.08 -8.63
N LYS A 41 5.57 -3.32 -8.77
CA LYS A 41 5.84 -3.89 -10.12
C LYS A 41 5.37 -5.35 -10.12
N LYS A 42 5.02 -5.91 -11.25
CA LYS A 42 4.56 -7.34 -11.28
C LYS A 42 5.73 -8.22 -11.73
N ASP A 43 5.97 -9.31 -11.03
CA ASP A 43 7.10 -10.21 -11.39
C ASP A 43 6.56 -11.51 -12.02
N GLY A 44 5.27 -11.74 -11.94
CA GLY A 44 4.68 -12.98 -12.54
C GLY A 44 4.54 -14.07 -11.48
N ALA A 45 3.34 -14.35 -11.05
CA ALA A 45 3.10 -15.41 -10.01
C ALA A 45 3.40 -14.82 -8.62
N THR A 46 3.87 -13.61 -8.57
CA THR A 46 4.16 -12.97 -7.26
C THR A 46 4.35 -11.47 -7.48
N ILE A 47 3.55 -10.66 -6.85
CA ILE A 47 3.67 -9.19 -7.03
C ILE A 47 4.53 -8.59 -5.91
N VAL A 48 5.40 -7.67 -6.25
CA VAL A 48 6.28 -7.02 -5.23
C VAL A 48 5.83 -5.57 -5.04
N ILE A 49 5.51 -5.17 -3.82
CA ILE A 49 5.05 -3.76 -3.59
C ILE A 49 5.84 -3.11 -2.45
N SER A 50 6.16 -1.86 -2.61
CA SER A 50 6.87 -1.10 -1.57
C SER A 50 5.79 -0.19 -1.00
N PRO A 51 5.47 -0.27 0.28
CA PRO A 51 4.40 0.57 0.87
C PRO A 51 4.37 1.96 0.26
N ALA A 52 4.70 2.98 0.98
CA ALA A 52 4.73 4.31 0.34
C ALA A 52 6.03 4.33 -0.47
N GLU A 53 7.00 3.64 0.04
CA GLU A 53 8.35 3.60 -0.59
C GLU A 53 9.22 2.54 0.10
N GLU A 54 10.52 2.64 -0.07
CA GLU A 54 11.45 1.68 0.60
C GLU A 54 12.85 2.33 0.75
N THR A 55 13.28 2.65 1.94
CA THR A 55 14.63 3.28 2.14
C THR A 55 15.54 2.29 2.86
N ALA A 56 16.60 1.85 2.22
CA ALA A 56 17.57 0.90 2.85
C ALA A 56 16.88 0.06 3.92
N LEU A 57 16.90 0.54 5.13
CA LEU A 57 16.27 -0.19 6.25
C LEU A 57 14.75 -0.27 6.08
N PHE A 58 14.28 -0.56 4.90
CA PHE A 58 12.80 -0.64 4.69
C PHE A 58 12.28 -2.07 4.89
N LYS A 59 10.99 -2.23 4.74
CA LYS A 59 10.35 -3.58 4.90
C LYS A 59 9.47 -3.84 3.67
N ALA A 60 9.93 -4.66 2.76
CA ALA A 60 9.14 -4.96 1.54
C ALA A 60 7.88 -5.74 1.92
N LYS A 61 7.01 -5.97 0.97
CA LYS A 61 5.76 -6.74 1.23
C LYS A 61 5.47 -7.56 -0.03
N HIS A 62 5.21 -8.84 0.10
CA HIS A 62 4.95 -9.70 -1.11
C HIS A 62 3.49 -10.14 -1.16
N ILE A 63 2.79 -9.73 -2.18
CA ILE A 63 1.35 -10.14 -2.34
C ILE A 63 1.30 -11.34 -3.29
N SER A 64 0.49 -12.32 -3.00
CA SER A 64 0.40 -13.49 -3.92
C SER A 64 -0.35 -13.07 -5.17
N ALA A 65 -0.21 -13.79 -6.25
CA ALA A 65 -0.92 -13.40 -7.50
C ALA A 65 -2.43 -13.38 -7.26
N ALA A 66 -2.96 -14.36 -6.58
CA ALA A 66 -4.44 -14.37 -6.33
C ALA A 66 -4.80 -13.19 -5.41
N HIS A 67 -3.99 -12.94 -4.42
CA HIS A 67 -4.28 -11.79 -3.52
C HIS A 67 -4.29 -10.52 -4.35
N LEU A 68 -3.60 -10.52 -5.46
CA LEU A 68 -3.61 -9.31 -6.32
C LEU A 68 -5.06 -9.03 -6.68
N LYS A 69 -5.81 -10.07 -6.94
CA LYS A 69 -7.23 -9.90 -7.30
C LYS A 69 -7.95 -9.16 -6.17
N ILE A 70 -7.51 -9.29 -4.94
CA ILE A 70 -8.18 -8.52 -3.84
C ILE A 70 -8.06 -7.03 -4.14
N ILE A 71 -6.93 -6.60 -4.64
CA ILE A 71 -6.76 -5.16 -4.96
C ILE A 71 -7.81 -4.74 -6.00
N ALA A 72 -8.07 -5.59 -6.95
CA ALA A 72 -9.08 -5.26 -7.99
C ALA A 72 -10.48 -5.17 -7.36
N LYS A 73 -10.77 -6.01 -6.40
CA LYS A 73 -12.11 -5.96 -5.76
C LYS A 73 -12.32 -4.58 -5.14
N ASN A 74 -11.33 -4.11 -4.42
CA ASN A 74 -11.45 -2.80 -3.73
C ASN A 74 -11.50 -1.63 -4.74
N LEU A 75 -10.39 -1.28 -5.35
CA LEU A 75 -10.39 -0.14 -6.32
C LEU A 75 -11.32 -0.41 -7.50
N LEU A 76 -11.26 -1.58 -8.08
CA LEU A 76 -12.15 -1.89 -9.24
C LEU A 76 -13.35 -2.71 -8.74
N ALA A 1 11.00 9.98 7.03
CA ALA A 1 11.12 11.19 6.15
C ALA A 1 9.87 12.04 6.26
N THR A 2 8.72 11.42 6.14
CA THR A 2 7.41 12.15 6.25
C THR A 2 6.34 11.34 5.53
N LEU A 3 6.22 11.51 4.23
CA LEU A 3 5.22 10.72 3.48
C LEU A 3 5.58 9.24 3.65
N THR A 4 6.81 8.93 3.42
CA THR A 4 7.25 7.52 3.57
C THR A 4 7.05 7.12 5.03
N SER A 5 7.51 7.92 5.95
CA SER A 5 7.38 7.55 7.40
C SER A 5 5.92 7.62 7.88
N GLU A 6 5.23 8.69 7.59
CA GLU A 6 3.84 8.84 8.11
C GLU A 6 2.86 7.87 7.45
N VAL A 7 2.94 7.67 6.16
CA VAL A 7 1.96 6.74 5.50
C VAL A 7 2.19 5.31 5.96
N ILE A 8 3.42 4.88 5.99
CA ILE A 8 3.70 3.47 6.41
C ILE A 8 3.20 3.26 7.86
N LYS A 9 3.48 4.16 8.75
CA LYS A 9 3.02 3.97 10.17
C LYS A 9 1.49 3.86 10.25
N ALA A 10 0.76 4.66 9.52
CA ALA A 10 -0.73 4.57 9.61
C ALA A 10 -1.19 3.17 9.22
N ASN A 11 -0.44 2.51 8.38
CA ASN A 11 -0.83 1.15 7.96
C ASN A 11 0.40 0.42 7.42
N LYS A 12 0.54 -0.85 7.72
CA LYS A 12 1.72 -1.62 7.22
C LYS A 12 1.43 -3.13 7.26
N GLY A 13 1.45 -3.77 6.13
CA GLY A 13 1.19 -5.24 6.09
C GLY A 13 -0.31 -5.51 6.15
N ARG A 14 -1.11 -4.67 5.53
CA ARG A 14 -2.58 -4.89 5.55
C ARG A 14 -3.19 -4.35 4.25
N GLU A 15 -2.57 -4.64 3.12
CA GLU A 15 -3.09 -4.12 1.82
C GLU A 15 -4.44 -4.75 1.49
N GLY A 16 -5.50 -3.98 1.62
CA GLY A 16 -6.86 -4.52 1.31
C GLY A 16 -7.70 -3.45 0.60
N LYS A 17 -8.06 -2.41 1.29
CA LYS A 17 -8.89 -1.34 0.66
C LYS A 17 -9.11 -0.12 1.58
N PRO A 18 -8.97 -0.22 2.90
CA PRO A 18 -9.18 0.96 3.79
C PRO A 18 -7.91 1.78 3.98
N MET A 19 -7.87 2.95 3.42
CA MET A 19 -6.67 3.83 3.54
C MET A 19 -6.92 4.92 4.58
N ILE A 20 -5.89 5.33 5.28
CA ILE A 20 -6.04 6.39 6.31
C ILE A 20 -5.31 7.65 5.85
N SER A 21 -6.01 8.74 5.73
CA SER A 21 -5.34 10.01 5.32
C SER A 21 -5.06 10.83 6.57
N LEU A 22 -3.87 10.73 7.09
CA LEU A 22 -3.53 11.50 8.33
C LEU A 22 -3.56 12.98 8.00
N VAL A 23 -3.51 13.29 6.73
CA VAL A 23 -3.54 14.70 6.31
C VAL A 23 -4.84 15.34 6.81
N ASP A 24 -5.94 14.65 6.69
CA ASP A 24 -7.25 15.20 7.16
C ASP A 24 -7.92 14.15 8.06
N GLY A 25 -7.27 13.05 8.30
CA GLY A 25 -7.86 11.98 9.16
C GLY A 25 -9.24 11.62 8.62
N GLU A 26 -9.29 10.81 7.59
CA GLU A 26 -10.61 10.39 7.02
C GLU A 26 -10.53 8.94 6.55
N GLU A 27 -11.55 8.16 6.80
CA GLU A 27 -11.53 6.73 6.34
C GLU A 27 -11.92 6.69 4.87
N ILE A 28 -11.06 6.18 4.03
CA ILE A 28 -11.35 6.13 2.56
C ILE A 28 -11.56 4.68 2.13
N LYS A 29 -12.63 4.07 2.56
CA LYS A 29 -12.88 2.65 2.20
C LYS A 29 -12.99 2.50 0.68
N GLY A 30 -11.94 2.03 0.07
CA GLY A 30 -11.93 1.85 -1.41
C GLY A 30 -10.58 2.33 -1.95
N THR A 31 -9.57 2.31 -1.14
CA THR A 31 -8.22 2.77 -1.58
C THR A 31 -7.18 1.82 -1.02
N VAL A 32 -6.17 1.51 -1.81
CA VAL A 32 -5.08 0.58 -1.34
C VAL A 32 -3.78 1.38 -1.37
N TYR A 33 -3.56 2.17 -0.34
CA TYR A 33 -2.32 3.01 -0.27
C TYR A 33 -2.06 3.62 -1.65
N LEU A 34 -3.08 3.79 -2.45
CA LEU A 34 -2.88 4.36 -3.81
C LEU A 34 -2.89 5.89 -3.74
N GLY A 35 -1.90 6.52 -4.32
CA GLY A 35 -1.82 8.01 -4.30
C GLY A 35 -0.47 8.44 -3.71
N ASP A 36 -0.33 8.33 -2.41
CA ASP A 36 0.94 8.75 -1.73
C ASP A 36 2.17 8.53 -2.63
N GLY A 37 2.81 7.41 -2.50
CA GLY A 37 4.00 7.12 -3.34
C GLY A 37 3.87 5.69 -3.84
N TRP A 38 2.68 5.16 -3.75
CA TRP A 38 2.38 3.76 -4.17
C TRP A 38 3.36 3.26 -5.24
N SER A 39 3.82 2.04 -5.14
CA SER A 39 4.77 1.51 -6.17
C SER A 39 4.73 -0.01 -6.14
N ALA A 40 4.86 -0.67 -7.26
CA ALA A 40 4.86 -2.16 -7.24
C ALA A 40 5.28 -2.68 -8.63
N LYS A 41 5.54 -3.96 -8.74
CA LYS A 41 5.94 -4.54 -10.06
C LYS A 41 5.54 -6.02 -10.03
N LYS A 42 5.39 -6.65 -11.17
CA LYS A 42 4.97 -8.09 -11.19
C LYS A 42 6.17 -9.01 -11.51
N ASP A 43 6.50 -9.93 -10.61
CA ASP A 43 7.68 -10.83 -10.86
C ASP A 43 7.21 -12.20 -11.35
N GLY A 44 5.92 -12.43 -11.44
CA GLY A 44 5.43 -13.77 -11.91
C GLY A 44 4.29 -14.25 -11.02
N ALA A 45 4.50 -15.33 -10.31
CA ALA A 45 3.41 -15.88 -9.44
C ALA A 45 3.35 -15.10 -8.12
N THR A 46 4.31 -14.25 -7.85
CA THR A 46 4.29 -13.45 -6.59
C THR A 46 4.50 -12.00 -6.98
N ILE A 47 3.80 -11.12 -6.34
CA ILE A 47 3.89 -9.67 -6.68
C ILE A 47 4.63 -8.91 -5.57
N VAL A 48 5.47 -7.99 -5.96
CA VAL A 48 6.26 -7.19 -4.95
C VAL A 48 5.70 -5.76 -4.88
N ILE A 49 5.24 -5.31 -3.74
CA ILE A 49 4.67 -3.93 -3.63
C ILE A 49 5.12 -3.27 -2.32
N SER A 50 5.42 -1.98 -2.36
CA SER A 50 5.81 -1.24 -1.13
C SER A 50 4.67 -0.25 -0.86
N PRO A 51 4.10 -0.25 0.32
CA PRO A 51 2.95 0.63 0.65
C PRO A 51 3.05 1.99 -0.06
N ALA A 52 3.82 2.90 0.46
CA ALA A 52 3.95 4.24 -0.20
C ALA A 52 5.32 4.35 -0.88
N GLU A 53 6.34 3.87 -0.23
CA GLU A 53 7.71 3.98 -0.81
C GLU A 53 8.64 2.92 -0.18
N GLU A 54 9.93 3.08 -0.36
CA GLU A 54 10.92 2.14 0.27
C GLU A 54 12.32 2.70 0.03
N THR A 55 13.00 3.10 1.07
CA THR A 55 14.38 3.69 0.91
C THR A 55 15.38 2.95 1.82
N ALA A 56 15.25 1.66 1.96
CA ALA A 56 16.22 0.92 2.81
C ALA A 56 15.91 1.19 4.29
N LEU A 57 15.30 2.31 4.59
CA LEU A 57 14.98 2.63 6.02
C LEU A 57 13.62 2.02 6.33
N PHE A 58 13.01 1.44 5.33
CA PHE A 58 11.69 0.79 5.49
C PHE A 58 11.79 -0.59 4.83
N LYS A 59 10.70 -1.18 4.42
CA LYS A 59 10.81 -2.53 3.78
C LYS A 59 9.70 -2.77 2.77
N ALA A 60 9.93 -3.68 1.87
CA ALA A 60 8.92 -4.02 0.84
C ALA A 60 7.81 -4.84 1.50
N LYS A 61 6.77 -5.15 0.76
CA LYS A 61 5.66 -5.96 1.32
C LYS A 61 5.30 -7.03 0.28
N HIS A 62 5.25 -8.27 0.68
CA HIS A 62 4.90 -9.32 -0.31
C HIS A 62 3.38 -9.38 -0.47
N ILE A 63 2.92 -10.07 -1.47
CA ILE A 63 1.46 -10.21 -1.68
C ILE A 63 1.24 -11.27 -2.77
N SER A 64 0.58 -12.33 -2.43
CA SER A 64 0.38 -13.44 -3.41
C SER A 64 -0.34 -12.94 -4.66
N ALA A 65 -0.10 -13.55 -5.79
CA ALA A 65 -0.78 -13.11 -7.04
C ALA A 65 -2.29 -13.09 -6.83
N ALA A 66 -2.85 -14.06 -6.16
CA ALA A 66 -4.33 -14.06 -5.94
C ALA A 66 -4.72 -12.79 -5.17
N HIS A 67 -3.98 -12.46 -4.16
CA HIS A 67 -4.32 -11.23 -3.40
C HIS A 67 -4.21 -10.06 -4.36
N LEU A 68 -3.43 -10.19 -5.40
CA LEU A 68 -3.30 -9.09 -6.39
C LEU A 68 -4.70 -8.80 -6.93
N LYS A 69 -5.53 -9.79 -6.92
CA LYS A 69 -6.92 -9.59 -7.40
C LYS A 69 -7.67 -8.70 -6.43
N ILE A 70 -7.38 -8.81 -5.15
CA ILE A 70 -8.12 -7.94 -4.18
C ILE A 70 -7.83 -6.48 -4.54
N ILE A 71 -6.63 -6.20 -4.97
CA ILE A 71 -6.28 -4.80 -5.33
C ILE A 71 -7.19 -4.31 -6.47
N ALA A 72 -7.39 -5.11 -7.48
CA ALA A 72 -8.26 -4.68 -8.61
C ALA A 72 -9.73 -4.57 -8.17
N LYS A 73 -10.14 -5.34 -7.21
CA LYS A 73 -11.57 -5.25 -6.80
C LYS A 73 -11.83 -3.84 -6.26
N ASN A 74 -10.88 -3.30 -5.54
CA ASN A 74 -11.07 -1.94 -4.98
C ASN A 74 -11.05 -0.87 -6.09
N LEU A 75 -9.93 -0.66 -6.71
CA LEU A 75 -9.85 0.41 -7.75
C LEU A 75 -10.83 0.15 -8.90
N LEU A 76 -10.82 -1.02 -9.47
CA LEU A 76 -11.76 -1.29 -10.59
C LEU A 76 -13.17 -1.51 -10.03
N ALA A 1 11.19 9.37 6.59
CA ALA A 1 11.54 10.77 6.21
C ALA A 1 10.29 11.64 6.29
N THR A 2 9.13 11.07 6.08
CA THR A 2 7.85 11.84 6.15
C THR A 2 6.76 11.03 5.43
N LEU A 3 6.70 11.14 4.13
CA LEU A 3 5.67 10.34 3.39
C LEU A 3 5.96 8.87 3.68
N THR A 4 7.20 8.50 3.53
CA THR A 4 7.58 7.09 3.79
C THR A 4 7.34 6.76 5.26
N SER A 5 7.85 7.55 6.17
CA SER A 5 7.66 7.22 7.61
C SER A 5 6.22 7.43 8.06
N GLU A 6 5.66 8.59 7.80
CA GLU A 6 4.26 8.86 8.27
C GLU A 6 3.23 7.90 7.66
N VAL A 7 3.29 7.65 6.38
CA VAL A 7 2.26 6.77 5.73
C VAL A 7 2.39 5.31 6.19
N ILE A 8 3.57 4.77 6.15
CA ILE A 8 3.75 3.34 6.54
C ILE A 8 3.32 3.13 8.00
N LYS A 9 3.74 3.98 8.89
CA LYS A 9 3.39 3.79 10.32
C LYS A 9 1.87 3.78 10.52
N ALA A 10 1.15 4.64 9.85
CA ALA A 10 -0.33 4.69 10.04
C ALA A 10 -1.02 3.41 9.52
N ASN A 11 -0.39 2.65 8.66
CA ASN A 11 -1.04 1.41 8.11
C ASN A 11 -0.18 0.17 8.35
N LYS A 12 0.24 -0.07 9.57
CA LYS A 12 1.09 -1.30 9.83
C LYS A 12 0.19 -2.50 10.09
N GLY A 13 -0.65 -2.85 9.14
CA GLY A 13 -1.56 -4.02 9.34
C GLY A 13 -2.80 -3.83 8.48
N ARG A 14 -2.63 -3.26 7.31
CA ARG A 14 -3.80 -3.04 6.43
C ARG A 14 -4.24 -4.37 5.82
N GLU A 15 -5.52 -4.57 5.75
CA GLU A 15 -6.05 -5.83 5.13
C GLU A 15 -5.82 -5.81 3.62
N GLY A 16 -6.00 -4.67 3.00
CA GLY A 16 -5.81 -4.56 1.53
C GLY A 16 -7.14 -4.12 0.90
N LYS A 17 -7.67 -3.00 1.34
CA LYS A 17 -8.95 -2.51 0.78
C LYS A 17 -9.28 -1.13 1.38
N PRO A 18 -9.13 -0.96 2.67
CA PRO A 18 -9.42 0.32 3.35
C PRO A 18 -8.17 1.21 3.43
N MET A 19 -8.29 2.44 3.00
CA MET A 19 -7.11 3.37 3.02
C MET A 19 -7.49 4.62 3.84
N ILE A 20 -6.68 4.99 4.80
CA ILE A 20 -6.98 6.21 5.62
C ILE A 20 -5.98 7.30 5.29
N SER A 21 -6.45 8.49 5.01
CA SER A 21 -5.53 9.61 4.71
C SER A 21 -5.15 10.29 6.03
N LEU A 22 -4.01 9.97 6.58
CA LEU A 22 -3.60 10.59 7.87
C LEU A 22 -3.50 12.11 7.69
N VAL A 23 -3.50 12.56 6.48
CA VAL A 23 -3.41 14.04 6.24
C VAL A 23 -4.60 14.71 6.91
N ASP A 24 -5.79 14.18 6.68
CA ASP A 24 -7.03 14.74 7.29
C ASP A 24 -7.73 13.64 8.09
N GLY A 25 -7.08 12.52 8.24
CA GLY A 25 -7.70 11.40 9.00
C GLY A 25 -9.12 11.14 8.47
N GLU A 26 -9.24 10.37 7.42
CA GLU A 26 -10.59 10.06 6.85
C GLU A 26 -10.64 8.62 6.38
N GLU A 27 -11.70 7.93 6.68
CA GLU A 27 -11.83 6.52 6.22
C GLU A 27 -12.21 6.55 4.74
N ILE A 28 -11.40 5.96 3.89
CA ILE A 28 -11.68 5.96 2.42
C ILE A 28 -11.83 4.53 1.92
N LYS A 29 -12.88 3.85 2.30
CA LYS A 29 -13.07 2.45 1.82
C LYS A 29 -13.18 2.46 0.30
N GLY A 30 -12.15 2.01 -0.37
CA GLY A 30 -12.15 1.99 -1.86
C GLY A 30 -10.81 2.55 -2.37
N THR A 31 -9.82 2.57 -1.51
CA THR A 31 -8.48 3.10 -1.90
C THR A 31 -7.40 2.22 -1.23
N VAL A 32 -6.28 2.05 -1.89
CA VAL A 32 -5.18 1.19 -1.31
C VAL A 32 -3.87 1.97 -1.42
N TYR A 33 -3.32 2.38 -0.30
CA TYR A 33 -2.05 3.16 -0.31
C TYR A 33 -2.12 4.24 -1.40
N LEU A 34 -3.31 4.60 -1.80
CA LEU A 34 -3.46 5.65 -2.87
C LEU A 34 -3.45 7.03 -2.20
N GLY A 35 -2.96 8.03 -2.89
CA GLY A 35 -2.92 9.40 -2.29
C GLY A 35 -1.64 9.55 -1.46
N ASP A 36 -0.75 8.60 -1.56
CA ASP A 36 0.53 8.67 -0.79
C ASP A 36 1.71 8.55 -1.75
N GLY A 37 1.83 7.42 -2.40
CA GLY A 37 2.96 7.23 -3.36
C GLY A 37 3.17 5.73 -3.55
N TRP A 38 2.10 4.99 -3.64
CA TRP A 38 2.21 3.51 -3.82
C TRP A 38 2.97 3.19 -5.09
N SER A 39 3.56 2.03 -5.13
CA SER A 39 4.30 1.57 -6.35
C SER A 39 4.12 0.06 -6.42
N ALA A 40 4.10 -0.55 -7.58
CA ALA A 40 3.89 -2.03 -7.64
C ALA A 40 4.77 -2.64 -8.73
N LYS A 41 4.86 -3.94 -8.77
CA LYS A 41 5.68 -4.63 -9.81
C LYS A 41 5.16 -6.08 -9.86
N LYS A 42 4.97 -6.65 -11.03
CA LYS A 42 4.42 -8.06 -11.09
C LYS A 42 5.49 -9.05 -11.55
N ASP A 43 5.74 -10.05 -10.75
CA ASP A 43 6.78 -11.08 -11.09
C ASP A 43 6.13 -12.31 -11.74
N GLY A 44 4.82 -12.38 -11.78
CA GLY A 44 4.15 -13.57 -12.42
C GLY A 44 3.77 -14.61 -11.36
N ALA A 45 3.78 -14.26 -10.11
CA ALA A 45 3.41 -15.23 -9.05
C ALA A 45 3.29 -14.49 -7.72
N THR A 46 4.33 -13.78 -7.36
CA THR A 46 4.33 -12.99 -6.11
C THR A 46 4.58 -11.52 -6.48
N ILE A 47 3.77 -10.64 -5.99
CA ILE A 47 3.91 -9.19 -6.35
C ILE A 47 4.80 -8.44 -5.37
N VAL A 48 5.63 -7.56 -5.88
CA VAL A 48 6.51 -6.73 -4.99
C VAL A 48 5.90 -5.33 -4.92
N ILE A 49 5.39 -4.96 -3.77
CA ILE A 49 4.72 -3.62 -3.60
C ILE A 49 5.29 -2.89 -2.39
N SER A 50 5.50 -1.60 -2.46
CA SER A 50 5.99 -0.85 -1.27
C SER A 50 4.82 0.06 -0.87
N PRO A 51 4.30 -0.05 0.35
CA PRO A 51 3.14 0.78 0.79
C PRO A 51 3.17 2.18 0.18
N ALA A 52 4.00 3.04 0.70
CA ALA A 52 4.10 4.42 0.15
C ALA A 52 5.43 4.52 -0.60
N GLU A 53 6.47 3.97 -0.03
CA GLU A 53 7.82 4.07 -0.65
C GLU A 53 8.79 3.06 0.00
N GLU A 54 10.07 3.26 -0.19
CA GLU A 54 11.09 2.36 0.43
C GLU A 54 12.48 2.94 0.18
N THR A 55 13.19 3.32 1.22
CA THR A 55 14.55 3.92 1.05
C THR A 55 15.60 3.10 1.80
N ALA A 56 15.48 1.81 1.81
CA ALA A 56 16.50 0.97 2.53
C ALA A 56 16.27 1.10 4.05
N LEU A 57 15.59 2.12 4.46
CA LEU A 57 15.32 2.31 5.91
C LEU A 57 13.98 1.68 6.27
N PHE A 58 13.34 1.11 5.27
CA PHE A 58 12.01 0.46 5.49
C PHE A 58 12.04 -0.94 4.89
N LYS A 59 10.91 -1.47 4.48
CA LYS A 59 10.91 -2.85 3.90
C LYS A 59 9.86 -2.97 2.81
N ALA A 60 10.01 -3.94 1.96
CA ALA A 60 9.04 -4.17 0.85
C ALA A 60 7.82 -4.89 1.42
N LYS A 61 6.80 -5.06 0.61
CA LYS A 61 5.57 -5.78 1.08
C LYS A 61 5.13 -6.75 -0.01
N HIS A 62 5.33 -8.01 0.21
CA HIS A 62 4.95 -9.02 -0.82
C HIS A 62 3.42 -9.15 -0.84
N ILE A 63 2.91 -9.92 -1.75
CA ILE A 63 1.45 -10.14 -1.82
C ILE A 63 1.20 -11.34 -2.74
N SER A 64 0.56 -12.36 -2.27
CA SER A 64 0.33 -13.54 -3.16
C SER A 64 -0.35 -13.04 -4.44
N ALA A 65 -0.10 -13.67 -5.54
CA ALA A 65 -0.76 -13.22 -6.80
C ALA A 65 -2.28 -13.13 -6.56
N ALA A 66 -2.89 -14.10 -5.93
CA ALA A 66 -4.37 -14.02 -5.72
C ALA A 66 -4.71 -12.73 -4.96
N HIS A 67 -3.96 -12.39 -3.97
CA HIS A 67 -4.26 -11.14 -3.22
C HIS A 67 -4.16 -9.95 -4.19
N LEU A 68 -3.41 -10.09 -5.25
CA LEU A 68 -3.29 -8.98 -6.24
C LEU A 68 -4.70 -8.66 -6.76
N LYS A 69 -5.52 -9.68 -6.87
CA LYS A 69 -6.92 -9.45 -7.34
C LYS A 69 -7.63 -8.55 -6.32
N ILE A 70 -7.36 -8.71 -5.05
CA ILE A 70 -8.04 -7.84 -4.05
C ILE A 70 -7.70 -6.37 -4.32
N ILE A 71 -6.49 -6.09 -4.69
CA ILE A 71 -6.12 -4.67 -4.96
C ILE A 71 -7.00 -4.10 -6.07
N ALA A 72 -7.20 -4.84 -7.12
CA ALA A 72 -8.06 -4.32 -8.22
C ALA A 72 -9.51 -4.17 -7.76
N LYS A 73 -9.98 -5.04 -6.90
CA LYS A 73 -11.40 -4.93 -6.44
C LYS A 73 -11.60 -3.57 -5.74
N ASN A 74 -10.66 -3.21 -4.92
CA ASN A 74 -10.79 -1.94 -4.14
C ASN A 74 -10.91 -0.72 -5.07
N LEU A 75 -9.94 -0.44 -5.89
CA LEU A 75 -10.03 0.75 -6.78
C LEU A 75 -11.24 0.63 -7.71
N LEU A 76 -11.49 -0.54 -8.22
CA LEU A 76 -12.63 -0.72 -9.15
C LEU A 76 -13.21 -2.13 -9.01
N ALA A 1 12.52 12.44 5.55
CA ALA A 1 11.22 12.36 4.83
C ALA A 1 10.16 11.75 5.76
N THR A 2 9.00 12.34 5.82
CA THR A 2 7.91 11.81 6.71
C THR A 2 6.88 11.07 5.85
N LEU A 3 7.04 11.12 4.56
CA LEU A 3 6.10 10.39 3.67
C LEU A 3 6.22 8.90 3.94
N THR A 4 7.42 8.41 3.85
CA THR A 4 7.65 6.95 4.07
C THR A 4 7.27 6.57 5.50
N SER A 5 7.74 7.28 6.49
CA SER A 5 7.42 6.89 7.89
C SER A 5 5.95 7.18 8.24
N GLU A 6 5.42 8.30 7.85
CA GLU A 6 4.00 8.62 8.22
C GLU A 6 2.99 7.73 7.47
N VAL A 7 3.19 7.49 6.21
CA VAL A 7 2.19 6.66 5.46
C VAL A 7 2.28 5.19 5.87
N ILE A 8 3.46 4.62 5.87
CA ILE A 8 3.58 3.19 6.25
C ILE A 8 3.07 2.99 7.69
N LYS A 9 3.50 3.81 8.60
CA LYS A 9 3.05 3.65 10.01
C LYS A 9 1.52 3.78 10.09
N ALA A 10 0.95 4.68 9.34
CA ALA A 10 -0.53 4.85 9.39
C ALA A 10 -1.20 3.63 8.78
N ASN A 11 -0.49 2.89 7.95
CA ASN A 11 -1.10 1.69 7.31
C ASN A 11 0.00 0.68 6.98
N LYS A 12 -0.16 -0.55 7.42
CA LYS A 12 0.86 -1.59 7.13
C LYS A 12 0.38 -2.95 7.64
N GLY A 13 0.96 -4.02 7.17
CA GLY A 13 0.57 -5.37 7.62
C GLY A 13 -0.74 -5.77 6.97
N ARG A 14 -1.55 -4.80 6.62
CA ARG A 14 -2.83 -5.11 5.95
C ARG A 14 -2.61 -5.01 4.44
N GLU A 15 -2.96 -6.03 3.75
CA GLU A 15 -2.76 -6.05 2.27
C GLU A 15 -3.20 -4.71 1.66
N GLY A 16 -4.44 -4.38 1.75
CA GLY A 16 -4.89 -3.08 1.17
C GLY A 16 -6.39 -3.07 0.98
N LYS A 17 -7.12 -2.75 2.02
CA LYS A 17 -8.61 -2.68 1.91
C LYS A 17 -9.04 -1.28 2.42
N PRO A 18 -8.63 -0.89 3.62
CA PRO A 18 -8.94 0.43 4.19
C PRO A 18 -7.73 1.37 4.10
N MET A 19 -7.89 2.58 3.61
CA MET A 19 -6.71 3.51 3.53
C MET A 19 -7.09 4.88 4.09
N ILE A 20 -6.33 5.36 5.04
CA ILE A 20 -6.60 6.69 5.65
C ILE A 20 -5.59 7.70 5.16
N SER A 21 -6.06 8.83 4.70
CA SER A 21 -5.14 9.89 4.24
C SER A 21 -4.78 10.74 5.46
N LEU A 22 -3.63 10.52 6.02
CA LEU A 22 -3.21 11.30 7.21
C LEU A 22 -3.22 12.78 6.83
N VAL A 23 -3.29 13.06 5.56
CA VAL A 23 -3.29 14.47 5.10
C VAL A 23 -4.51 15.17 5.70
N ASP A 24 -5.66 14.53 5.66
CA ASP A 24 -6.89 15.13 6.25
C ASP A 24 -7.49 14.14 7.25
N GLY A 25 -6.85 13.01 7.41
CA GLY A 25 -7.38 11.98 8.36
C GLY A 25 -8.70 11.45 7.82
N GLU A 26 -8.99 11.74 6.59
CA GLU A 26 -10.27 11.27 5.97
C GLU A 26 -10.18 9.78 5.64
N GLU A 27 -11.22 9.05 5.94
CA GLU A 27 -11.22 7.58 5.66
C GLU A 27 -11.66 7.31 4.23
N ILE A 28 -10.99 6.40 3.56
CA ILE A 28 -11.36 6.02 2.17
C ILE A 28 -11.63 4.51 2.21
N LYS A 29 -12.38 3.95 1.28
CA LYS A 29 -12.63 2.47 1.31
C LYS A 29 -12.58 1.97 -0.12
N GLY A 30 -11.72 2.54 -0.90
CA GLY A 30 -11.58 2.12 -2.31
C GLY A 30 -10.18 2.51 -2.76
N THR A 31 -9.25 2.53 -1.83
CA THR A 31 -7.84 2.89 -2.17
C THR A 31 -6.87 1.92 -1.50
N VAL A 32 -5.82 1.59 -2.20
CA VAL A 32 -4.79 0.64 -1.67
C VAL A 32 -3.43 1.33 -1.65
N TYR A 33 -3.09 2.01 -0.56
CA TYR A 33 -1.77 2.74 -0.50
C TYR A 33 -1.48 3.40 -1.86
N LEU A 34 -2.51 3.64 -2.62
CA LEU A 34 -2.32 4.25 -3.97
C LEU A 34 -1.98 5.72 -3.81
N GLY A 35 -1.00 6.19 -4.54
CA GLY A 35 -0.62 7.63 -4.44
C GLY A 35 0.11 7.87 -3.12
N ASP A 36 1.04 8.79 -3.14
CA ASP A 36 1.86 9.17 -1.94
C ASP A 36 3.19 8.42 -1.96
N GLY A 37 3.60 7.92 -3.11
CA GLY A 37 4.89 7.19 -3.21
C GLY A 37 4.60 5.81 -3.78
N TRP A 38 3.33 5.45 -3.85
CA TRP A 38 2.93 4.12 -4.38
C TRP A 38 3.89 3.64 -5.47
N SER A 39 4.43 2.46 -5.31
CA SER A 39 5.37 1.91 -6.35
C SER A 39 5.29 0.38 -6.29
N ALA A 40 5.31 -0.30 -7.41
CA ALA A 40 5.23 -1.79 -7.34
C ALA A 40 5.67 -2.40 -8.67
N LYS A 41 5.75 -3.70 -8.75
CA LYS A 41 6.14 -4.37 -10.01
C LYS A 41 5.69 -5.83 -9.92
N LYS A 42 5.57 -6.52 -11.03
CA LYS A 42 5.11 -7.96 -10.99
C LYS A 42 6.27 -8.88 -11.37
N ASP A 43 6.65 -9.79 -10.50
CA ASP A 43 7.79 -10.70 -10.80
C ASP A 43 7.27 -12.07 -11.26
N GLY A 44 5.97 -12.24 -11.28
CA GLY A 44 5.40 -13.56 -11.70
C GLY A 44 4.15 -13.86 -10.88
N ALA A 45 4.14 -14.94 -10.15
CA ALA A 45 2.94 -15.29 -9.34
C ALA A 45 2.93 -14.50 -8.03
N THR A 46 3.99 -13.78 -7.73
CA THR A 46 4.05 -12.98 -6.46
C THR A 46 4.33 -11.52 -6.81
N ILE A 47 3.57 -10.62 -6.25
CA ILE A 47 3.76 -9.17 -6.55
C ILE A 47 4.64 -8.50 -5.48
N VAL A 48 5.51 -7.60 -5.89
CA VAL A 48 6.38 -6.88 -4.91
C VAL A 48 5.90 -5.42 -4.85
N ILE A 49 5.48 -4.97 -3.70
CA ILE A 49 4.93 -3.58 -3.55
C ILE A 49 5.58 -2.86 -2.36
N SER A 50 5.76 -1.57 -2.45
CA SER A 50 6.26 -0.78 -1.31
C SER A 50 5.10 0.18 -1.04
N PRO A 51 4.39 0.07 0.07
CA PRO A 51 3.21 0.93 0.36
C PRO A 51 3.38 2.32 -0.23
N ALA A 52 4.18 3.13 0.39
CA ALA A 52 4.45 4.49 -0.15
C ALA A 52 5.86 4.48 -0.74
N GLU A 53 6.80 3.95 -0.01
CA GLU A 53 8.21 3.94 -0.49
C GLU A 53 9.04 2.90 0.29
N GLU A 54 10.34 2.97 0.18
CA GLU A 54 11.24 2.03 0.92
C GLU A 54 12.69 2.46 0.67
N THR A 55 13.40 2.88 1.69
CA THR A 55 14.83 3.32 1.50
C THR A 55 15.77 2.44 2.32
N ALA A 56 15.48 1.17 2.42
CA ALA A 56 16.37 0.28 3.21
C ALA A 56 16.19 0.58 4.71
N LEU A 57 15.68 1.75 5.01
CA LEU A 57 15.45 2.12 6.45
C LEU A 57 14.03 1.70 6.81
N PHE A 58 13.33 1.13 5.85
CA PHE A 58 11.93 0.68 6.08
C PHE A 58 11.79 -0.77 5.63
N LYS A 59 10.74 -1.11 4.93
CA LYS A 59 10.57 -2.54 4.53
C LYS A 59 9.71 -2.68 3.27
N ALA A 60 9.90 -3.76 2.56
CA ALA A 60 9.10 -4.04 1.33
C ALA A 60 7.81 -4.75 1.74
N LYS A 61 6.94 -5.04 0.80
CA LYS A 61 5.67 -5.76 1.15
C LYS A 61 5.39 -6.78 0.05
N HIS A 62 4.74 -7.87 0.37
CA HIS A 62 4.43 -8.91 -0.66
C HIS A 62 2.92 -9.00 -0.86
N ILE A 63 2.49 -9.77 -1.82
CA ILE A 63 1.02 -9.97 -2.06
C ILE A 63 0.87 -11.12 -3.05
N SER A 64 0.33 -12.22 -2.60
CA SER A 64 0.16 -13.39 -3.50
C SER A 64 -0.49 -12.92 -4.81
N ALA A 65 -0.28 -13.62 -5.89
CA ALA A 65 -0.91 -13.21 -7.16
C ALA A 65 -2.43 -13.13 -6.96
N ALA A 66 -3.04 -14.13 -6.38
CA ALA A 66 -4.52 -14.05 -6.17
C ALA A 66 -4.82 -12.83 -5.29
N HIS A 67 -4.01 -12.57 -4.30
CA HIS A 67 -4.26 -11.40 -3.44
C HIS A 67 -4.23 -10.14 -4.32
N LEU A 68 -3.50 -10.17 -5.40
CA LEU A 68 -3.46 -8.99 -6.32
C LEU A 68 -4.90 -8.77 -6.80
N LYS A 69 -5.67 -9.82 -6.88
CA LYS A 69 -7.08 -9.69 -7.31
C LYS A 69 -7.80 -8.79 -6.31
N ILE A 70 -7.47 -8.90 -5.06
CA ILE A 70 -8.13 -8.04 -4.03
C ILE A 70 -7.88 -6.56 -4.35
N ILE A 71 -6.70 -6.23 -4.80
CA ILE A 71 -6.42 -4.80 -5.13
C ILE A 71 -7.44 -4.35 -6.18
N ALA A 72 -7.73 -5.20 -7.14
CA ALA A 72 -8.70 -4.82 -8.20
C ALA A 72 -10.11 -4.62 -7.62
N LYS A 73 -10.53 -5.46 -6.71
CA LYS A 73 -11.92 -5.31 -6.16
C LYS A 73 -12.07 -4.00 -5.37
N ASN A 74 -11.13 -3.73 -4.50
CA ASN A 74 -11.24 -2.51 -3.63
C ASN A 74 -11.29 -1.22 -4.46
N LEU A 75 -10.37 -0.99 -5.35
CA LEU A 75 -10.41 0.28 -6.14
C LEU A 75 -11.59 0.27 -7.11
N LEU A 76 -11.83 -0.84 -7.76
CA LEU A 76 -12.97 -0.91 -8.74
C LEU A 76 -13.59 -2.31 -8.71
N ALA A 1 12.53 13.01 5.42
CA ALA A 1 11.25 12.63 4.75
C ALA A 1 10.33 11.95 5.76
N THR A 2 9.18 12.51 5.99
CA THR A 2 8.22 11.90 6.97
C THR A 2 7.20 11.07 6.19
N LEU A 3 7.31 11.06 4.90
CA LEU A 3 6.37 10.28 4.05
C LEU A 3 6.47 8.80 4.44
N THR A 4 7.68 8.33 4.57
CA THR A 4 7.88 6.89 4.91
C THR A 4 7.26 6.55 6.27
N SER A 5 7.61 7.27 7.30
CA SER A 5 7.07 6.95 8.64
C SER A 5 5.57 7.28 8.76
N GLU A 6 5.16 8.45 8.34
CA GLU A 6 3.72 8.84 8.50
C GLU A 6 2.77 7.95 7.68
N VAL A 7 3.08 7.69 6.44
CA VAL A 7 2.15 6.88 5.60
C VAL A 7 2.12 5.41 6.03
N ILE A 8 3.25 4.79 6.19
CA ILE A 8 3.25 3.36 6.57
C ILE A 8 2.56 3.18 7.94
N LYS A 9 2.90 3.98 8.91
CA LYS A 9 2.26 3.83 10.26
C LYS A 9 0.73 4.02 10.15
N ALA A 10 0.28 4.96 9.37
CA ALA A 10 -1.19 5.19 9.28
C ALA A 10 -1.86 3.91 8.79
N ASN A 11 -1.27 3.24 7.84
CA ASN A 11 -1.88 1.98 7.31
C ASN A 11 -0.81 0.89 7.19
N LYS A 12 -0.93 -0.16 7.95
CA LYS A 12 0.04 -1.28 7.87
C LYS A 12 -0.48 -2.26 6.81
N GLY A 13 0.30 -3.22 6.41
CA GLY A 13 -0.18 -4.18 5.39
C GLY A 13 -1.35 -5.02 5.91
N ARG A 14 -2.10 -4.52 6.85
CA ARG A 14 -3.25 -5.30 7.37
C ARG A 14 -4.32 -5.38 6.29
N GLU A 15 -4.23 -6.36 5.42
CA GLU A 15 -5.25 -6.48 4.33
C GLU A 15 -5.43 -5.12 3.65
N GLY A 16 -4.72 -4.89 2.58
CA GLY A 16 -4.81 -3.58 1.88
C GLY A 16 -6.25 -3.33 1.40
N LYS A 17 -6.97 -2.52 2.12
CA LYS A 17 -8.37 -2.19 1.73
C LYS A 17 -8.73 -0.81 2.31
N PRO A 18 -8.55 -0.59 3.61
CA PRO A 18 -8.83 0.72 4.24
C PRO A 18 -7.56 1.56 4.32
N MET A 19 -7.56 2.78 3.81
CA MET A 19 -6.31 3.63 3.85
C MET A 19 -6.59 4.98 4.54
N ILE A 20 -5.68 5.41 5.39
CA ILE A 20 -5.85 6.73 6.09
C ILE A 20 -4.98 7.76 5.36
N SER A 21 -5.57 8.87 5.00
CA SER A 21 -4.78 9.94 4.30
C SER A 21 -4.47 11.05 5.30
N LEU A 22 -3.25 11.10 5.76
CA LEU A 22 -2.88 12.16 6.73
C LEU A 22 -2.88 13.51 6.01
N VAL A 23 -3.04 13.49 4.73
CA VAL A 23 -3.04 14.76 3.96
C VAL A 23 -4.18 15.64 4.47
N ASP A 24 -5.36 15.08 4.61
CA ASP A 24 -6.52 15.86 5.13
C ASP A 24 -7.15 15.08 6.28
N GLY A 25 -6.49 14.06 6.76
CA GLY A 25 -7.07 13.26 7.87
C GLY A 25 -8.45 12.80 7.44
N GLU A 26 -8.52 11.73 6.70
CA GLU A 26 -9.84 11.23 6.23
C GLU A 26 -9.78 9.71 6.06
N GLU A 27 -10.83 9.03 6.44
CA GLU A 27 -10.86 7.54 6.30
C GLU A 27 -11.31 7.18 4.88
N ILE A 28 -10.70 6.19 4.27
CA ILE A 28 -11.09 5.79 2.89
C ILE A 28 -11.47 4.31 2.92
N LYS A 29 -12.23 3.84 1.98
CA LYS A 29 -12.61 2.40 1.95
C LYS A 29 -12.66 1.96 0.51
N GLY A 30 -11.70 2.40 -0.24
CA GLY A 30 -11.61 2.05 -1.68
C GLY A 30 -10.23 2.48 -2.13
N THR A 31 -9.28 2.40 -1.23
CA THR A 31 -7.87 2.80 -1.57
C THR A 31 -6.88 1.77 -1.01
N VAL A 32 -5.84 1.50 -1.74
CA VAL A 32 -4.81 0.49 -1.30
C VAL A 32 -3.42 1.13 -1.40
N TYR A 33 -3.10 2.04 -0.51
CA TYR A 33 -1.77 2.72 -0.58
C TYR A 33 -1.63 3.30 -1.98
N LEU A 34 -2.73 3.54 -2.63
CA LEU A 34 -2.70 4.10 -4.01
C LEU A 34 -2.30 5.58 -3.91
N GLY A 35 -1.26 5.96 -4.58
CA GLY A 35 -0.83 7.38 -4.50
C GLY A 35 -0.07 7.62 -3.20
N ASP A 36 0.74 8.66 -3.17
CA ASP A 36 1.56 9.03 -1.96
C ASP A 36 2.95 8.41 -2.08
N GLY A 37 3.26 7.81 -3.20
CA GLY A 37 4.61 7.19 -3.39
C GLY A 37 4.39 5.78 -3.92
N TRP A 38 3.15 5.39 -4.03
CA TRP A 38 2.78 4.03 -4.51
C TRP A 38 3.81 3.51 -5.50
N SER A 39 4.13 2.25 -5.39
CA SER A 39 5.10 1.64 -6.36
C SER A 39 4.74 0.16 -6.47
N ALA A 40 4.79 -0.43 -7.64
CA ALA A 40 4.42 -1.89 -7.75
C ALA A 40 5.37 -2.60 -8.71
N LYS A 41 5.36 -3.90 -8.74
CA LYS A 41 6.23 -4.68 -9.67
C LYS A 41 5.61 -6.08 -9.75
N LYS A 42 5.32 -6.58 -10.93
CA LYS A 42 4.67 -7.93 -11.03
C LYS A 42 5.69 -9.00 -11.45
N ASP A 43 5.75 -10.09 -10.72
CA ASP A 43 6.70 -11.19 -11.04
C ASP A 43 5.94 -12.39 -11.64
N GLY A 44 4.63 -12.38 -11.57
CA GLY A 44 3.82 -13.51 -12.12
C GLY A 44 3.73 -14.65 -11.10
N ALA A 45 4.30 -14.47 -9.94
CA ALA A 45 4.24 -15.54 -8.89
C ALA A 45 4.08 -14.90 -7.51
N THR A 46 4.62 -13.72 -7.35
CA THR A 46 4.53 -12.99 -6.06
C THR A 46 4.74 -11.51 -6.40
N ILE A 47 3.76 -10.71 -6.12
CA ILE A 47 3.87 -9.26 -6.46
C ILE A 47 4.74 -8.51 -5.45
N VAL A 48 5.78 -7.88 -5.94
CA VAL A 48 6.64 -7.08 -5.02
C VAL A 48 6.17 -5.62 -5.10
N ILE A 49 5.39 -5.21 -4.14
CA ILE A 49 4.84 -3.83 -4.13
C ILE A 49 4.99 -3.25 -2.72
N SER A 50 5.30 -1.99 -2.60
CA SER A 50 5.46 -1.35 -1.28
C SER A 50 4.39 -0.27 -1.15
N PRO A 51 3.93 0.00 0.03
CA PRO A 51 2.86 1.01 0.23
C PRO A 51 3.26 2.37 -0.34
N ALA A 52 4.04 3.12 0.39
CA ALA A 52 4.44 4.47 -0.10
C ALA A 52 5.75 4.39 -0.89
N GLU A 53 6.75 3.69 -0.40
CA GLU A 53 8.04 3.66 -1.16
C GLU A 53 8.96 2.53 -0.66
N GLU A 54 10.21 2.56 -1.07
CA GLU A 54 11.22 1.54 -0.61
C GLU A 54 12.59 2.19 -0.61
N THR A 55 13.06 2.63 0.52
CA THR A 55 14.42 3.27 0.57
C THR A 55 15.21 2.62 1.70
N ALA A 56 16.49 2.46 1.52
CA ALA A 56 17.39 1.80 2.54
C ALA A 56 16.84 1.90 3.98
N LEU A 57 16.09 2.93 4.30
CA LEU A 57 15.55 3.06 5.69
C LEU A 57 14.27 2.23 5.84
N PHE A 58 13.74 1.75 4.75
CA PHE A 58 12.48 0.93 4.80
C PHE A 58 12.62 -0.26 3.84
N LYS A 59 11.54 -0.92 3.50
CA LYS A 59 11.63 -2.09 2.58
C LYS A 59 10.31 -2.31 1.84
N ALA A 60 10.33 -3.19 0.87
CA ALA A 60 9.12 -3.50 0.07
C ALA A 60 8.15 -4.38 0.86
N LYS A 61 6.99 -4.65 0.29
CA LYS A 61 5.98 -5.52 0.96
C LYS A 61 5.56 -6.59 -0.03
N HIS A 62 5.35 -7.80 0.41
CA HIS A 62 4.94 -8.90 -0.52
C HIS A 62 3.43 -8.91 -0.71
N ILE A 63 2.96 -9.68 -1.67
CA ILE A 63 1.50 -9.84 -1.91
C ILE A 63 1.33 -11.10 -2.79
N SER A 64 0.51 -12.04 -2.42
CA SER A 64 0.36 -13.26 -3.27
C SER A 64 -0.16 -12.82 -4.65
N ALA A 65 0.08 -13.58 -5.69
CA ALA A 65 -0.42 -13.16 -7.03
C ALA A 65 -1.96 -13.04 -6.98
N ALA A 66 -2.64 -14.06 -6.52
CA ALA A 66 -4.13 -13.98 -6.46
C ALA A 66 -4.54 -12.80 -5.56
N HIS A 67 -3.84 -12.61 -4.48
CA HIS A 67 -4.17 -11.47 -3.59
C HIS A 67 -4.15 -10.18 -4.42
N LEU A 68 -3.37 -10.17 -5.47
CA LEU A 68 -3.33 -8.96 -6.34
C LEU A 68 -4.74 -8.74 -6.88
N LYS A 69 -5.46 -9.80 -7.10
CA LYS A 69 -6.85 -9.69 -7.61
C LYS A 69 -7.67 -8.89 -6.60
N ILE A 70 -7.39 -9.05 -5.33
CA ILE A 70 -8.17 -8.30 -4.30
C ILE A 70 -7.99 -6.80 -4.55
N ILE A 71 -6.82 -6.38 -4.90
CA ILE A 71 -6.60 -4.93 -5.16
C ILE A 71 -7.54 -4.48 -6.28
N ALA A 72 -7.72 -5.29 -7.29
CA ALA A 72 -8.61 -4.90 -8.41
C ALA A 72 -10.06 -4.73 -7.93
N LYS A 73 -10.53 -5.59 -7.07
CA LYS A 73 -11.96 -5.49 -6.61
C LYS A 73 -12.17 -4.22 -5.77
N ASN A 74 -11.33 -3.99 -4.82
CA ASN A 74 -11.49 -2.82 -3.90
C ASN A 74 -11.48 -1.49 -4.66
N LEU A 75 -10.57 -1.31 -5.60
CA LEU A 75 -10.53 0.00 -6.33
C LEU A 75 -11.59 0.02 -7.44
N LEU A 76 -12.03 -1.13 -7.89
CA LEU A 76 -13.07 -1.16 -8.97
C LEU A 76 -13.60 -2.58 -9.14
N ALA A 1 11.93 13.52 3.87
CA ALA A 1 10.67 12.96 3.32
C ALA A 1 9.88 12.28 4.43
N THR A 2 8.68 12.74 4.69
CA THR A 2 7.84 12.14 5.77
C THR A 2 6.76 11.26 5.15
N LEU A 3 6.65 11.27 3.85
CA LEU A 3 5.62 10.41 3.19
C LEU A 3 5.93 8.96 3.52
N THR A 4 7.18 8.59 3.42
CA THR A 4 7.59 7.18 3.70
C THR A 4 7.29 6.80 5.15
N SER A 5 7.78 7.54 6.10
CA SER A 5 7.56 7.16 7.52
C SER A 5 6.10 7.40 7.95
N GLU A 6 5.56 8.54 7.67
CA GLU A 6 4.17 8.84 8.13
C GLU A 6 3.12 7.95 7.46
N VAL A 7 3.20 7.70 6.17
CA VAL A 7 2.15 6.87 5.50
C VAL A 7 2.24 5.40 5.94
N ILE A 8 3.41 4.84 5.92
CA ILE A 8 3.57 3.41 6.32
C ILE A 8 3.12 3.17 7.76
N LYS A 9 3.56 3.99 8.68
CA LYS A 9 3.16 3.80 10.11
C LYS A 9 1.65 3.96 10.27
N ALA A 10 1.07 4.92 9.59
CA ALA A 10 -0.39 5.14 9.72
C ALA A 10 -1.10 3.84 9.35
N ASN A 11 -0.59 3.15 8.36
CA ASN A 11 -1.21 1.87 7.94
C ASN A 11 -0.11 0.91 7.51
N LYS A 12 0.12 -0.10 8.29
CA LYS A 12 1.19 -1.09 7.97
C LYS A 12 0.69 -2.04 6.87
N GLY A 13 1.50 -2.98 6.46
CA GLY A 13 1.06 -3.91 5.37
C GLY A 13 0.03 -4.90 5.90
N ARG A 14 -0.87 -4.44 6.73
CA ARG A 14 -1.91 -5.35 7.27
C ARG A 14 -3.01 -5.50 6.21
N GLU A 15 -2.85 -6.43 5.31
CA GLU A 15 -3.89 -6.63 4.25
C GLU A 15 -4.16 -5.31 3.54
N GLY A 16 -3.67 -5.16 2.33
CA GLY A 16 -3.91 -3.90 1.59
C GLY A 16 -5.38 -3.80 1.19
N LYS A 17 -6.18 -3.16 1.99
CA LYS A 17 -7.64 -3.02 1.66
C LYS A 17 -8.13 -1.65 2.16
N PRO A 18 -7.91 -1.31 3.42
CA PRO A 18 -8.34 0.01 3.95
C PRO A 18 -7.19 1.03 3.91
N MET A 19 -7.43 2.21 3.37
CA MET A 19 -6.36 3.25 3.31
C MET A 19 -6.83 4.48 4.07
N ILE A 20 -6.07 4.92 5.04
CA ILE A 20 -6.47 6.13 5.83
C ILE A 20 -5.55 7.28 5.46
N SER A 21 -6.11 8.40 5.12
CA SER A 21 -5.27 9.57 4.78
C SER A 21 -5.05 10.40 6.04
N LEU A 22 -3.92 10.22 6.67
CA LEU A 22 -3.64 10.98 7.91
C LEU A 22 -3.72 12.47 7.60
N VAL A 23 -3.81 12.80 6.33
CA VAL A 23 -3.92 14.22 5.94
C VAL A 23 -5.18 14.80 6.57
N ASP A 24 -6.23 14.02 6.55
CA ASP A 24 -7.53 14.44 7.16
C ASP A 24 -7.94 13.39 8.20
N GLY A 25 -7.31 12.24 8.18
CA GLY A 25 -7.65 11.18 9.17
C GLY A 25 -8.92 10.44 8.72
N GLU A 26 -9.31 10.61 7.49
CA GLU A 26 -10.57 9.96 7.00
C GLU A 26 -10.32 8.50 6.57
N GLU A 27 -11.33 7.67 6.70
CA GLU A 27 -11.21 6.23 6.31
C GLU A 27 -11.65 6.07 4.85
N ILE A 28 -10.85 5.40 4.05
CA ILE A 28 -11.19 5.22 2.61
C ILE A 28 -11.22 3.72 2.26
N LYS A 29 -12.23 3.01 2.68
CA LYS A 29 -12.28 1.55 2.36
C LYS A 29 -12.49 1.38 0.85
N GLY A 30 -11.47 0.95 0.16
CA GLY A 30 -11.55 0.76 -1.31
C GLY A 30 -10.32 1.39 -1.97
N THR A 31 -9.27 1.56 -1.21
CA THR A 31 -8.02 2.15 -1.76
C THR A 31 -6.83 1.45 -1.11
N VAL A 32 -5.72 1.36 -1.80
CA VAL A 32 -4.51 0.69 -1.22
C VAL A 32 -3.31 1.64 -1.31
N TYR A 33 -3.11 2.45 -0.32
CA TYR A 33 -1.95 3.39 -0.34
C TYR A 33 -2.02 4.28 -1.59
N LEU A 34 -3.19 4.40 -2.18
CA LEU A 34 -3.34 5.26 -3.39
C LEU A 34 -3.28 6.73 -2.97
N GLY A 35 -2.66 7.57 -3.75
CA GLY A 35 -2.56 9.02 -3.37
C GLY A 35 -1.30 9.24 -2.54
N ASP A 36 -0.41 8.29 -2.55
CA ASP A 36 0.87 8.42 -1.78
C ASP A 36 2.04 8.15 -2.73
N GLY A 37 3.04 7.42 -2.29
CA GLY A 37 4.20 7.11 -3.17
C GLY A 37 4.05 5.68 -3.69
N TRP A 38 2.83 5.19 -3.71
CA TRP A 38 2.58 3.79 -4.16
C TRP A 38 3.48 3.42 -5.32
N SER A 39 4.17 2.32 -5.20
CA SER A 39 5.06 1.85 -6.31
C SER A 39 5.14 0.33 -6.24
N ALA A 40 5.09 -0.37 -7.35
CA ALA A 40 5.13 -1.86 -7.27
C ALA A 40 5.59 -2.45 -8.60
N LYS A 41 5.82 -3.74 -8.66
CA LYS A 41 6.25 -4.39 -9.93
C LYS A 41 5.76 -5.85 -9.88
N LYS A 42 5.53 -6.49 -11.01
CA LYS A 42 5.05 -7.91 -10.99
C LYS A 42 6.23 -8.85 -11.27
N ASP A 43 6.53 -9.74 -10.36
CA ASP A 43 7.69 -10.67 -10.56
C ASP A 43 7.19 -12.05 -11.02
N GLY A 44 5.90 -12.26 -11.04
CA GLY A 44 5.38 -13.60 -11.48
C GLY A 44 4.11 -13.96 -10.71
N ALA A 45 4.17 -15.02 -9.95
CA ALA A 45 2.99 -15.46 -9.16
C ALA A 45 3.05 -14.81 -7.77
N THR A 46 3.83 -13.78 -7.62
CA THR A 46 3.93 -13.06 -6.31
C THR A 46 4.27 -11.60 -6.60
N ILE A 47 3.41 -10.70 -6.26
CA ILE A 47 3.65 -9.25 -6.53
C ILE A 47 4.47 -8.61 -5.40
N VAL A 48 5.39 -7.74 -5.76
CA VAL A 48 6.22 -7.04 -4.74
C VAL A 48 5.78 -5.56 -4.72
N ILE A 49 5.48 -5.01 -3.57
CA ILE A 49 4.99 -3.59 -3.54
C ILE A 49 5.37 -2.90 -2.22
N SER A 50 5.63 -1.61 -2.27
CA SER A 50 5.95 -0.84 -1.04
C SER A 50 4.76 0.11 -0.85
N PRO A 51 4.06 0.05 0.27
CA PRO A 51 2.88 0.91 0.51
C PRO A 51 3.07 2.30 -0.08
N ALA A 52 3.87 3.13 0.53
CA ALA A 52 4.10 4.50 -0.01
C ALA A 52 5.49 4.54 -0.67
N GLU A 53 6.50 4.06 0.03
CA GLU A 53 7.88 4.13 -0.51
C GLU A 53 8.77 3.11 0.21
N GLU A 54 10.07 3.24 0.04
CA GLU A 54 11.03 2.33 0.71
C GLU A 54 12.46 2.83 0.46
N THR A 55 13.17 3.21 1.49
CA THR A 55 14.57 3.71 1.30
C THR A 55 15.53 2.53 1.40
N ALA A 56 15.82 2.09 2.59
CA ALA A 56 16.72 0.93 2.78
C ALA A 56 16.27 0.23 4.05
N LEU A 57 16.59 0.78 5.19
CA LEU A 57 16.17 0.16 6.47
C LEU A 57 14.64 0.17 6.60
N PHE A 58 13.93 0.25 5.50
CA PHE A 58 12.44 0.25 5.57
C PHE A 58 11.95 -1.16 5.25
N LYS A 59 10.65 -1.34 5.18
CA LYS A 59 10.11 -2.71 4.93
C LYS A 59 9.26 -2.75 3.66
N ALA A 60 9.41 -3.82 2.91
CA ALA A 60 8.62 -4.03 1.67
C ALA A 60 7.31 -4.71 2.06
N LYS A 61 6.43 -4.95 1.14
CA LYS A 61 5.13 -5.64 1.48
C LYS A 61 4.85 -6.69 0.40
N HIS A 62 4.63 -7.92 0.80
CA HIS A 62 4.35 -8.98 -0.19
C HIS A 62 2.87 -8.99 -0.58
N ILE A 63 2.56 -9.61 -1.68
CA ILE A 63 1.13 -9.70 -2.13
C ILE A 63 0.98 -10.99 -2.94
N SER A 64 0.24 -11.94 -2.44
CA SER A 64 0.06 -13.21 -3.20
C SER A 64 -0.65 -12.89 -4.52
N ALA A 65 -0.43 -13.66 -5.54
CA ALA A 65 -1.12 -13.36 -6.82
C ALA A 65 -2.63 -13.26 -6.58
N ALA A 66 -3.20 -14.16 -5.84
CA ALA A 66 -4.67 -14.07 -5.59
C ALA A 66 -4.98 -12.72 -4.93
N HIS A 67 -4.16 -12.30 -4.02
CA HIS A 67 -4.39 -10.99 -3.35
C HIS A 67 -4.36 -9.88 -4.41
N LEU A 68 -3.53 -10.01 -5.41
CA LEU A 68 -3.46 -8.95 -6.47
C LEU A 68 -4.85 -8.77 -7.06
N LYS A 69 -5.60 -9.83 -7.14
CA LYS A 69 -6.98 -9.72 -7.66
C LYS A 69 -7.77 -8.77 -6.75
N ILE A 70 -7.56 -8.87 -5.46
CA ILE A 70 -8.28 -7.96 -4.53
C ILE A 70 -7.93 -6.50 -4.83
N ILE A 71 -6.74 -6.21 -5.27
CA ILE A 71 -6.44 -4.79 -5.57
C ILE A 71 -7.41 -4.31 -6.65
N ALA A 72 -7.70 -5.13 -7.61
CA ALA A 72 -8.67 -4.71 -8.67
C ALA A 72 -10.07 -4.60 -8.07
N LYS A 73 -10.40 -5.46 -7.15
CA LYS A 73 -11.75 -5.44 -6.54
C LYS A 73 -11.95 -4.07 -5.87
N ASN A 74 -10.98 -3.64 -5.12
CA ASN A 74 -11.09 -2.34 -4.41
C ASN A 74 -10.87 -1.17 -5.38
N LEU A 75 -9.67 -0.92 -5.80
CA LEU A 75 -9.39 0.23 -6.71
C LEU A 75 -10.17 0.11 -8.02
N LEU A 76 -10.19 -1.06 -8.61
CA LEU A 76 -10.92 -1.25 -9.90
C LEU A 76 -12.25 -1.95 -9.65
N ALA A 1 12.03 13.72 5.19
CA ALA A 1 10.75 13.52 4.47
C ALA A 1 9.78 12.72 5.34
N THR A 2 8.54 13.10 5.38
CA THR A 2 7.53 12.36 6.22
C THR A 2 6.68 11.45 5.35
N LEU A 3 6.90 11.44 4.07
CA LEU A 3 6.11 10.55 3.17
C LEU A 3 6.30 9.09 3.59
N THR A 4 7.54 8.72 3.78
CA THR A 4 7.85 7.33 4.17
C THR A 4 7.59 7.12 5.67
N SER A 5 8.11 7.97 6.49
CA SER A 5 7.95 7.78 7.96
C SER A 5 6.48 7.93 8.41
N GLU A 6 5.82 9.01 8.08
CA GLU A 6 4.41 9.18 8.56
C GLU A 6 3.43 8.19 7.92
N VAL A 7 3.55 7.95 6.65
CA VAL A 7 2.59 7.03 5.97
C VAL A 7 2.66 5.62 6.57
N ILE A 8 3.83 5.07 6.71
CA ILE A 8 3.97 3.68 7.26
C ILE A 8 3.40 3.64 8.70
N LYS A 9 3.65 4.66 9.48
CA LYS A 9 3.18 4.64 10.90
C LYS A 9 1.66 4.48 10.97
N ALA A 10 0.92 5.21 10.18
CA ALA A 10 -0.56 5.10 10.22
C ALA A 10 -1.02 3.67 9.90
N ASN A 11 -0.51 3.06 8.86
CA ASN A 11 -0.95 1.68 8.50
C ASN A 11 -0.10 0.63 9.22
N LYS A 12 1.11 0.39 8.79
CA LYS A 12 1.94 -0.64 9.46
C LYS A 12 1.11 -1.92 9.61
N GLY A 13 0.49 -2.35 8.54
CA GLY A 13 -0.37 -3.56 8.58
C GLY A 13 -1.37 -3.44 7.43
N ARG A 14 -0.90 -2.97 6.30
CA ARG A 14 -1.81 -2.79 5.14
C ARG A 14 -2.50 -4.11 4.82
N GLU A 15 -3.80 -4.11 4.91
CA GLU A 15 -4.56 -5.34 4.60
C GLU A 15 -4.63 -5.49 3.09
N GLY A 16 -4.76 -4.40 2.36
CA GLY A 16 -4.83 -4.47 0.87
C GLY A 16 -6.23 -4.01 0.44
N LYS A 17 -6.90 -3.24 1.26
CA LYS A 17 -8.27 -2.75 0.89
C LYS A 17 -8.57 -1.39 1.57
N PRO A 18 -8.22 -1.20 2.83
CA PRO A 18 -8.51 0.06 3.57
C PRO A 18 -7.38 1.09 3.49
N MET A 19 -7.66 2.27 2.96
CA MET A 19 -6.62 3.35 2.85
C MET A 19 -7.07 4.60 3.60
N ILE A 20 -6.28 5.08 4.53
CA ILE A 20 -6.66 6.33 5.28
C ILE A 20 -5.60 7.41 5.03
N SER A 21 -6.04 8.57 4.67
CA SER A 21 -5.07 9.68 4.41
C SER A 21 -4.89 10.46 5.72
N LEU A 22 -3.83 10.19 6.44
CA LEU A 22 -3.60 10.91 7.72
C LEU A 22 -3.39 12.40 7.46
N VAL A 23 -3.29 12.79 6.21
CA VAL A 23 -3.09 14.24 5.91
C VAL A 23 -4.31 14.98 6.46
N ASP A 24 -5.47 14.46 6.18
CA ASP A 24 -6.75 15.08 6.65
C ASP A 24 -7.59 14.02 7.34
N GLY A 25 -7.00 12.86 7.55
CA GLY A 25 -7.72 11.74 8.21
C GLY A 25 -9.06 11.50 7.54
N GLU A 26 -9.08 10.63 6.55
CA GLU A 26 -10.37 10.31 5.85
C GLU A 26 -10.38 8.82 5.49
N GLU A 27 -11.50 8.16 5.69
CA GLU A 27 -11.57 6.71 5.34
C GLU A 27 -11.83 6.57 3.84
N ILE A 28 -10.98 5.86 3.14
CA ILE A 28 -11.14 5.69 1.66
C ILE A 28 -11.10 4.20 1.29
N LYS A 29 -12.16 3.47 1.55
CA LYS A 29 -12.16 2.02 1.20
C LYS A 29 -12.29 1.88 -0.31
N GLY A 30 -11.55 2.65 -1.06
CA GLY A 30 -11.64 2.58 -2.55
C GLY A 30 -10.26 2.90 -3.10
N THR A 31 -9.26 2.72 -2.30
CA THR A 31 -7.87 3.01 -2.72
C THR A 31 -6.92 2.12 -1.93
N VAL A 32 -5.73 1.89 -2.42
CA VAL A 32 -4.74 1.05 -1.68
C VAL A 32 -3.39 1.75 -1.66
N TYR A 33 -2.95 2.19 -0.51
CA TYR A 33 -1.64 2.92 -0.42
C TYR A 33 -1.49 3.86 -1.63
N LEU A 34 -2.59 4.22 -2.23
CA LEU A 34 -2.55 5.12 -3.41
C LEU A 34 -2.41 6.58 -2.96
N GLY A 35 -1.46 7.30 -3.50
CA GLY A 35 -1.28 8.74 -3.11
C GLY A 35 0.16 8.98 -2.71
N ASP A 36 0.47 8.68 -1.47
CA ASP A 36 1.84 8.85 -0.90
C ASP A 36 2.93 8.61 -1.95
N GLY A 37 3.61 7.50 -1.86
CA GLY A 37 4.69 7.18 -2.83
C GLY A 37 4.37 5.84 -3.46
N TRP A 38 3.10 5.55 -3.58
CA TRP A 38 2.66 4.25 -4.17
C TRP A 38 3.65 3.77 -5.24
N SER A 39 4.01 2.52 -5.17
CA SER A 39 4.94 1.95 -6.18
C SER A 39 4.68 0.46 -6.26
N ALA A 40 4.81 -0.18 -7.39
CA ALA A 40 4.53 -1.65 -7.46
C ALA A 40 5.51 -2.30 -8.43
N LYS A 41 5.49 -3.60 -8.50
CA LYS A 41 6.40 -4.33 -9.43
C LYS A 41 5.84 -5.75 -9.57
N LYS A 42 5.77 -6.28 -10.77
CA LYS A 42 5.26 -7.68 -10.93
C LYS A 42 6.43 -8.57 -11.37
N ASP A 43 6.70 -9.62 -10.63
CA ASP A 43 7.84 -10.53 -10.98
C ASP A 43 7.33 -11.86 -11.57
N GLY A 44 6.06 -12.13 -11.50
CA GLY A 44 5.54 -13.43 -12.04
C GLY A 44 4.29 -13.86 -11.26
N ALA A 45 4.31 -15.03 -10.66
CA ALA A 45 3.12 -15.51 -9.88
C ALA A 45 3.20 -14.95 -8.46
N THR A 46 3.90 -13.87 -8.26
CA THR A 46 4.00 -13.25 -6.91
C THR A 46 4.31 -11.76 -7.10
N ILE A 47 3.39 -10.91 -6.73
CA ILE A 47 3.59 -9.46 -6.93
C ILE A 47 4.30 -8.80 -5.72
N VAL A 48 5.25 -7.94 -5.99
CA VAL A 48 5.99 -7.22 -4.90
C VAL A 48 5.64 -5.73 -4.96
N ILE A 49 5.08 -5.19 -3.90
CA ILE A 49 4.72 -3.74 -3.89
C ILE A 49 4.97 -3.15 -2.49
N SER A 50 5.35 -1.89 -2.42
CA SER A 50 5.61 -1.23 -1.12
C SER A 50 4.57 -0.11 -0.96
N PRO A 51 3.87 -0.05 0.14
CA PRO A 51 2.84 0.98 0.36
C PRO A 51 3.28 2.36 -0.18
N ALA A 52 4.14 3.05 0.52
CA ALA A 52 4.57 4.41 0.04
C ALA A 52 5.92 4.37 -0.69
N GLU A 53 6.92 3.76 -0.15
CA GLU A 53 8.25 3.78 -0.82
C GLU A 53 9.18 2.73 -0.21
N GLU A 54 10.47 2.84 -0.45
CA GLU A 54 11.43 1.86 0.14
C GLU A 54 12.86 2.45 0.24
N THR A 55 13.32 2.79 1.42
CA THR A 55 14.71 3.34 1.57
C THR A 55 15.55 2.29 2.31
N ALA A 56 16.58 1.80 1.65
CA ALA A 56 17.48 0.78 2.26
C ALA A 56 16.74 0.00 3.33
N LEU A 57 16.82 0.47 4.54
CA LEU A 57 16.16 -0.20 5.68
C LEU A 57 14.63 -0.17 5.54
N PHE A 58 14.12 -0.45 4.38
CA PHE A 58 12.64 -0.42 4.20
C PHE A 58 12.04 -1.79 4.44
N LYS A 59 10.77 -1.89 4.20
CA LYS A 59 10.05 -3.17 4.37
C LYS A 59 9.07 -3.34 3.21
N ALA A 60 9.32 -4.27 2.33
CA ALA A 60 8.38 -4.48 1.19
C ALA A 60 7.11 -5.18 1.70
N LYS A 61 6.12 -5.34 0.86
CA LYS A 61 4.86 -6.05 1.27
C LYS A 61 4.61 -7.15 0.24
N HIS A 62 4.38 -8.37 0.67
CA HIS A 62 4.16 -9.47 -0.32
C HIS A 62 2.73 -9.45 -0.84
N ILE A 63 2.53 -10.07 -1.97
CA ILE A 63 1.16 -10.17 -2.55
C ILE A 63 1.12 -11.43 -3.44
N SER A 64 0.35 -12.41 -3.08
CA SER A 64 0.30 -13.63 -3.93
C SER A 64 -0.35 -13.20 -5.26
N ALA A 65 -0.16 -13.95 -6.30
CA ALA A 65 -0.79 -13.55 -7.59
C ALA A 65 -2.29 -13.32 -7.32
N ALA A 66 -2.90 -14.22 -6.59
CA ALA A 66 -4.35 -14.07 -6.27
C ALA A 66 -4.58 -12.79 -5.46
N HIS A 67 -3.68 -12.48 -4.55
CA HIS A 67 -3.86 -11.23 -3.74
C HIS A 67 -3.87 -10.03 -4.68
N LEU A 68 -3.27 -10.14 -5.83
CA LEU A 68 -3.30 -8.97 -6.77
C LEU A 68 -4.76 -8.67 -7.07
N LYS A 69 -5.53 -9.70 -7.33
CA LYS A 69 -6.98 -9.50 -7.63
C LYS A 69 -7.62 -8.70 -6.49
N ILE A 70 -7.13 -8.81 -5.28
CA ILE A 70 -7.74 -8.03 -4.15
C ILE A 70 -7.61 -6.53 -4.47
N ILE A 71 -6.50 -6.13 -5.02
CA ILE A 71 -6.33 -4.70 -5.38
C ILE A 71 -7.43 -4.29 -6.37
N ALA A 72 -7.76 -5.13 -7.31
CA ALA A 72 -8.84 -4.76 -8.27
C ALA A 72 -10.21 -4.74 -7.55
N LYS A 73 -10.41 -5.57 -6.57
CA LYS A 73 -11.75 -5.58 -5.88
C LYS A 73 -11.97 -4.30 -5.05
N ASN A 74 -11.07 -3.99 -4.17
CA ASN A 74 -11.24 -2.79 -3.31
C ASN A 74 -11.31 -1.51 -4.14
N LEU A 75 -10.44 -1.37 -5.11
CA LEU A 75 -10.44 -0.12 -5.95
C LEU A 75 -11.75 -0.01 -6.73
N LEU A 76 -12.10 -1.02 -7.45
CA LEU A 76 -13.36 -0.96 -8.25
C LEU A 76 -14.55 -1.01 -7.28
N ALA A 1 8.41 13.21 10.86
CA ALA A 1 7.13 13.38 10.12
C ALA A 1 7.43 13.46 8.63
N THR A 2 7.64 12.33 8.01
CA THR A 2 7.92 12.28 6.57
C THR A 2 6.77 11.56 5.90
N LEU A 3 6.63 11.71 4.63
CA LEU A 3 5.53 11.01 3.90
C LEU A 3 5.74 9.50 4.01
N THR A 4 6.93 9.04 3.70
CA THR A 4 7.20 7.58 3.74
C THR A 4 6.94 7.02 5.14
N SER A 5 7.45 7.64 6.17
CA SER A 5 7.22 7.08 7.54
C SER A 5 5.75 7.24 7.97
N GLU A 6 5.15 8.35 7.68
CA GLU A 6 3.72 8.59 8.11
C GLU A 6 2.73 7.67 7.38
N VAL A 7 2.80 7.62 6.07
CA VAL A 7 1.83 6.78 5.29
C VAL A 7 2.06 5.30 5.51
N ILE A 8 3.28 4.86 5.56
CA ILE A 8 3.52 3.41 5.72
C ILE A 8 2.89 2.91 7.02
N LYS A 9 3.11 3.60 8.10
CA LYS A 9 2.51 3.16 9.39
C LYS A 9 0.99 3.34 9.33
N ALA A 10 0.51 4.30 8.61
CA ALA A 10 -0.96 4.54 8.53
C ALA A 10 -1.67 3.38 7.82
N ASN A 11 -1.04 2.78 6.85
CA ASN A 11 -1.69 1.67 6.09
C ASN A 11 -1.21 0.30 6.60
N LYS A 12 -0.12 0.24 7.32
CA LYS A 12 0.33 -1.09 7.82
C LYS A 12 -0.64 -1.57 8.89
N GLY A 13 -1.04 -2.82 8.82
CA GLY A 13 -1.99 -3.33 9.84
C GLY A 13 -2.57 -4.65 9.34
N ARG A 14 -2.98 -4.67 8.11
CA ARG A 14 -3.57 -5.93 7.55
C ARG A 14 -3.68 -5.78 6.03
N GLU A 15 -4.26 -6.78 5.38
CA GLU A 15 -4.42 -6.74 3.89
C GLU A 15 -4.73 -5.33 3.44
N GLY A 16 -4.13 -4.93 2.37
CA GLY A 16 -4.36 -3.55 1.89
C GLY A 16 -5.80 -3.39 1.41
N LYS A 17 -6.63 -2.78 2.22
CA LYS A 17 -8.07 -2.55 1.84
C LYS A 17 -8.51 -1.18 2.34
N PRO A 18 -8.24 -0.84 3.59
CA PRO A 18 -8.61 0.47 4.18
C PRO A 18 -7.42 1.43 4.17
N MET A 19 -7.61 2.68 3.80
CA MET A 19 -6.44 3.64 3.77
C MET A 19 -6.69 4.87 4.65
N ILE A 20 -5.68 5.28 5.39
CA ILE A 20 -5.82 6.48 6.28
C ILE A 20 -5.07 7.65 5.65
N SER A 21 -5.68 8.80 5.61
CA SER A 21 -5.02 10.00 5.01
C SER A 21 -4.66 11.00 6.11
N LEU A 22 -3.42 11.05 6.49
CA LEU A 22 -3.02 12.01 7.57
C LEU A 22 -3.26 13.44 7.07
N VAL A 23 -3.35 13.61 5.79
CA VAL A 23 -3.56 14.98 5.24
C VAL A 23 -4.84 15.58 5.78
N ASP A 24 -5.90 14.80 5.81
CA ASP A 24 -7.20 15.31 6.33
C ASP A 24 -7.68 14.38 7.44
N GLY A 25 -6.91 13.37 7.76
CA GLY A 25 -7.33 12.42 8.82
C GLY A 25 -8.74 11.90 8.48
N GLU A 26 -8.84 10.93 7.62
CA GLU A 26 -10.19 10.39 7.26
C GLU A 26 -10.07 8.91 6.86
N GLU A 27 -11.06 8.12 7.20
CA GLU A 27 -11.03 6.67 6.81
C GLU A 27 -11.50 6.57 5.37
N ILE A 28 -10.81 5.83 4.53
CA ILE A 28 -11.22 5.73 3.10
C ILE A 28 -11.32 4.27 2.66
N LYS A 29 -12.34 3.55 3.09
CA LYS A 29 -12.44 2.12 2.67
C LYS A 29 -12.68 2.05 1.17
N GLY A 30 -11.74 1.48 0.46
CA GLY A 30 -11.86 1.37 -1.04
C GLY A 30 -10.62 2.02 -1.66
N THR A 31 -9.57 2.14 -0.89
CA THR A 31 -8.32 2.75 -1.38
C THR A 31 -7.14 1.97 -0.78
N VAL A 32 -6.04 1.88 -1.48
CA VAL A 32 -4.87 1.13 -0.93
C VAL A 32 -3.60 2.01 -1.08
N TYR A 33 -3.17 2.61 0.00
CA TYR A 33 -1.94 3.49 -0.03
C TYR A 33 -1.84 4.22 -1.38
N LEU A 34 -2.95 4.57 -1.97
CA LEU A 34 -2.93 5.26 -3.29
C LEU A 34 -2.96 6.78 -3.07
N GLY A 35 -2.07 7.49 -3.71
CA GLY A 35 -2.02 8.97 -3.54
C GLY A 35 -0.98 9.31 -2.48
N ASP A 36 0.13 8.63 -2.51
CA ASP A 36 1.20 8.90 -1.52
C ASP A 36 2.55 8.62 -2.18
N GLY A 37 2.63 7.59 -2.97
CA GLY A 37 3.92 7.26 -3.63
C GLY A 37 3.97 5.77 -3.93
N TRP A 38 2.85 5.16 -4.21
CA TRP A 38 2.83 3.70 -4.47
C TRP A 38 3.90 3.31 -5.48
N SER A 39 4.47 2.14 -5.31
CA SER A 39 5.50 1.63 -6.26
C SER A 39 5.32 0.12 -6.32
N ALA A 40 5.29 -0.49 -7.48
CA ALA A 40 5.06 -1.96 -7.51
C ALA A 40 5.76 -2.56 -8.74
N LYS A 41 5.81 -3.85 -8.81
CA LYS A 41 6.41 -4.53 -9.98
C LYS A 41 5.98 -6.00 -9.91
N LYS A 42 5.52 -6.57 -11.00
CA LYS A 42 5.05 -7.99 -10.93
C LYS A 42 6.20 -8.92 -11.32
N ASP A 43 6.59 -9.81 -10.43
CA ASP A 43 7.73 -10.72 -10.72
C ASP A 43 7.21 -12.08 -11.19
N GLY A 44 5.91 -12.26 -11.25
CA GLY A 44 5.35 -13.57 -11.70
C GLY A 44 4.12 -13.93 -10.85
N ALA A 45 4.18 -15.03 -10.16
CA ALA A 45 3.01 -15.45 -9.33
C ALA A 45 2.99 -14.68 -8.01
N THR A 46 3.99 -13.89 -7.74
CA THR A 46 4.04 -13.10 -6.48
C THR A 46 4.40 -11.66 -6.81
N ILE A 47 3.65 -10.72 -6.30
CA ILE A 47 3.91 -9.28 -6.60
C ILE A 47 4.74 -8.63 -5.48
N VAL A 48 5.63 -7.74 -5.85
CA VAL A 48 6.46 -7.01 -4.85
C VAL A 48 6.04 -5.54 -4.86
N ILE A 49 5.60 -5.00 -3.76
CA ILE A 49 5.16 -3.57 -3.75
C ILE A 49 5.29 -2.98 -2.34
N SER A 50 5.65 -1.72 -2.24
CA SER A 50 5.76 -1.05 -0.92
C SER A 50 4.64 0.01 -0.89
N PRO A 51 3.73 -0.07 0.07
CA PRO A 51 2.57 0.86 0.16
C PRO A 51 2.93 2.30 -0.23
N ALA A 52 3.56 3.05 0.62
CA ALA A 52 3.88 4.46 0.27
C ALA A 52 5.17 4.56 -0.53
N GLU A 53 6.26 4.08 -0.01
CA GLU A 53 7.56 4.20 -0.75
C GLU A 53 8.54 3.15 -0.23
N GLU A 54 9.78 3.27 -0.61
CA GLU A 54 10.81 2.32 -0.12
C GLU A 54 12.20 2.84 -0.51
N THR A 55 13.02 3.19 0.46
CA THR A 55 14.39 3.71 0.16
C THR A 55 15.45 2.95 0.96
N ALA A 56 15.29 1.64 1.06
CA ALA A 56 16.29 0.81 1.82
C ALA A 56 16.10 0.98 3.33
N LEU A 57 15.55 2.09 3.74
CA LEU A 57 15.33 2.37 5.19
C LEU A 57 13.93 1.89 5.60
N PHE A 58 13.18 1.35 4.68
CA PHE A 58 11.80 0.85 5.00
C PHE A 58 11.69 -0.61 4.56
N LYS A 59 10.49 -1.13 4.39
CA LYS A 59 10.36 -2.56 3.99
C LYS A 59 9.32 -2.75 2.89
N ALA A 60 9.54 -3.74 2.07
CA ALA A 60 8.59 -4.06 0.97
C ALA A 60 7.47 -4.95 1.53
N LYS A 61 6.49 -5.28 0.73
CA LYS A 61 5.40 -6.18 1.19
C LYS A 61 5.19 -7.23 0.10
N HIS A 62 4.93 -8.46 0.46
CA HIS A 62 4.73 -9.52 -0.56
C HIS A 62 3.23 -9.81 -0.73
N ILE A 63 2.67 -9.39 -1.84
CA ILE A 63 1.23 -9.62 -2.10
C ILE A 63 1.11 -10.80 -3.07
N SER A 64 0.73 -11.95 -2.59
CA SER A 64 0.62 -13.13 -3.49
C SER A 64 -0.24 -12.73 -4.70
N ALA A 65 -0.22 -13.50 -5.75
CA ALA A 65 -1.04 -13.14 -6.94
C ALA A 65 -2.51 -13.05 -6.53
N ALA A 66 -3.04 -14.01 -5.83
CA ALA A 66 -4.48 -13.92 -5.46
C ALA A 66 -4.74 -12.66 -4.63
N HIS A 67 -3.85 -12.30 -3.73
CA HIS A 67 -4.07 -11.07 -2.94
C HIS A 67 -4.13 -9.87 -3.90
N LEU A 68 -3.31 -9.88 -4.92
CA LEU A 68 -3.32 -8.75 -5.90
C LEU A 68 -4.74 -8.59 -6.46
N LYS A 69 -5.45 -9.67 -6.61
CA LYS A 69 -6.84 -9.58 -7.13
C LYS A 69 -7.66 -8.71 -6.17
N ILE A 70 -7.38 -8.76 -4.89
CA ILE A 70 -8.16 -7.92 -3.94
C ILE A 70 -7.96 -6.45 -4.32
N ILE A 71 -6.77 -6.08 -4.67
CA ILE A 71 -6.54 -4.66 -5.03
C ILE A 71 -7.38 -4.29 -6.27
N ALA A 72 -7.45 -5.17 -7.24
CA ALA A 72 -8.23 -4.86 -8.47
C ALA A 72 -9.73 -4.62 -8.18
N LYS A 73 -10.37 -5.45 -7.40
CA LYS A 73 -11.82 -5.20 -7.15
C LYS A 73 -12.01 -3.95 -6.29
N ASN A 74 -11.14 -3.73 -5.35
CA ASN A 74 -11.28 -2.56 -4.45
C ASN A 74 -11.17 -1.25 -5.23
N LEU A 75 -10.03 -0.96 -5.77
CA LEU A 75 -9.84 0.33 -6.50
C LEU A 75 -10.69 0.38 -7.78
N LEU A 76 -10.67 -0.66 -8.57
CA LEU A 76 -11.46 -0.64 -9.83
C LEU A 76 -12.95 -0.86 -9.51
N ALA A 1 11.63 10.85 7.50
CA ALA A 1 11.31 11.48 6.18
C ALA A 1 9.98 12.20 6.27
N THR A 2 8.90 11.47 6.02
CA THR A 2 7.53 12.08 6.07
C THR A 2 6.55 11.18 5.29
N LEU A 3 6.58 11.24 3.98
CA LEU A 3 5.64 10.39 3.19
C LEU A 3 5.96 8.94 3.56
N THR A 4 7.23 8.65 3.66
CA THR A 4 7.68 7.28 4.02
C THR A 4 7.51 7.08 5.54
N SER A 5 8.00 8.01 6.32
CA SER A 5 7.91 7.83 7.80
C SER A 5 6.46 7.99 8.29
N GLU A 6 5.84 9.09 8.03
CA GLU A 6 4.45 9.30 8.57
C GLU A 6 3.45 8.23 8.07
N VAL A 7 3.46 7.89 6.81
CA VAL A 7 2.44 6.90 6.32
C VAL A 7 2.67 5.51 6.93
N ILE A 8 3.87 5.07 6.99
CA ILE A 8 4.14 3.70 7.53
C ILE A 8 3.64 3.60 8.98
N LYS A 9 3.89 4.57 9.80
CA LYS A 9 3.44 4.48 11.22
C LYS A 9 1.92 4.57 11.33
N ALA A 10 1.32 5.55 10.70
CA ALA A 10 -0.17 5.68 10.78
C ALA A 10 -0.83 4.47 10.13
N ASN A 11 -0.11 3.75 9.31
CA ASN A 11 -0.70 2.56 8.63
C ASN A 11 0.36 1.47 8.44
N LYS A 12 0.10 0.29 8.95
CA LYS A 12 1.08 -0.84 8.80
C LYS A 12 0.38 -2.21 8.78
N GLY A 13 0.25 -2.78 7.61
CA GLY A 13 -0.38 -4.12 7.48
C GLY A 13 -1.89 -4.05 7.67
N ARG A 14 -2.52 -3.09 7.06
CA ARG A 14 -4.00 -2.96 7.22
C ARG A 14 -4.73 -4.19 6.65
N GLU A 15 -5.16 -4.08 5.42
CA GLU A 15 -5.90 -5.17 4.71
C GLU A 15 -6.44 -4.58 3.40
N GLY A 16 -5.60 -4.53 2.39
CA GLY A 16 -5.96 -3.97 1.03
C GLY A 16 -7.44 -3.56 0.90
N LYS A 17 -7.84 -2.51 1.57
CA LYS A 17 -9.25 -2.04 1.43
C LYS A 17 -9.45 -0.72 2.19
N PRO A 18 -9.07 -0.65 3.46
CA PRO A 18 -9.22 0.59 4.27
C PRO A 18 -7.95 1.45 4.34
N MET A 19 -7.96 2.61 3.74
CA MET A 19 -6.76 3.51 3.76
C MET A 19 -7.17 4.86 4.35
N ILE A 20 -6.39 5.39 5.27
CA ILE A 20 -6.74 6.71 5.89
C ILE A 20 -5.82 7.79 5.35
N SER A 21 -6.36 8.92 5.00
CA SER A 21 -5.50 10.02 4.51
C SER A 21 -5.05 10.81 5.74
N LEU A 22 -3.87 10.55 6.21
CA LEU A 22 -3.36 11.26 7.42
C LEU A 22 -3.18 12.73 7.06
N VAL A 23 -3.21 13.03 5.81
CA VAL A 23 -3.05 14.43 5.37
C VAL A 23 -4.18 15.26 5.96
N ASP A 24 -5.38 14.74 5.94
CA ASP A 24 -6.56 15.47 6.50
C ASP A 24 -7.28 14.58 7.51
N GLY A 25 -7.02 13.30 7.47
CA GLY A 25 -7.68 12.37 8.44
C GLY A 25 -9.07 11.99 7.92
N GLU A 26 -9.15 11.13 6.93
CA GLU A 26 -10.48 10.70 6.39
C GLU A 26 -10.46 9.21 6.10
N GLU A 27 -11.44 8.47 6.54
CA GLU A 27 -11.46 7.00 6.28
C GLU A 27 -11.99 6.72 4.87
N ILE A 28 -11.20 6.05 4.06
CA ILE A 28 -11.62 5.69 2.69
C ILE A 28 -11.85 4.18 2.70
N LYS A 29 -12.48 3.61 1.70
CA LYS A 29 -12.68 2.15 1.69
C LYS A 29 -12.71 1.72 0.22
N GLY A 30 -11.97 2.43 -0.57
CA GLY A 30 -11.90 2.16 -2.03
C GLY A 30 -10.53 2.63 -2.48
N THR A 31 -9.57 2.61 -1.58
CA THR A 31 -8.19 3.03 -1.93
C THR A 31 -7.19 2.08 -1.30
N VAL A 32 -6.12 1.82 -1.99
CA VAL A 32 -5.05 0.91 -1.47
C VAL A 32 -3.73 1.69 -1.45
N TYR A 33 -3.48 2.44 -0.40
CA TYR A 33 -2.21 3.22 -0.33
C TYR A 33 -2.13 4.18 -1.53
N LEU A 34 -3.24 4.77 -1.90
CA LEU A 34 -3.24 5.75 -3.05
C LEU A 34 -2.72 7.09 -2.55
N GLY A 35 -1.88 7.75 -3.30
CA GLY A 35 -1.35 9.07 -2.84
C GLY A 35 -0.27 8.84 -1.80
N ASP A 36 -0.23 7.67 -1.23
CA ASP A 36 0.81 7.39 -0.22
C ASP A 36 2.16 7.28 -0.91
N GLY A 37 2.16 6.80 -2.14
CA GLY A 37 3.44 6.65 -2.90
C GLY A 37 3.49 5.22 -3.45
N TRP A 38 2.35 4.58 -3.54
CA TRP A 38 2.28 3.19 -4.06
C TRP A 38 3.30 2.96 -5.17
N SER A 39 4.06 1.91 -5.07
CA SER A 39 5.06 1.60 -6.15
C SER A 39 5.25 0.08 -6.18
N ALA A 40 5.20 -0.55 -7.33
CA ALA A 40 5.37 -2.03 -7.33
C ALA A 40 5.75 -2.54 -8.73
N LYS A 41 5.94 -3.85 -8.88
CA LYS A 41 6.29 -4.43 -10.21
C LYS A 41 5.73 -5.87 -10.27
N LYS A 42 5.52 -6.41 -11.45
CA LYS A 42 4.97 -7.81 -11.56
C LYS A 42 6.14 -8.79 -11.75
N ASP A 43 6.41 -9.65 -10.79
CA ASP A 43 7.56 -10.61 -10.95
C ASP A 43 7.04 -11.99 -11.37
N GLY A 44 5.75 -12.14 -11.51
CA GLY A 44 5.17 -13.44 -11.93
C GLY A 44 3.95 -13.75 -11.08
N ALA A 45 4.08 -14.68 -10.18
CA ALA A 45 2.93 -15.05 -9.31
C ALA A 45 2.95 -14.22 -8.02
N THR A 46 4.05 -13.57 -7.72
CA THR A 46 4.14 -12.76 -6.47
C THR A 46 4.44 -11.31 -6.82
N ILE A 47 3.61 -10.41 -6.35
CA ILE A 47 3.81 -8.97 -6.65
C ILE A 47 4.69 -8.32 -5.57
N VAL A 48 5.64 -7.52 -5.97
CA VAL A 48 6.51 -6.81 -4.98
C VAL A 48 5.97 -5.39 -4.82
N ILE A 49 5.34 -5.11 -3.70
CA ILE A 49 4.70 -3.77 -3.48
C ILE A 49 5.28 -3.08 -2.24
N SER A 50 5.49 -1.78 -2.32
CA SER A 50 5.96 -1.01 -1.16
C SER A 50 4.76 -0.14 -0.76
N PRO A 51 4.13 -0.39 0.37
CA PRO A 51 2.92 0.37 0.78
C PRO A 51 2.97 1.83 0.31
N ALA A 52 3.73 2.66 0.97
CA ALA A 52 3.82 4.07 0.53
C ALA A 52 5.09 4.25 -0.33
N GLU A 53 6.19 3.79 0.16
CA GLU A 53 7.49 3.97 -0.58
C GLU A 53 8.56 3.04 0.01
N GLU A 54 9.82 3.28 -0.28
CA GLU A 54 10.90 2.43 0.28
C GLU A 54 12.26 3.08 0.04
N THR A 55 12.96 3.43 1.08
CA THR A 55 14.29 4.09 0.90
C THR A 55 15.35 3.00 0.79
N ALA A 56 15.65 2.38 1.89
CA ALA A 56 16.65 1.28 1.91
C ALA A 56 16.32 0.42 3.12
N LEU A 57 16.69 0.87 4.30
CA LEU A 57 16.41 0.08 5.54
C LEU A 57 14.90 -0.09 5.77
N PHE A 58 14.12 -0.05 4.72
CA PHE A 58 12.65 -0.27 4.87
C PHE A 58 12.38 -1.71 4.37
N LYS A 59 11.15 -2.08 4.14
CA LYS A 59 10.87 -3.48 3.67
C LYS A 59 9.82 -3.49 2.55
N ALA A 60 9.91 -4.44 1.68
CA ALA A 60 8.92 -4.59 0.57
C ALA A 60 7.76 -5.40 1.09
N LYS A 61 6.77 -5.65 0.29
CA LYS A 61 5.62 -6.48 0.73
C LYS A 61 5.43 -7.61 -0.28
N HIS A 62 5.49 -8.84 0.16
CA HIS A 62 5.33 -9.96 -0.81
C HIS A 62 3.85 -10.36 -0.83
N ILE A 63 3.13 -9.92 -1.83
CA ILE A 63 1.68 -10.24 -1.92
C ILE A 63 1.47 -11.41 -2.88
N SER A 64 0.69 -12.37 -2.48
CA SER A 64 0.45 -13.52 -3.38
C SER A 64 -0.33 -13.00 -4.59
N ALA A 65 -0.15 -13.59 -5.73
CA ALA A 65 -0.89 -13.09 -6.93
C ALA A 65 -2.40 -13.04 -6.64
N ALA A 66 -2.94 -14.01 -5.94
CA ALA A 66 -4.40 -13.97 -5.64
C ALA A 66 -4.75 -12.70 -4.84
N HIS A 67 -3.95 -12.32 -3.89
CA HIS A 67 -4.27 -11.09 -3.11
C HIS A 67 -4.33 -9.91 -4.07
N LEU A 68 -3.51 -9.91 -5.09
CA LEU A 68 -3.53 -8.79 -6.07
C LEU A 68 -4.95 -8.73 -6.66
N LYS A 69 -5.63 -9.85 -6.74
CA LYS A 69 -7.02 -9.84 -7.27
C LYS A 69 -7.87 -8.94 -6.39
N ILE A 70 -7.63 -8.94 -5.10
CA ILE A 70 -8.44 -8.07 -4.19
C ILE A 70 -8.24 -6.61 -4.59
N ILE A 71 -7.04 -6.23 -4.93
CA ILE A 71 -6.81 -4.81 -5.31
C ILE A 71 -7.71 -4.47 -6.51
N ALA A 72 -7.85 -5.37 -7.43
CA ALA A 72 -8.73 -5.10 -8.61
C ALA A 72 -10.20 -4.98 -8.17
N LYS A 73 -10.64 -5.79 -7.24
CA LYS A 73 -12.08 -5.72 -6.79
C LYS A 73 -12.38 -4.33 -6.18
N ASN A 74 -11.46 -3.81 -5.40
CA ASN A 74 -11.68 -2.50 -4.71
C ASN A 74 -11.59 -1.32 -5.69
N LEU A 75 -10.41 -1.05 -6.19
CA LEU A 75 -10.24 0.11 -7.10
C LEU A 75 -11.12 -0.04 -8.35
N LEU A 76 -11.13 -1.21 -8.95
CA LEU A 76 -11.98 -1.43 -10.16
C LEU A 76 -12.72 -2.77 -10.03
N ALA A 1 8.17 13.53 10.93
CA ALA A 1 6.92 13.48 10.10
C ALA A 1 7.28 13.58 8.63
N THR A 2 7.35 12.46 7.97
CA THR A 2 7.68 12.43 6.53
C THR A 2 6.70 11.49 5.85
N LEU A 3 6.71 11.47 4.56
CA LEU A 3 5.81 10.56 3.79
C LEU A 3 6.13 9.12 4.19
N THR A 4 7.39 8.80 4.27
CA THR A 4 7.79 7.41 4.60
C THR A 4 7.26 6.99 5.97
N SER A 5 7.59 7.70 7.00
CA SER A 5 7.13 7.29 8.35
C SER A 5 5.62 7.49 8.52
N GLU A 6 5.11 8.62 8.12
CA GLU A 6 3.65 8.88 8.33
C GLU A 6 2.75 7.91 7.53
N VAL A 7 2.99 7.75 6.26
CA VAL A 7 2.09 6.85 5.45
C VAL A 7 2.25 5.38 5.82
N ILE A 8 3.45 4.89 5.91
CA ILE A 8 3.64 3.45 6.22
C ILE A 8 3.02 3.14 7.59
N LYS A 9 3.32 3.93 8.57
CA LYS A 9 2.77 3.69 9.93
C LYS A 9 1.23 3.74 9.91
N ALA A 10 0.65 4.63 9.15
CA ALA A 10 -0.83 4.73 9.12
C ALA A 10 -1.46 3.40 8.67
N ASN A 11 -0.88 2.75 7.70
CA ASN A 11 -1.47 1.45 7.24
C ASN A 11 -1.23 0.39 8.31
N LYS A 12 -0.05 -0.15 8.36
CA LYS A 12 0.29 -1.18 9.39
C LYS A 12 -0.87 -2.16 9.58
N GLY A 13 -1.66 -2.33 8.57
CA GLY A 13 -2.82 -3.26 8.67
C GLY A 13 -3.67 -3.11 7.43
N ARG A 14 -3.03 -2.96 6.30
CA ARG A 14 -3.80 -2.78 5.04
C ARG A 14 -4.50 -4.09 4.65
N GLU A 15 -5.80 -4.13 4.74
CA GLU A 15 -6.54 -5.36 4.35
C GLU A 15 -6.47 -5.52 2.83
N GLY A 16 -6.59 -4.44 2.12
CA GLY A 16 -6.57 -4.50 0.63
C GLY A 16 -7.60 -3.52 0.06
N LYS A 17 -7.94 -2.49 0.79
CA LYS A 17 -8.95 -1.51 0.29
C LYS A 17 -9.19 -0.33 1.28
N PRO A 18 -8.92 -0.45 2.58
CA PRO A 18 -9.16 0.65 3.53
C PRO A 18 -7.91 1.49 3.78
N MET A 19 -7.88 2.70 3.28
CA MET A 19 -6.69 3.59 3.49
C MET A 19 -7.15 4.88 4.18
N ILE A 20 -6.44 5.32 5.19
CA ILE A 20 -6.83 6.57 5.93
C ILE A 20 -5.82 7.67 5.65
N SER A 21 -6.28 8.84 5.29
CA SER A 21 -5.34 9.96 5.03
C SER A 21 -5.14 10.73 6.33
N LEU A 22 -4.04 10.50 7.00
CA LEU A 22 -3.80 11.21 8.29
C LEU A 22 -3.63 12.70 8.00
N VAL A 23 -3.58 13.07 6.75
CA VAL A 23 -3.44 14.51 6.41
C VAL A 23 -4.65 15.25 7.00
N ASP A 24 -5.81 14.65 6.91
CA ASP A 24 -7.04 15.28 7.47
C ASP A 24 -7.84 14.21 8.23
N GLY A 25 -7.31 13.03 8.33
CA GLY A 25 -8.01 11.94 9.06
C GLY A 25 -9.36 11.64 8.40
N GLU A 26 -9.37 10.77 7.41
CA GLU A 26 -10.64 10.40 6.72
C GLU A 26 -10.65 8.91 6.39
N GLU A 27 -11.72 8.23 6.66
CA GLU A 27 -11.78 6.77 6.32
C GLU A 27 -12.14 6.65 4.83
N ILE A 28 -11.31 6.02 4.04
CA ILE A 28 -11.58 5.91 2.57
C ILE A 28 -11.70 4.44 2.16
N LYS A 29 -12.80 3.79 2.44
CA LYS A 29 -12.93 2.36 2.04
C LYS A 29 -13.05 2.25 0.52
N GLY A 30 -12.01 1.79 -0.11
CA GLY A 30 -11.99 1.65 -1.60
C GLY A 30 -10.73 2.32 -2.14
N THR A 31 -9.72 2.42 -1.31
CA THR A 31 -8.43 3.04 -1.74
C THR A 31 -7.30 2.15 -1.23
N VAL A 32 -6.29 1.95 -2.03
CA VAL A 32 -5.14 1.10 -1.61
C VAL A 32 -3.85 1.93 -1.74
N TYR A 33 -3.24 2.27 -0.63
CA TYR A 33 -1.98 3.09 -0.63
C TYR A 33 -1.96 4.08 -1.81
N LEU A 34 -3.10 4.58 -2.21
CA LEU A 34 -3.12 5.53 -3.37
C LEU A 34 -3.06 6.98 -2.86
N GLY A 35 -2.25 7.80 -3.47
CA GLY A 35 -2.13 9.23 -3.03
C GLY A 35 -0.87 9.43 -2.19
N ASP A 36 0.07 8.51 -2.28
CA ASP A 36 1.33 8.63 -1.48
C ASP A 36 2.54 8.43 -2.40
N GLY A 37 3.11 7.25 -2.41
CA GLY A 37 4.29 6.98 -3.27
C GLY A 37 4.33 5.49 -3.58
N TRP A 38 3.19 4.87 -3.52
CA TRP A 38 3.11 3.40 -3.74
C TRP A 38 3.83 3.01 -5.03
N SER A 39 4.36 1.82 -5.07
CA SER A 39 5.06 1.32 -6.29
C SER A 39 4.89 -0.20 -6.33
N ALA A 40 4.89 -0.82 -7.48
CA ALA A 40 4.71 -2.30 -7.51
C ALA A 40 5.01 -2.82 -8.91
N LYS A 41 5.15 -4.12 -9.06
CA LYS A 41 5.43 -4.69 -10.40
C LYS A 41 5.02 -6.16 -10.39
N LYS A 42 4.80 -6.76 -11.54
CA LYS A 42 4.38 -8.20 -11.58
C LYS A 42 5.60 -9.10 -11.82
N ASP A 43 5.86 -10.02 -10.92
CA ASP A 43 7.03 -10.94 -11.09
C ASP A 43 6.57 -12.30 -11.64
N GLY A 44 5.28 -12.48 -11.84
CA GLY A 44 4.79 -13.79 -12.38
C GLY A 44 4.62 -14.80 -11.25
N ALA A 45 3.43 -14.93 -10.72
CA ALA A 45 3.15 -15.90 -9.61
C ALA A 45 3.51 -15.27 -8.26
N THR A 46 3.89 -14.03 -8.27
CA THR A 46 4.24 -13.32 -7.01
C THR A 46 4.29 -11.83 -7.33
N ILE A 47 3.86 -10.99 -6.43
CA ILE A 47 3.84 -9.52 -6.69
C ILE A 47 4.72 -8.79 -5.67
N VAL A 48 5.62 -7.95 -6.14
CA VAL A 48 6.50 -7.17 -5.22
C VAL A 48 5.95 -5.75 -5.10
N ILE A 49 5.40 -5.40 -3.96
CA ILE A 49 4.82 -4.02 -3.79
C ILE A 49 5.23 -3.43 -2.43
N SER A 50 5.53 -2.15 -2.41
CA SER A 50 5.89 -1.47 -1.13
C SER A 50 4.74 -0.47 -0.86
N PRO A 51 4.05 -0.59 0.26
CA PRO A 51 2.90 0.31 0.56
C PRO A 51 3.11 1.75 0.08
N ALA A 52 3.86 2.55 0.80
CA ALA A 52 4.08 3.96 0.36
C ALA A 52 5.38 4.02 -0.47
N GLU A 53 6.44 3.47 0.02
CA GLU A 53 7.72 3.53 -0.73
C GLU A 53 8.68 2.44 -0.24
N GLU A 54 9.93 2.54 -0.59
CA GLU A 54 10.90 1.51 -0.11
C GLU A 54 12.31 2.08 -0.16
N THR A 55 12.83 2.50 0.97
CA THR A 55 14.21 3.06 1.00
C THR A 55 14.99 2.39 2.13
N ALA A 56 16.27 2.18 1.94
CA ALA A 56 17.15 1.51 2.96
C ALA A 56 16.64 1.71 4.41
N LEU A 57 15.94 2.77 4.69
CA LEU A 57 15.45 3.00 6.08
C LEU A 57 14.20 2.15 6.33
N PHE A 58 13.67 1.56 5.29
CA PHE A 58 12.46 0.70 5.40
C PHE A 58 12.67 -0.55 4.51
N LYS A 59 11.62 -1.26 4.17
CA LYS A 59 11.80 -2.49 3.34
C LYS A 59 10.57 -2.74 2.44
N ALA A 60 10.74 -3.62 1.49
CA ALA A 60 9.64 -3.98 0.55
C ALA A 60 8.66 -4.92 1.27
N LYS A 61 7.58 -5.30 0.63
CA LYS A 61 6.60 -6.24 1.25
C LYS A 61 6.25 -7.28 0.18
N HIS A 62 6.35 -8.54 0.50
CA HIS A 62 6.05 -9.60 -0.52
C HIS A 62 4.63 -10.11 -0.36
N ILE A 63 3.79 -9.79 -1.32
CA ILE A 63 2.36 -10.20 -1.27
C ILE A 63 2.10 -11.24 -2.37
N SER A 64 1.25 -12.19 -2.10
CA SER A 64 0.93 -13.23 -3.12
C SER A 64 0.07 -12.64 -4.24
N ALA A 65 0.00 -13.33 -5.36
CA ALA A 65 -0.83 -12.82 -6.50
C ALA A 65 -2.31 -12.75 -6.13
N ALA A 66 -2.83 -13.71 -5.42
CA ALA A 66 -4.30 -13.70 -5.10
C ALA A 66 -4.71 -12.39 -4.40
N HIS A 67 -4.02 -12.00 -3.36
CA HIS A 67 -4.40 -10.72 -2.67
C HIS A 67 -4.31 -9.56 -3.67
N LEU A 68 -3.36 -9.60 -4.55
CA LEU A 68 -3.22 -8.51 -5.55
C LEU A 68 -4.52 -8.43 -6.36
N LYS A 69 -5.13 -9.55 -6.64
CA LYS A 69 -6.40 -9.53 -7.41
C LYS A 69 -7.44 -8.69 -6.65
N ILE A 70 -7.44 -8.73 -5.34
CA ILE A 70 -8.43 -7.92 -4.56
C ILE A 70 -8.26 -6.46 -4.94
N ILE A 71 -7.06 -6.01 -5.13
CA ILE A 71 -6.88 -4.58 -5.50
C ILE A 71 -7.61 -4.32 -6.82
N ALA A 72 -7.54 -5.24 -7.73
CA ALA A 72 -8.23 -5.03 -9.04
C ALA A 72 -9.75 -4.90 -8.84
N LYS A 73 -10.33 -5.68 -7.98
CA LYS A 73 -11.81 -5.60 -7.79
C LYS A 73 -12.21 -4.26 -7.17
N ASN A 74 -11.56 -3.91 -6.09
CA ASN A 74 -11.90 -2.65 -5.36
C ASN A 74 -11.73 -1.41 -6.24
N LEU A 75 -10.54 -1.12 -6.69
CA LEU A 75 -10.34 0.11 -7.50
C LEU A 75 -11.10 0.02 -8.82
N LEU A 76 -11.11 -1.12 -9.46
CA LEU A 76 -11.84 -1.25 -10.75
C LEU A 76 -12.26 -2.72 -10.96
#